data_8PUI
#
_entry.id   8PUI
#
_cell.length_a   1.000
_cell.length_b   1.000
_cell.length_c   1.000
_cell.angle_alpha   90.00
_cell.angle_beta   90.00
_cell.angle_gamma   90.00
#
_symmetry.space_group_name_H-M   'P 1'
#
_entity_poly.entity_id   1
_entity_poly.type   'polypeptide(L)'
_entity_poly.pdbx_seq_one_letter_code
;GPGGPGGEPGKGGAAAAAAAAAAAAAAAAAAAAGGLAAAGGPGQGWAPGPGPITSIPDSLGGPFASVLSSLQRPNGAKAA
LVKSSMF
;
_entity_poly.pdbx_strand_id   A
#
# COMPACT_ATOMS: atom_id res chain seq x y z
N GLY A 1 -29.73 -8.14 25.50
CA GLY A 1 -30.41 -9.27 24.90
C GLY A 1 -31.77 -8.91 24.35
N PRO A 2 -32.57 -9.93 23.98
CA PRO A 2 -33.92 -9.73 23.44
C PRO A 2 -34.89 -9.22 24.48
N GLY A 3 -34.83 -9.80 25.69
CA GLY A 3 -35.71 -9.38 26.76
C GLY A 3 -35.41 -10.08 28.07
N GLY A 4 -35.17 -11.38 28.00
CA GLY A 4 -34.87 -12.15 29.19
C GLY A 4 -34.27 -13.50 28.88
N PRO A 5 -35.11 -14.43 28.39
CA PRO A 5 -34.67 -15.78 28.04
C PRO A 5 -33.77 -15.81 26.81
N GLY A 6 -32.46 -15.72 27.04
CA GLY A 6 -31.52 -15.73 25.94
C GLY A 6 -30.91 -17.10 25.71
N GLY A 7 -29.90 -17.15 24.85
CA GLY A 7 -29.25 -18.43 24.56
C GLY A 7 -29.11 -18.67 23.07
N GLU A 8 -28.01 -18.22 22.49
CA GLU A 8 -27.76 -18.39 21.06
C GLU A 8 -28.91 -17.81 20.24
N PRO A 9 -29.01 -16.48 20.21
CA PRO A 9 -30.05 -15.78 19.46
C PRO A 9 -29.86 -15.90 17.95
N GLY A 10 -28.64 -15.72 17.49
CA GLY A 10 -28.36 -15.82 16.06
C GLY A 10 -28.02 -14.47 15.45
N LYS A 11 -28.81 -13.46 15.79
CA LYS A 11 -28.60 -12.12 15.26
C LYS A 11 -27.16 -11.65 15.51
N GLY A 12 -26.56 -11.02 14.51
CA GLY A 12 -25.20 -10.53 14.65
C GLY A 12 -24.63 -10.04 13.33
N GLY A 13 -24.46 -10.96 12.38
CA GLY A 13 -23.92 -10.59 11.09
C GLY A 13 -22.43 -10.83 11.00
N ALA A 14 -21.98 -11.99 11.49
CA ALA A 14 -20.57 -12.33 11.47
C ALA A 14 -20.10 -12.63 10.05
N ALA A 15 -20.95 -13.32 9.29
CA ALA A 15 -20.62 -13.67 7.91
C ALA A 15 -20.31 -12.41 7.09
N ALA A 16 -21.02 -11.33 7.37
CA ALA A 16 -20.82 -10.08 6.66
C ALA A 16 -19.42 -9.55 6.86
N ALA A 17 -18.97 -9.53 8.12
CA ALA A 17 -17.63 -9.05 8.45
C ALA A 17 -16.56 -9.91 7.79
N ALA A 18 -16.82 -11.20 7.70
CA ALA A 18 -15.88 -12.14 7.09
C ALA A 18 -15.59 -11.75 5.64
N ALA A 19 -16.64 -11.69 4.83
CA ALA A 19 -16.50 -11.34 3.42
C ALA A 19 -15.74 -10.03 3.26
N ALA A 20 -16.00 -9.08 4.16
CA ALA A 20 -15.35 -7.78 4.12
C ALA A 20 -13.83 -7.94 4.18
N ALA A 21 -13.36 -8.75 5.11
CA ALA A 21 -11.92 -8.97 5.28
C ALA A 21 -11.31 -9.50 3.99
N ALA A 22 -12.01 -10.42 3.33
CA ALA A 22 -11.53 -10.99 2.07
C ALA A 22 -11.25 -9.91 1.04
N ALA A 23 -12.23 -9.04 0.82
CA ALA A 23 -12.09 -7.96 -0.14
C ALA A 23 -10.95 -7.02 0.25
N ALA A 24 -10.89 -6.67 1.52
CA ALA A 24 -9.85 -5.78 2.02
C ALA A 24 -8.46 -6.32 1.70
N ALA A 25 -8.30 -7.63 1.85
CA ALA A 25 -7.02 -8.27 1.57
C ALA A 25 -6.56 -7.98 0.15
N ALA A 26 -7.48 -8.10 -0.81
CA ALA A 26 -7.16 -7.85 -2.20
C ALA A 26 -6.49 -6.48 -2.38
N ALA A 27 -7.01 -5.47 -1.70
CA ALA A 27 -6.46 -4.12 -1.78
C ALA A 27 -4.98 -4.12 -1.44
N ALA A 28 -4.62 -4.80 -0.35
CA ALA A 28 -3.23 -4.88 0.08
C ALA A 28 -2.38 -5.62 -0.95
N ALA A 29 -2.95 -6.64 -1.57
CA ALA A 29 -2.25 -7.42 -2.58
C ALA A 29 -1.79 -6.54 -3.74
N ALA A 30 -2.69 -5.69 -4.22
CA ALA A 30 -2.37 -4.79 -5.33
C ALA A 30 -1.35 -3.74 -4.90
N ALA A 31 -1.60 -3.09 -3.77
CA ALA A 31 -0.71 -2.07 -3.26
C ALA A 31 0.73 -2.58 -3.17
N ALA A 32 0.87 -3.84 -2.80
CA ALA A 32 2.19 -4.46 -2.68
C ALA A 32 2.99 -4.30 -3.98
N ALA A 33 2.32 -4.50 -5.11
CA ALA A 33 2.96 -4.38 -6.41
C ALA A 33 3.68 -3.04 -6.54
N GLY A 34 4.93 -3.08 -7.01
CA GLY A 34 5.70 -1.86 -7.17
C GLY A 34 6.55 -1.88 -8.43
N GLY A 35 6.31 -0.92 -9.32
CA GLY A 35 7.06 -0.84 -10.55
C GLY A 35 6.54 -1.80 -11.61
N LEU A 36 7.21 -2.93 -11.77
CA LEU A 36 6.80 -3.92 -12.76
C LEU A 36 5.40 -4.45 -12.46
N ALA A 37 4.51 -4.35 -13.44
CA ALA A 37 3.14 -4.80 -13.28
C ALA A 37 2.96 -6.20 -13.87
N ALA A 38 2.61 -7.15 -13.02
CA ALA A 38 2.40 -8.54 -13.46
C ALA A 38 1.32 -9.23 -12.63
N ALA A 39 0.21 -9.56 -13.28
CA ALA A 39 -0.90 -10.22 -12.60
C ALA A 39 -0.64 -11.72 -12.48
N GLY A 40 -0.61 -12.41 -13.62
CA GLY A 40 -0.38 -13.84 -13.61
C GLY A 40 -1.65 -14.64 -13.40
N GLY A 41 -1.92 -15.59 -14.30
CA GLY A 41 -3.11 -16.40 -14.19
C GLY A 41 -3.29 -17.32 -15.38
N PRO A 42 -2.42 -18.32 -15.51
CA PRO A 42 -2.47 -19.29 -16.60
C PRO A 42 -3.68 -20.22 -16.51
N GLY A 43 -4.39 -20.37 -17.61
CA GLY A 43 -5.56 -21.24 -17.62
C GLY A 43 -5.26 -22.62 -18.16
N GLN A 44 -4.84 -23.52 -17.27
CA GLN A 44 -4.52 -24.88 -17.66
C GLN A 44 -5.36 -25.89 -16.89
N GLY A 45 -5.76 -26.96 -17.56
CA GLY A 45 -6.57 -27.98 -16.92
C GLY A 45 -8.03 -27.60 -16.85
N TRP A 46 -8.89 -28.60 -16.66
CA TRP A 46 -10.33 -28.37 -16.57
C TRP A 46 -10.83 -27.58 -17.78
N ALA A 47 -10.38 -27.99 -18.97
CA ALA A 47 -10.78 -27.32 -20.20
C ALA A 47 -12.09 -27.90 -20.73
N PRO A 48 -12.76 -27.13 -21.61
CA PRO A 48 -14.04 -27.55 -22.20
C PRO A 48 -13.87 -28.69 -23.19
N GLY A 49 -14.69 -29.72 -23.05
CA GLY A 49 -14.62 -30.86 -23.95
C GLY A 49 -15.23 -30.57 -25.31
N PRO A 50 -14.98 -31.47 -26.27
CA PRO A 50 -15.50 -31.33 -27.63
C PRO A 50 -17.01 -31.54 -27.70
N GLY A 51 -17.75 -30.44 -27.78
CA GLY A 51 -19.20 -30.53 -27.85
C GLY A 51 -19.81 -30.99 -26.55
N PRO A 52 -19.81 -30.11 -25.54
CA PRO A 52 -20.36 -30.40 -24.22
C PRO A 52 -21.88 -30.50 -24.24
N ILE A 53 -22.41 -31.58 -23.66
CA ILE A 53 -23.85 -31.79 -23.62
C ILE A 53 -24.40 -31.54 -22.21
N THR A 54 -25.55 -30.88 -22.14
CA THR A 54 -26.18 -30.58 -20.86
C THR A 54 -26.55 -31.86 -20.12
N SER A 55 -27.05 -32.83 -20.85
CA SER A 55 -27.45 -34.10 -20.26
C SER A 55 -26.71 -35.27 -20.92
N ILE A 56 -25.40 -35.30 -20.76
CA ILE A 56 -24.58 -36.35 -21.33
C ILE A 56 -24.77 -37.67 -20.59
N PRO A 57 -24.99 -38.75 -21.35
CA PRO A 57 -25.20 -40.08 -20.79
C PRO A 57 -23.92 -40.66 -20.18
N ASP A 58 -24.07 -41.44 -19.11
CA ASP A 58 -22.93 -42.04 -18.43
C ASP A 58 -22.83 -43.53 -18.77
N SER A 59 -22.68 -43.84 -20.05
CA SER A 59 -22.59 -45.22 -20.50
C SER A 59 -21.14 -45.59 -20.83
N LEU A 60 -20.74 -46.80 -20.46
CA LEU A 60 -19.39 -47.27 -20.72
C LEU A 60 -19.41 -48.59 -21.48
N GLY A 61 -19.40 -48.50 -22.80
CA GLY A 61 -19.41 -49.70 -23.63
C GLY A 61 -19.58 -49.39 -25.10
N GLY A 62 -20.19 -50.31 -25.83
CA GLY A 62 -20.40 -50.11 -27.26
C GLY A 62 -21.20 -48.86 -27.55
N PRO A 63 -21.37 -48.55 -28.86
CA PRO A 63 -22.13 -47.38 -29.30
C PRO A 63 -23.62 -47.52 -29.04
N PHE A 64 -24.16 -48.69 -29.32
CA PHE A 64 -25.58 -48.96 -29.11
C PHE A 64 -26.43 -47.97 -29.92
N ALA A 65 -26.33 -48.06 -31.24
CA ALA A 65 -27.09 -47.19 -32.12
C ALA A 65 -27.52 -47.91 -33.38
N SER A 66 -28.74 -47.64 -33.84
CA SER A 66 -29.27 -48.27 -35.04
C SER A 66 -28.83 -47.53 -36.30
N VAL A 67 -28.24 -48.25 -37.24
CA VAL A 67 -27.77 -47.66 -38.49
C VAL A 67 -28.53 -48.22 -39.68
N LEU A 68 -28.70 -47.40 -40.72
CA LEU A 68 -29.41 -47.82 -41.91
C LEU A 68 -28.43 -48.24 -43.01
N SER A 69 -27.26 -48.71 -42.60
CA SER A 69 -26.23 -49.15 -43.53
C SER A 69 -25.92 -50.63 -43.35
N SER A 70 -25.71 -51.33 -44.47
CA SER A 70 -25.41 -52.76 -44.42
C SER A 70 -24.30 -53.10 -45.42
N LEU A 71 -23.92 -54.37 -45.45
CA LEU A 71 -22.87 -54.83 -46.35
C LEU A 71 -23.47 -55.42 -47.63
N GLN A 72 -23.17 -54.79 -48.77
CA GLN A 72 -23.69 -55.25 -50.05
C GLN A 72 -22.60 -56.00 -50.83
N ARG A 73 -21.47 -55.35 -51.03
CA ARG A 73 -20.36 -55.95 -51.76
C ARG A 73 -19.02 -55.46 -51.23
N PRO A 74 -18.68 -55.88 -50.00
CA PRO A 74 -17.42 -55.49 -49.35
C PRO A 74 -16.21 -56.12 -50.02
N ASN A 75 -15.19 -55.30 -50.27
CA ASN A 75 -13.96 -55.78 -50.90
C ASN A 75 -13.00 -56.33 -49.86
N GLY A 76 -12.08 -57.19 -50.31
CA GLY A 76 -11.10 -57.77 -49.40
C GLY A 76 -10.61 -59.13 -49.88
N ALA A 77 -9.64 -59.12 -50.78
CA ALA A 77 -9.09 -60.36 -51.31
C ALA A 77 -7.74 -60.11 -51.98
N LYS A 78 -6.93 -61.16 -52.08
CA LYS A 78 -5.61 -61.07 -52.70
C LYS A 78 -5.51 -61.99 -53.91
N ALA A 79 -6.04 -61.54 -55.04
CA ALA A 79 -6.01 -62.33 -56.26
C ALA A 79 -6.24 -61.44 -57.49
N ALA A 80 -5.48 -61.70 -58.56
CA ALA A 80 -5.61 -60.93 -59.79
C ALA A 80 -6.27 -61.76 -60.88
N LEU A 81 -6.81 -61.09 -61.90
CA LEU A 81 -7.46 -61.76 -63.01
C LEU A 81 -6.61 -61.68 -64.27
N VAL A 82 -5.93 -62.77 -64.59
CA VAL A 82 -5.08 -62.84 -65.77
C VAL A 82 -5.65 -63.80 -66.81
N LYS A 83 -6.96 -63.70 -67.04
CA LYS A 83 -7.62 -64.57 -68.01
C LYS A 83 -8.36 -63.75 -69.06
N SER A 84 -8.37 -64.24 -70.29
CA SER A 84 -9.04 -63.54 -71.38
C SER A 84 -8.40 -62.18 -71.63
N SER A 85 -7.08 -62.17 -71.73
CA SER A 85 -6.34 -60.93 -71.98
C SER A 85 -6.21 -60.65 -73.47
N MET A 86 -6.59 -59.44 -73.88
CA MET A 86 -6.52 -59.05 -75.28
C MET A 86 -5.85 -57.69 -75.42
N PHE A 87 -4.53 -57.69 -75.62
CA PHE A 87 -3.77 -56.46 -75.78
C PHE A 87 -4.22 -55.70 -77.02
N GLY A 1 -21.80 14.94 6.65
CA GLY A 1 -20.53 14.82 7.34
C GLY A 1 -20.01 13.41 7.38
N PRO A 2 -18.77 13.22 7.85
CA PRO A 2 -18.13 11.91 7.95
C PRO A 2 -18.78 11.03 9.01
N GLY A 3 -19.02 11.62 10.18
CA GLY A 3 -19.63 10.87 11.28
C GLY A 3 -19.35 11.50 12.62
N GLY A 4 -19.05 10.66 13.61
CA GLY A 4 -18.77 11.15 14.94
C GLY A 4 -18.46 10.03 15.92
N PRO A 5 -18.44 10.36 17.22
CA PRO A 5 -18.15 9.39 18.29
C PRO A 5 -19.28 8.38 18.47
N GLY A 6 -20.51 8.84 18.24
CA GLY A 6 -21.66 7.97 18.39
C GLY A 6 -22.27 7.59 17.06
N GLY A 7 -21.52 6.83 16.26
CA GLY A 7 -22.01 6.40 14.96
C GLY A 7 -21.40 5.09 14.52
N GLU A 8 -22.24 4.06 14.42
CA GLU A 8 -21.80 2.74 14.00
C GLU A 8 -22.97 1.81 13.75
N PRO A 9 -22.75 0.75 12.96
CA PRO A 9 -23.78 -0.23 12.62
C PRO A 9 -24.16 -1.10 13.82
N GLY A 10 -23.14 -1.55 14.56
CA GLY A 10 -23.38 -2.38 15.72
C GLY A 10 -22.44 -3.56 15.79
N LYS A 11 -22.96 -4.71 16.21
CA LYS A 11 -22.16 -5.92 16.32
C LYS A 11 -22.89 -7.12 15.72
N GLY A 12 -23.41 -6.94 14.50
CA GLY A 12 -24.13 -8.02 13.84
C GLY A 12 -23.79 -8.10 12.37
N GLY A 13 -24.09 -9.25 11.76
CA GLY A 13 -23.81 -9.44 10.35
C GLY A 13 -22.47 -10.12 10.12
N ALA A 14 -22.31 -11.32 10.67
CA ALA A 14 -21.08 -12.08 10.51
C ALA A 14 -20.72 -12.25 9.04
N ALA A 15 -21.73 -12.44 8.21
CA ALA A 15 -21.53 -12.62 6.78
C ALA A 15 -20.69 -11.49 6.19
N ALA A 16 -21.13 -10.25 6.43
CA ALA A 16 -20.41 -9.08 5.94
C ALA A 16 -18.98 -9.04 6.45
N ALA A 17 -18.82 -9.21 7.77
CA ALA A 17 -17.51 -9.20 8.38
C ALA A 17 -16.59 -10.24 7.74
N ALA A 18 -17.16 -11.39 7.40
CA ALA A 18 -16.39 -12.46 6.78
C ALA A 18 -15.82 -12.02 5.43
N ALA A 19 -16.69 -11.54 4.56
CA ALA A 19 -16.28 -11.08 3.24
C ALA A 19 -15.19 -10.01 3.35
N ALA A 20 -15.32 -9.14 4.34
CA ALA A 20 -14.36 -8.07 4.55
C ALA A 20 -12.97 -8.64 4.86
N ALA A 21 -12.94 -9.71 5.64
CA ALA A 21 -11.68 -10.35 6.00
C ALA A 21 -10.84 -10.65 4.77
N ALA A 22 -11.48 -11.20 3.74
CA ALA A 22 -10.78 -11.53 2.51
C ALA A 22 -10.43 -10.28 1.72
N ALA A 23 -11.36 -9.33 1.66
CA ALA A 23 -11.14 -8.09 0.94
C ALA A 23 -9.88 -7.39 1.43
N ALA A 24 -9.63 -7.45 2.72
CA ALA A 24 -8.45 -6.83 3.31
C ALA A 24 -7.18 -7.44 2.76
N ALA A 25 -7.20 -8.75 2.53
CA ALA A 25 -6.04 -9.46 2.00
C ALA A 25 -5.79 -9.08 0.54
N ALA A 26 -6.88 -8.97 -0.24
CA ALA A 26 -6.77 -8.62 -1.64
C ALA A 26 -6.36 -7.16 -1.82
N ALA A 27 -6.96 -6.28 -1.02
CA ALA A 27 -6.66 -4.86 -1.08
C ALA A 27 -5.15 -4.62 -0.99
N ALA A 28 -4.53 -5.15 0.05
CA ALA A 28 -3.10 -4.99 0.26
C ALA A 28 -2.31 -5.43 -0.97
N ALA A 29 -2.79 -6.50 -1.61
CA ALA A 29 -2.12 -7.04 -2.80
C ALA A 29 -2.13 -6.01 -3.93
N ALA A 30 -3.31 -5.52 -4.27
CA ALA A 30 -3.45 -4.52 -5.33
C ALA A 30 -2.66 -3.25 -5.01
N ALA A 31 -2.80 -2.78 -3.77
CA ALA A 31 -2.10 -1.58 -3.33
C ALA A 31 -0.60 -1.73 -3.50
N ALA A 32 -0.08 -2.92 -3.23
CA ALA A 32 1.35 -3.20 -3.35
C ALA A 32 1.81 -3.02 -4.79
N ALA A 33 0.97 -3.44 -5.73
CA ALA A 33 1.30 -3.34 -7.14
C ALA A 33 2.64 -4.00 -7.45
N GLY A 34 2.87 -5.16 -6.86
CA GLY A 34 4.11 -5.87 -7.08
C GLY A 34 4.06 -6.78 -8.29
N GLY A 35 5.18 -6.91 -8.99
CA GLY A 35 5.24 -7.76 -10.17
C GLY A 35 4.28 -7.30 -11.25
N LEU A 36 4.24 -6.00 -11.50
CA LEU A 36 3.36 -5.44 -12.52
C LEU A 36 4.16 -4.92 -13.71
N ALA A 37 3.67 -5.19 -14.91
CA ALA A 37 4.34 -4.74 -16.13
C ALA A 37 3.92 -3.33 -16.50
N ALA A 38 4.88 -2.40 -16.51
CA ALA A 38 4.61 -1.02 -16.85
C ALA A 38 4.71 -0.78 -18.35
N ALA A 39 5.86 -1.11 -18.92
CA ALA A 39 6.09 -0.95 -20.35
C ALA A 39 5.52 -2.13 -21.13
N GLY A 40 5.49 -1.98 -22.46
CA GLY A 40 4.97 -3.05 -23.30
C GLY A 40 5.27 -2.81 -24.77
N GLY A 41 6.30 -3.48 -25.28
CA GLY A 41 6.68 -3.33 -26.67
C GLY A 41 7.65 -2.20 -26.89
N PRO A 42 8.12 -2.04 -28.14
CA PRO A 42 9.06 -0.98 -28.50
C PRO A 42 8.43 0.40 -28.47
N GLY A 43 7.15 0.46 -28.81
CA GLY A 43 6.44 1.74 -28.82
C GLY A 43 5.14 1.68 -28.04
N GLN A 44 5.18 2.13 -26.80
CA GLN A 44 3.98 2.13 -25.95
C GLN A 44 2.93 3.08 -26.51
N GLY A 45 1.71 2.55 -26.70
CA GLY A 45 0.63 3.36 -27.23
C GLY A 45 -0.43 3.66 -26.18
N TRP A 46 -0.69 4.93 -25.96
CA TRP A 46 -1.69 5.35 -24.97
C TRP A 46 -2.31 6.69 -25.37
N ALA A 47 -3.63 6.78 -25.23
CA ALA A 47 -4.34 8.00 -25.56
C ALA A 47 -4.56 8.87 -24.33
N PRO A 48 -4.82 10.17 -24.56
CA PRO A 48 -5.05 11.13 -23.47
C PRO A 48 -6.36 10.88 -22.75
N GLY A 49 -6.55 11.55 -21.61
CA GLY A 49 -7.76 11.39 -20.84
C GLY A 49 -7.50 11.16 -19.36
N PRO A 50 -8.53 10.75 -18.62
CA PRO A 50 -8.42 10.49 -17.18
C PRO A 50 -7.58 9.26 -16.87
N GLY A 51 -6.93 9.26 -15.72
CA GLY A 51 -6.10 8.14 -15.33
C GLY A 51 -5.55 8.28 -13.92
N PRO A 52 -4.59 9.20 -13.75
CA PRO A 52 -3.96 9.46 -12.45
C PRO A 52 -4.91 10.13 -11.47
N ILE A 53 -5.04 9.54 -10.28
CA ILE A 53 -5.91 10.08 -9.25
C ILE A 53 -5.29 11.29 -8.58
N THR A 54 -6.14 12.21 -8.11
CA THR A 54 -5.68 13.43 -7.45
C THR A 54 -4.69 13.09 -6.33
N SER A 55 -4.94 11.98 -5.64
CA SER A 55 -4.07 11.56 -4.55
C SER A 55 -3.95 10.04 -4.51
N ILE A 56 -3.34 9.48 -5.54
CA ILE A 56 -3.14 8.04 -5.62
C ILE A 56 -2.52 7.49 -4.35
N PRO A 57 -2.75 6.20 -4.08
CA PRO A 57 -2.22 5.51 -2.89
C PRO A 57 -0.71 5.33 -2.96
N ASP A 58 -0.08 5.24 -1.80
CA ASP A 58 1.37 5.06 -1.72
C ASP A 58 1.73 3.60 -1.46
N SER A 59 2.77 3.12 -2.13
CA SER A 59 3.21 1.75 -1.97
C SER A 59 3.63 1.47 -0.53
N LEU A 60 3.36 0.24 -0.07
CA LEU A 60 3.70 -0.15 1.30
C LEU A 60 4.94 -1.05 1.30
N GLY A 61 6.12 -0.43 1.34
CA GLY A 61 7.35 -1.19 1.36
C GLY A 61 8.55 -0.33 1.68
N GLY A 62 9.63 -0.96 2.14
CA GLY A 62 10.83 -0.23 2.49
C GLY A 62 11.83 -0.20 1.35
N PRO A 63 13.03 0.36 1.62
CA PRO A 63 14.10 0.47 0.63
C PRO A 63 14.71 -0.88 0.30
N PHE A 64 15.43 -0.95 -0.82
CA PHE A 64 16.07 -2.17 -1.26
C PHE A 64 17.03 -1.92 -2.41
N ALA A 65 18.08 -2.72 -2.48
CA ALA A 65 19.07 -2.59 -3.54
C ALA A 65 19.65 -3.94 -3.95
N SER A 66 19.92 -4.11 -5.24
CA SER A 66 20.47 -5.36 -5.74
C SER A 66 21.98 -5.39 -5.58
N VAL A 67 22.60 -6.50 -6.00
CA VAL A 67 24.04 -6.65 -5.90
C VAL A 67 24.65 -7.00 -7.26
N LEU A 68 25.91 -6.62 -7.45
CA LEU A 68 26.60 -6.88 -8.71
C LEU A 68 27.52 -8.08 -8.57
N SER A 69 27.96 -8.36 -7.34
CA SER A 69 28.85 -9.48 -7.07
C SER A 69 28.05 -10.73 -6.70
N SER A 70 28.43 -11.87 -7.28
CA SER A 70 27.75 -13.12 -7.01
C SER A 70 28.65 -14.07 -6.22
N LEU A 71 28.03 -14.91 -5.40
CA LEU A 71 28.77 -15.87 -4.58
C LEU A 71 28.22 -17.28 -4.76
N GLN A 72 28.90 -18.26 -4.17
CA GLN A 72 28.47 -19.65 -4.26
C GLN A 72 27.55 -20.00 -3.10
N ARG A 73 26.42 -19.30 -3.01
CA ARG A 73 25.45 -19.54 -1.95
C ARG A 73 24.03 -19.56 -2.51
N PRO A 74 23.68 -20.63 -3.23
CA PRO A 74 22.36 -20.78 -3.84
C PRO A 74 21.28 -21.02 -2.79
N ASN A 75 20.09 -20.48 -3.05
CA ASN A 75 18.96 -20.64 -2.12
C ASN A 75 18.43 -22.06 -2.15
N GLY A 76 18.18 -22.57 -3.36
CA GLY A 76 17.67 -23.93 -3.51
C GLY A 76 18.71 -24.87 -4.10
N ALA A 77 18.38 -26.16 -4.11
CA ALA A 77 19.28 -27.17 -4.65
C ALA A 77 18.50 -28.36 -5.21
N LYS A 78 19.04 -28.97 -6.26
CA LYS A 78 18.40 -30.11 -6.89
C LYS A 78 16.96 -29.80 -7.26
N ALA A 79 16.77 -28.71 -8.01
CA ALA A 79 15.44 -28.30 -8.44
C ALA A 79 15.34 -28.24 -9.96
N ALA A 80 15.22 -29.41 -10.59
CA ALA A 80 15.13 -29.48 -12.04
C ALA A 80 13.68 -29.27 -12.50
N LEU A 81 13.40 -28.07 -13.00
CA LEU A 81 12.07 -27.74 -13.48
C LEU A 81 11.80 -28.37 -14.84
N VAL A 82 11.07 -29.48 -14.83
CA VAL A 82 10.74 -30.19 -16.07
C VAL A 82 9.24 -30.37 -16.22
N LYS A 83 8.53 -29.27 -16.42
CA LYS A 83 7.08 -29.31 -16.59
C LYS A 83 6.42 -30.06 -15.43
N SER A 84 6.73 -29.64 -14.20
CA SER A 84 6.17 -30.28 -13.01
C SER A 84 5.42 -29.26 -12.17
N SER A 85 4.12 -29.15 -12.42
CA SER A 85 3.28 -28.21 -11.68
C SER A 85 2.64 -28.89 -10.48
N MET A 86 2.07 -28.09 -9.58
CA MET A 86 1.42 -28.61 -8.39
C MET A 86 -0.04 -28.94 -8.67
N PHE A 87 -0.50 -30.06 -8.13
CA PHE A 87 -1.88 -30.49 -8.32
C PHE A 87 -2.84 -29.65 -7.49
N GLY A 1 -37.53 -0.17 36.39
CA GLY A 1 -36.54 -1.00 37.05
C GLY A 1 -35.37 -1.34 36.14
N PRO A 2 -34.47 -2.20 36.63
CA PRO A 2 -33.29 -2.63 35.86
C PRO A 2 -33.65 -3.52 34.69
N GLY A 3 -34.53 -4.49 34.94
CA GLY A 3 -34.94 -5.40 33.88
C GLY A 3 -36.29 -5.04 33.30
N GLY A 4 -36.57 -3.74 33.23
CA GLY A 4 -37.84 -3.29 32.69
C GLY A 4 -37.94 -3.52 31.19
N PRO A 5 -37.20 -2.74 30.40
CA PRO A 5 -37.20 -2.85 28.94
C PRO A 5 -36.54 -4.13 28.46
N GLY A 6 -35.49 -4.56 29.17
CA GLY A 6 -34.79 -5.77 28.79
C GLY A 6 -33.50 -5.49 28.05
N GLY A 7 -33.58 -4.63 27.04
CA GLY A 7 -32.41 -4.29 26.26
C GLY A 7 -32.29 -5.13 24.99
N GLU A 8 -31.91 -4.48 23.89
CA GLU A 8 -31.75 -5.17 22.62
C GLU A 8 -30.29 -5.55 22.37
N PRO A 9 -30.08 -6.51 21.47
CA PRO A 9 -28.74 -6.99 21.13
C PRO A 9 -27.94 -5.96 20.35
N GLY A 10 -28.63 -5.17 19.53
CA GLY A 10 -27.96 -4.14 18.74
C GLY A 10 -27.83 -4.53 17.28
N LYS A 11 -26.60 -4.82 16.86
CA LYS A 11 -26.33 -5.20 15.48
C LYS A 11 -25.06 -6.04 15.39
N GLY A 12 -25.16 -7.20 14.73
CA GLY A 12 -24.02 -8.06 14.58
C GLY A 12 -24.12 -8.97 13.36
N GLY A 13 -23.13 -8.88 12.48
CA GLY A 13 -23.15 -9.70 11.29
C GLY A 13 -21.79 -10.31 10.98
N ALA A 14 -21.47 -11.42 11.65
CA ALA A 14 -20.20 -12.09 11.45
C ALA A 14 -20.00 -12.46 9.98
N ALA A 15 -21.08 -12.86 9.32
CA ALA A 15 -21.02 -13.25 7.92
C ALA A 15 -20.52 -12.09 7.05
N ALA A 16 -21.19 -10.95 7.17
CA ALA A 16 -20.81 -9.76 6.40
C ALA A 16 -19.33 -9.43 6.59
N ALA A 17 -18.85 -9.55 7.83
CA ALA A 17 -17.46 -9.26 8.14
C ALA A 17 -16.53 -10.13 7.29
N ALA A 18 -16.82 -11.42 7.22
CA ALA A 18 -16.01 -12.35 6.45
C ALA A 18 -15.81 -11.85 5.01
N ALA A 19 -16.91 -11.53 4.34
CA ALA A 19 -16.86 -11.04 2.98
C ALA A 19 -15.95 -9.81 2.87
N ALA A 20 -15.96 -8.98 3.91
CA ALA A 20 -15.15 -7.78 3.93
C ALA A 20 -13.68 -8.11 4.14
N ALA A 21 -13.42 -9.10 4.99
CA ALA A 21 -12.06 -9.52 5.28
C ALA A 21 -11.36 -10.03 4.02
N ALA A 22 -12.11 -10.72 3.18
CA ALA A 22 -11.56 -11.25 1.93
C ALA A 22 -11.07 -10.14 1.02
N ALA A 23 -11.95 -9.19 0.72
CA ALA A 23 -11.61 -8.06 -0.14
C ALA A 23 -10.50 -7.22 0.48
N ALA A 24 -10.59 -7.00 1.79
CA ALA A 24 -9.59 -6.21 2.49
C ALA A 24 -8.20 -6.80 2.32
N ALA A 25 -8.11 -8.13 2.33
CA ALA A 25 -6.83 -8.82 2.17
C ALA A 25 -6.37 -8.77 0.72
N ALA A 26 -7.32 -8.89 -0.21
CA ALA A 26 -7.00 -8.86 -1.63
C ALA A 26 -6.48 -7.49 -2.05
N ALA A 27 -7.04 -6.44 -1.46
CA ALA A 27 -6.63 -5.07 -1.77
C ALA A 27 -5.14 -4.89 -1.52
N ALA A 28 -4.64 -5.52 -0.47
CA ALA A 28 -3.22 -5.41 -0.12
C ALA A 28 -2.34 -5.91 -1.27
N ALA A 29 -2.80 -6.94 -1.96
CA ALA A 29 -2.06 -7.51 -3.08
C ALA A 29 -1.76 -6.45 -4.14
N ALA A 30 -2.74 -5.58 -4.37
CA ALA A 30 -2.58 -4.51 -5.36
C ALA A 30 -1.83 -3.32 -4.77
N ALA A 31 -2.10 -3.04 -3.49
CA ALA A 31 -1.45 -1.92 -2.81
C ALA A 31 0.06 -2.12 -2.74
N ALA A 32 0.48 -3.37 -2.54
CA ALA A 32 1.90 -3.70 -2.45
C ALA A 32 2.62 -3.31 -3.73
N ALA A 33 1.99 -3.58 -4.87
CA ALA A 33 2.58 -3.27 -6.16
C ALA A 33 2.89 -1.78 -6.28
N GLY A 34 1.85 -0.96 -6.41
CA GLY A 34 2.03 0.47 -6.52
C GLY A 34 2.29 0.91 -7.95
N GLY A 35 3.56 1.16 -8.29
CA GLY A 35 3.90 1.57 -9.63
C GLY A 35 4.94 2.68 -9.64
N LEU A 36 6.21 2.30 -9.55
CA LEU A 36 7.31 3.25 -9.55
C LEU A 36 8.28 2.99 -10.70
N ALA A 37 9.29 3.83 -10.82
CA ALA A 37 10.29 3.69 -11.87
C ALA A 37 11.59 4.38 -11.49
N ALA A 38 12.61 4.20 -12.32
CA ALA A 38 13.92 4.81 -12.07
C ALA A 38 14.50 5.38 -13.35
N ALA A 39 15.28 6.46 -13.21
CA ALA A 39 15.90 7.10 -14.36
C ALA A 39 17.22 6.43 -14.72
N GLY A 40 18.05 6.18 -13.72
CA GLY A 40 19.33 5.54 -13.96
C GLY A 40 20.41 6.53 -14.37
N GLY A 41 21.52 6.01 -14.85
CA GLY A 41 22.62 6.87 -15.28
C GLY A 41 22.17 7.92 -16.28
N PRO A 42 23.07 8.87 -16.60
CA PRO A 42 22.79 9.94 -17.55
C PRO A 42 22.67 9.43 -18.98
N GLY A 43 23.59 8.54 -19.37
CA GLY A 43 23.57 8.00 -20.70
C GLY A 43 24.47 8.76 -21.66
N GLN A 44 24.13 10.02 -21.90
CA GLN A 44 24.92 10.86 -22.80
C GLN A 44 26.30 11.13 -22.22
N GLY A 45 27.28 11.34 -23.10
CA GLY A 45 28.63 11.60 -22.65
C GLY A 45 29.61 11.70 -23.80
N TRP A 46 30.83 12.17 -23.51
CA TRP A 46 31.85 12.31 -24.54
C TRP A 46 33.25 12.30 -23.91
N ALA A 47 34.09 11.39 -24.39
CA ALA A 47 35.45 11.26 -23.89
C ALA A 47 36.47 11.67 -24.95
N PRO A 48 37.70 11.99 -24.50
CA PRO A 48 38.79 12.39 -25.40
C PRO A 48 39.29 11.23 -26.25
N GLY A 49 40.04 11.56 -27.30
CA GLY A 49 40.58 10.53 -28.18
C GLY A 49 41.94 10.90 -28.73
N PRO A 50 42.98 10.81 -27.87
CA PRO A 50 44.35 11.13 -28.27
C PRO A 50 44.94 10.11 -29.23
N GLY A 51 44.78 10.37 -30.52
CA GLY A 51 45.29 9.46 -31.52
C GLY A 51 46.79 9.60 -31.72
N PRO A 52 47.39 8.63 -32.43
CA PRO A 52 48.84 8.62 -32.70
C PRO A 52 49.25 9.73 -33.66
N ILE A 53 50.52 9.72 -34.05
CA ILE A 53 51.04 10.72 -34.97
C ILE A 53 51.60 10.07 -36.24
N THR A 54 50.71 9.54 -37.06
CA THR A 54 51.11 8.89 -38.31
C THR A 54 51.09 9.87 -39.47
N SER A 55 50.11 10.77 -39.45
CA SER A 55 49.98 11.77 -40.51
C SER A 55 50.83 13.00 -40.22
N ILE A 56 52.11 12.77 -39.95
CA ILE A 56 53.03 13.86 -39.65
C ILE A 56 53.68 14.40 -40.92
N PRO A 57 54.08 15.68 -40.89
CA PRO A 57 54.73 16.34 -42.03
C PRO A 57 56.12 15.80 -42.31
N ASP A 58 56.54 15.88 -43.57
CA ASP A 58 57.86 15.40 -43.96
C ASP A 58 58.82 16.56 -44.19
N SER A 59 60.11 16.24 -44.29
CA SER A 59 61.13 17.26 -44.50
C SER A 59 61.51 17.36 -45.97
N LEU A 60 61.46 18.57 -46.52
CA LEU A 60 61.80 18.79 -47.92
C LEU A 60 62.22 20.23 -48.15
N GLY A 61 62.83 20.49 -49.31
CA GLY A 61 63.28 21.83 -49.63
C GLY A 61 62.25 22.60 -50.43
N GLY A 62 62.46 23.92 -50.55
CA GLY A 62 61.53 24.75 -51.30
C GLY A 62 61.86 24.81 -52.77
N PRO A 63 60.95 25.40 -53.57
CA PRO A 63 61.13 25.53 -55.01
C PRO A 63 62.23 26.52 -55.37
N PHE A 64 62.29 27.62 -54.63
CA PHE A 64 63.30 28.65 -54.87
C PHE A 64 64.59 28.34 -54.11
N ALA A 65 65.41 27.45 -54.68
CA ALA A 65 66.67 27.07 -54.05
C ALA A 65 67.65 28.24 -54.04
N SER A 66 68.00 28.71 -52.84
CA SER A 66 68.92 29.82 -52.69
C SER A 66 70.23 29.35 -52.05
N VAL A 67 71.25 30.20 -52.13
CA VAL A 67 72.56 29.88 -51.56
C VAL A 67 73.01 30.97 -50.60
N LEU A 68 73.15 30.62 -49.32
CA LEU A 68 73.58 31.57 -48.31
C LEU A 68 75.02 31.30 -47.89
N SER A 69 75.46 30.05 -48.06
CA SER A 69 76.81 29.66 -47.71
C SER A 69 77.54 29.05 -48.91
N SER A 70 78.86 29.23 -48.94
CA SER A 70 79.67 28.70 -50.03
C SER A 70 79.97 27.22 -49.82
N LEU A 71 80.14 26.50 -50.93
CA LEU A 71 80.43 25.07 -50.87
C LEU A 71 81.85 24.77 -51.33
N GLN A 72 82.24 25.40 -52.43
CA GLN A 72 83.58 25.21 -52.99
C GLN A 72 84.61 25.98 -52.18
N ARG A 73 85.86 25.51 -52.22
CA ARG A 73 86.95 26.16 -51.48
C ARG A 73 88.20 26.26 -52.35
N PRO A 74 89.08 27.20 -52.01
CA PRO A 74 90.33 27.42 -52.74
C PRO A 74 91.33 26.28 -52.54
N ASN A 75 91.46 25.45 -53.56
CA ASN A 75 92.38 24.32 -53.50
C ASN A 75 93.66 24.62 -54.28
N GLY A 76 94.67 23.78 -54.08
CA GLY A 76 95.94 23.97 -54.77
C GLY A 76 96.63 22.66 -55.09
N ALA A 77 96.52 22.22 -56.34
CA ALA A 77 97.14 20.97 -56.77
C ALA A 77 98.34 21.24 -57.66
N LYS A 78 99.53 21.20 -57.08
CA LYS A 78 100.76 21.43 -57.82
C LYS A 78 101.98 21.15 -56.96
N ALA A 79 103.15 21.13 -57.58
CA ALA A 79 104.40 20.88 -56.87
C ALA A 79 105.61 21.36 -57.68
N ALA A 80 106.48 22.12 -57.02
CA ALA A 80 107.67 22.64 -57.68
C ALA A 80 108.61 23.30 -56.67
N LEU A 81 109.84 23.57 -57.09
CA LEU A 81 110.83 24.19 -56.23
C LEU A 81 111.56 25.32 -56.96
N VAL A 82 112.29 26.12 -56.20
CA VAL A 82 113.04 27.24 -56.78
C VAL A 82 114.49 27.23 -56.31
N LYS A 83 115.41 27.43 -57.24
CA LYS A 83 116.84 27.45 -56.93
C LYS A 83 117.14 28.50 -55.86
N SER A 84 118.01 28.15 -54.92
CA SER A 84 118.39 29.06 -53.85
C SER A 84 119.64 29.86 -54.23
N SER A 85 119.69 31.12 -53.80
CA SER A 85 120.81 31.98 -54.09
C SER A 85 121.42 32.54 -52.81
N MET A 86 122.61 32.06 -52.46
CA MET A 86 123.29 32.51 -51.26
C MET A 86 124.15 33.74 -51.54
N PHE A 87 125.17 33.57 -52.37
CA PHE A 87 126.06 34.68 -52.73
C PHE A 87 125.73 35.22 -54.11
N GLY A 1 -24.67 3.30 21.51
CA GLY A 1 -24.90 2.91 20.13
C GLY A 1 -26.06 3.67 19.51
N PRO A 2 -26.33 3.38 18.22
CA PRO A 2 -27.42 4.02 17.48
C PRO A 2 -28.79 3.58 17.97
N GLY A 3 -29.83 4.22 17.45
CA GLY A 3 -31.18 3.88 17.84
C GLY A 3 -32.18 4.06 16.71
N GLY A 4 -33.44 4.30 17.07
CA GLY A 4 -34.48 4.48 16.07
C GLY A 4 -34.64 3.26 15.18
N PRO A 5 -35.21 2.18 15.75
CA PRO A 5 -35.43 0.94 15.02
C PRO A 5 -36.52 1.07 13.96
N GLY A 6 -36.12 0.96 12.69
CA GLY A 6 -37.08 1.07 11.61
C GLY A 6 -36.51 0.61 10.29
N GLY A 7 -36.03 -0.63 10.25
CA GLY A 7 -35.46 -1.17 9.03
C GLY A 7 -35.95 -2.57 8.73
N GLU A 8 -35.07 -3.39 8.17
CA GLU A 8 -35.42 -4.76 7.83
C GLU A 8 -34.24 -5.70 8.07
N PRO A 9 -33.92 -5.94 9.36
CA PRO A 9 -32.81 -6.81 9.75
C PRO A 9 -33.10 -8.28 9.46
N GLY A 10 -32.86 -8.69 8.21
CA GLY A 10 -33.09 -10.07 7.83
C GLY A 10 -32.04 -11.01 8.37
N LYS A 11 -30.94 -11.16 7.63
CA LYS A 11 -29.86 -12.04 8.04
C LYS A 11 -28.50 -11.45 7.63
N GLY A 12 -27.49 -11.71 8.45
CA GLY A 12 -26.16 -11.21 8.16
C GLY A 12 -25.30 -11.10 9.41
N GLY A 13 -24.38 -10.14 9.41
CA GLY A 13 -23.51 -9.96 10.55
C GLY A 13 -22.18 -10.67 10.38
N ALA A 14 -22.13 -11.93 10.77
CA ALA A 14 -20.91 -12.73 10.67
C ALA A 14 -20.40 -12.75 9.22
N ALA A 15 -21.32 -12.86 8.27
CA ALA A 15 -20.96 -12.89 6.86
C ALA A 15 -20.29 -11.58 6.44
N ALA A 16 -20.92 -10.46 6.79
CA ALA A 16 -20.40 -9.15 6.45
C ALA A 16 -18.96 -8.99 6.93
N ALA A 17 -18.70 -9.47 8.14
CA ALA A 17 -17.37 -9.37 8.72
C ALA A 17 -16.35 -10.16 7.90
N ALA A 18 -16.63 -11.45 7.72
CA ALA A 18 -15.74 -12.32 6.95
C ALA A 18 -15.47 -11.74 5.57
N ALA A 19 -16.52 -11.25 4.92
CA ALA A 19 -16.39 -10.66 3.59
C ALA A 19 -15.34 -9.54 3.58
N ALA A 20 -15.52 -8.57 4.46
CA ALA A 20 -14.59 -7.45 4.56
C ALA A 20 -13.17 -7.94 4.81
N ALA A 21 -13.03 -9.00 5.59
CA ALA A 21 -11.74 -9.56 5.90
C ALA A 21 -11.05 -10.09 4.65
N ALA A 22 -11.82 -10.76 3.81
CA ALA A 22 -11.28 -11.32 2.57
C ALA A 22 -10.95 -10.22 1.57
N ALA A 23 -11.89 -9.31 1.37
CA ALA A 23 -11.70 -8.20 0.43
C ALA A 23 -10.47 -7.38 0.81
N ALA A 24 -10.23 -7.23 2.10
CA ALA A 24 -9.09 -6.48 2.60
C ALA A 24 -7.77 -7.07 2.09
N ALA A 25 -7.66 -8.40 2.18
CA ALA A 25 -6.46 -9.09 1.74
C ALA A 25 -6.12 -8.74 0.30
N ALA A 26 -7.14 -8.70 -0.55
CA ALA A 26 -6.96 -8.38 -1.96
C ALA A 26 -6.51 -6.93 -2.13
N ALA A 27 -7.16 -6.02 -1.43
CA ALA A 27 -6.83 -4.60 -1.50
C ALA A 27 -5.36 -4.37 -1.19
N ALA A 28 -4.90 -4.91 -0.06
CA ALA A 28 -3.51 -4.76 0.35
C ALA A 28 -2.57 -5.35 -0.68
N ALA A 29 -2.89 -6.54 -1.16
CA ALA A 29 -2.07 -7.22 -2.15
C ALA A 29 -1.92 -6.38 -3.41
N ALA A 30 -3.02 -5.74 -3.82
CA ALA A 30 -3.01 -4.90 -5.00
C ALA A 30 -2.15 -3.66 -4.79
N ALA A 31 -2.21 -3.09 -3.60
CA ALA A 31 -1.43 -1.91 -3.27
C ALA A 31 0.06 -2.14 -3.54
N ALA A 32 0.57 -3.25 -3.05
CA ALA A 32 1.98 -3.60 -3.23
C ALA A 32 2.32 -3.72 -4.72
N ALA A 33 1.39 -4.26 -5.49
CA ALA A 33 1.61 -4.43 -6.92
C ALA A 33 1.51 -3.10 -7.65
N GLY A 34 2.63 -2.68 -8.26
CA GLY A 34 2.64 -1.42 -8.98
C GLY A 34 3.92 -0.64 -8.74
N GLY A 35 3.94 0.15 -7.68
CA GLY A 35 5.11 0.94 -7.36
C GLY A 35 4.87 2.42 -7.52
N LEU A 36 3.87 2.94 -6.83
CA LEU A 36 3.53 4.37 -6.90
C LEU A 36 3.44 4.98 -5.52
N ALA A 37 4.36 5.90 -5.22
CA ALA A 37 4.38 6.57 -3.92
C ALA A 37 4.17 8.07 -4.08
N ALA A 38 3.19 8.60 -3.35
CA ALA A 38 2.88 10.02 -3.41
C ALA A 38 2.69 10.59 -2.01
N ALA A 39 3.49 11.60 -1.67
CA ALA A 39 3.40 12.23 -0.36
C ALA A 39 2.83 13.64 -0.48
N GLY A 40 1.54 13.74 -0.76
CA GLY A 40 0.91 15.04 -0.89
C GLY A 40 -0.57 15.00 -0.53
N GLY A 41 -0.87 14.39 0.62
CA GLY A 41 -2.26 14.30 1.06
C GLY A 41 -2.62 12.90 1.53
N PRO A 42 -2.15 12.53 2.72
CA PRO A 42 -2.41 11.21 3.31
C PRO A 42 -3.87 11.05 3.73
N GLY A 43 -4.39 9.83 3.58
CA GLY A 43 -5.77 9.57 3.95
C GLY A 43 -5.88 8.68 5.19
N GLN A 44 -5.07 8.99 6.20
CA GLN A 44 -5.08 8.21 7.44
C GLN A 44 -6.28 8.60 8.31
N GLY A 45 -7.48 8.24 7.86
CA GLY A 45 -8.68 8.55 8.60
C GLY A 45 -9.93 8.01 7.93
N TRP A 46 -10.21 6.74 8.16
CA TRP A 46 -11.39 6.10 7.58
C TRP A 46 -12.42 5.78 8.66
N ALA A 47 -13.14 6.80 9.11
CA ALA A 47 -14.17 6.63 10.13
C ALA A 47 -15.45 6.06 9.53
N PRO A 48 -16.29 5.48 10.40
CA PRO A 48 -17.57 4.88 9.98
C PRO A 48 -18.58 5.94 9.54
N GLY A 49 -19.68 5.48 8.95
CA GLY A 49 -20.71 6.40 8.49
C GLY A 49 -22.11 5.87 8.74
N PRO A 50 -23.11 6.54 8.16
CA PRO A 50 -24.52 6.16 8.31
C PRO A 50 -24.84 4.85 7.59
N GLY A 51 -24.18 4.63 6.45
CA GLY A 51 -24.41 3.42 5.69
C GLY A 51 -24.64 3.70 4.21
N PRO A 52 -24.91 2.64 3.44
CA PRO A 52 -25.15 2.76 2.00
C PRO A 52 -26.47 3.44 1.68
N ILE A 53 -26.41 4.48 0.86
CA ILE A 53 -27.62 5.21 0.48
C ILE A 53 -27.93 5.04 -1.01
N THR A 54 -27.09 5.63 -1.85
CA THR A 54 -27.27 5.54 -3.29
C THR A 54 -26.08 6.13 -4.03
N SER A 55 -25.12 5.28 -4.37
CA SER A 55 -23.91 5.73 -5.08
C SER A 55 -23.17 6.79 -4.27
N ILE A 56 -22.74 6.42 -3.08
CA ILE A 56 -22.00 7.33 -2.21
C ILE A 56 -20.69 7.75 -2.84
N PRO A 57 -20.40 9.05 -2.81
CA PRO A 57 -19.17 9.61 -3.37
C PRO A 57 -17.94 9.23 -2.56
N ASP A 58 -16.76 9.34 -3.18
CA ASP A 58 -15.51 9.00 -2.51
C ASP A 58 -15.12 10.10 -1.53
N SER A 59 -15.36 11.36 -1.92
CA SER A 59 -15.03 12.49 -1.07
C SER A 59 -13.52 12.56 -0.82
N LEU A 60 -12.74 12.49 -1.90
CA LEU A 60 -11.29 12.53 -1.79
C LEU A 60 -10.85 13.77 -1.01
N GLY A 61 -9.87 13.59 -0.13
CA GLY A 61 -9.36 14.69 0.66
C GLY A 61 -8.30 15.49 -0.07
N GLY A 62 -7.63 16.38 0.67
CA GLY A 62 -6.60 17.20 0.06
C GLY A 62 -5.35 17.29 0.92
N PRO A 63 -4.29 17.90 0.36
CA PRO A 63 -3.01 18.05 1.07
C PRO A 63 -3.11 19.05 2.22
N PHE A 64 -3.10 18.52 3.45
CA PHE A 64 -3.19 19.36 4.64
C PHE A 64 -2.09 19.00 5.63
N ALA A 65 -1.27 19.99 5.97
CA ALA A 65 -0.17 19.79 6.92
C ALA A 65 -0.70 19.52 8.32
N SER A 66 -0.70 18.27 8.73
CA SER A 66 -1.18 17.89 10.06
C SER A 66 -0.49 16.63 10.56
N VAL A 67 -0.36 16.52 11.87
CA VAL A 67 0.29 15.36 12.48
C VAL A 67 -0.67 14.62 13.42
N LEU A 68 -1.20 13.50 12.93
CA LEU A 68 -2.13 12.70 13.73
C LEU A 68 -1.40 11.52 14.38
N SER A 69 -0.11 11.70 14.65
CA SER A 69 0.70 10.66 15.28
C SER A 69 0.31 10.49 16.75
N SER A 70 0.12 9.25 17.17
CA SER A 70 -0.25 8.95 18.55
C SER A 70 0.99 8.71 19.40
N LEU A 71 1.57 9.79 19.92
CA LEU A 71 2.76 9.68 20.75
C LEU A 71 2.39 9.56 22.22
N GLN A 72 2.44 8.33 22.74
CA GLN A 72 2.10 8.09 24.13
C GLN A 72 2.74 6.79 24.62
N ARG A 73 2.99 6.71 25.93
CA ARG A 73 3.60 5.53 26.52
C ARG A 73 3.35 5.48 28.02
N PRO A 74 2.11 5.17 28.41
CA PRO A 74 1.71 5.09 29.82
C PRO A 74 2.33 3.88 30.52
N ASN A 75 2.80 4.10 31.74
CA ASN A 75 3.43 3.04 32.52
C ASN A 75 2.59 2.72 33.77
N GLY A 76 1.87 1.61 33.72
CA GLY A 76 1.04 1.21 34.84
C GLY A 76 -0.43 1.42 34.57
N ALA A 77 -1.20 0.33 34.60
CA ALA A 77 -2.64 0.40 34.37
C ALA A 77 -3.40 0.61 35.67
N LYS A 78 -4.09 1.74 35.77
CA LYS A 78 -4.85 2.06 36.97
C LYS A 78 -6.35 1.94 36.70
N ALA A 79 -7.12 1.69 37.75
CA ALA A 79 -8.56 1.56 37.63
C ALA A 79 -9.20 2.84 37.12
N ALA A 80 -10.51 2.80 36.90
CA ALA A 80 -11.23 3.98 36.41
C ALA A 80 -12.20 4.50 37.46
N LEU A 81 -12.55 5.77 37.36
CA LEU A 81 -13.48 6.39 38.29
C LEU A 81 -14.72 6.91 37.57
N VAL A 82 -15.79 7.13 38.33
CA VAL A 82 -17.04 7.62 37.77
C VAL A 82 -17.28 9.08 38.14
N LYS A 83 -17.77 9.85 37.18
CA LYS A 83 -18.05 11.26 37.41
C LYS A 83 -19.55 11.55 37.35
N SER A 84 -20.33 10.66 37.96
CA SER A 84 -21.78 10.82 37.99
C SER A 84 -22.23 11.56 39.24
N SER A 85 -23.40 12.20 39.16
CA SER A 85 -23.94 12.95 40.28
C SER A 85 -23.99 12.08 41.54
N MET A 86 -24.81 11.04 41.50
CA MET A 86 -24.95 10.13 42.63
C MET A 86 -25.55 8.80 42.18
N PHE A 87 -25.10 7.71 42.82
CA PHE A 87 -25.59 6.38 42.48
C PHE A 87 -25.40 6.09 41.00
N GLY A 1 -19.81 -24.12 34.78
CA GLY A 1 -20.39 -25.40 35.15
C GLY A 1 -21.90 -25.38 35.13
N PRO A 2 -22.50 -24.66 36.09
CA PRO A 2 -23.96 -24.54 36.20
C PRO A 2 -24.56 -23.72 35.07
N GLY A 3 -23.92 -22.60 34.76
CA GLY A 3 -24.42 -21.74 33.68
C GLY A 3 -23.52 -20.55 33.44
N GLY A 4 -22.50 -20.73 32.61
CA GLY A 4 -21.58 -19.66 32.30
C GLY A 4 -22.28 -18.41 31.81
N PRO A 5 -22.83 -18.49 30.59
CA PRO A 5 -23.54 -17.38 29.96
C PRO A 5 -24.88 -17.08 30.64
N GLY A 6 -25.43 -15.91 30.37
CA GLY A 6 -26.70 -15.53 30.96
C GLY A 6 -27.85 -16.38 30.44
N GLY A 7 -27.86 -16.61 29.14
CA GLY A 7 -28.92 -17.41 28.54
C GLY A 7 -28.50 -18.06 27.24
N GLU A 8 -28.74 -17.37 26.12
CA GLU A 8 -28.38 -17.90 24.81
C GLU A 8 -27.81 -16.79 23.93
N PRO A 9 -26.57 -16.37 24.25
CA PRO A 9 -25.88 -15.31 23.49
C PRO A 9 -25.47 -15.77 22.09
N GLY A 10 -25.41 -14.83 21.16
CA GLY A 10 -25.02 -15.16 19.80
C GLY A 10 -24.70 -13.93 18.98
N LYS A 11 -23.85 -14.10 17.98
CA LYS A 11 -23.46 -13.00 17.11
C LYS A 11 -24.44 -12.82 15.97
N GLY A 12 -24.24 -11.78 15.16
CA GLY A 12 -25.12 -11.52 14.04
C GLY A 12 -24.66 -12.17 12.76
N GLY A 13 -24.51 -11.38 11.71
CA GLY A 13 -24.07 -11.91 10.43
C GLY A 13 -22.55 -11.89 10.29
N ALA A 14 -21.90 -12.89 10.87
CA ALA A 14 -20.44 -12.99 10.80
C ALA A 14 -19.97 -13.20 9.36
N ALA A 15 -20.74 -13.95 8.60
CA ALA A 15 -20.41 -14.23 7.20
C ALA A 15 -20.13 -12.94 6.44
N ALA A 16 -21.01 -11.95 6.62
CA ALA A 16 -20.85 -10.66 5.95
C ALA A 16 -19.56 -9.97 6.38
N ALA A 17 -19.30 -9.97 7.68
CA ALA A 17 -18.10 -9.35 8.22
C ALA A 17 -16.84 -9.93 7.59
N ALA A 18 -16.79 -11.26 7.50
CA ALA A 18 -15.65 -11.94 6.91
C ALA A 18 -15.34 -11.39 5.51
N ALA A 19 -16.37 -11.26 4.69
CA ALA A 19 -16.21 -10.75 3.34
C ALA A 19 -15.53 -9.39 3.34
N ALA A 20 -16.09 -8.46 4.11
CA ALA A 20 -15.53 -7.11 4.20
C ALA A 20 -14.06 -7.16 4.57
N ALA A 21 -13.74 -7.84 5.65
CA ALA A 21 -12.36 -7.96 6.11
C ALA A 21 -11.45 -8.44 4.98
N ALA A 22 -11.93 -9.42 4.22
CA ALA A 22 -11.15 -9.96 3.12
C ALA A 22 -10.79 -8.87 2.11
N ALA A 23 -11.70 -7.92 1.91
CA ALA A 23 -11.47 -6.84 0.97
C ALA A 23 -10.16 -6.11 1.28
N ALA A 24 -9.93 -5.84 2.56
CA ALA A 24 -8.72 -5.15 2.98
C ALA A 24 -7.47 -5.89 2.47
N ALA A 25 -7.48 -7.21 2.60
CA ALA A 25 -6.36 -8.02 2.15
C ALA A 25 -6.16 -7.93 0.65
N ALA A 26 -7.27 -7.90 -0.08
CA ALA A 26 -7.22 -7.79 -1.54
C ALA A 26 -6.64 -6.46 -1.99
N ALA A 27 -7.23 -5.37 -1.49
CA ALA A 27 -6.78 -4.03 -1.83
C ALA A 27 -5.28 -3.89 -1.59
N ALA A 28 -4.79 -4.51 -0.51
CA ALA A 28 -3.38 -4.45 -0.17
C ALA A 28 -2.54 -5.29 -1.13
N ALA A 29 -3.03 -6.49 -1.43
CA ALA A 29 -2.34 -7.40 -2.33
C ALA A 29 -2.12 -6.76 -3.70
N ALA A 30 -3.13 -6.01 -4.16
CA ALA A 30 -3.04 -5.35 -5.45
C ALA A 30 -1.98 -4.25 -5.44
N ALA A 31 -1.90 -3.52 -4.34
CA ALA A 31 -0.92 -2.45 -4.20
C ALA A 31 0.49 -3.01 -4.04
N ALA A 32 0.61 -4.13 -3.33
CA ALA A 32 1.91 -4.76 -3.12
C ALA A 32 2.59 -5.08 -4.44
N ALA A 33 1.83 -5.69 -5.36
CA ALA A 33 2.36 -6.05 -6.67
C ALA A 33 3.03 -4.85 -7.34
N GLY A 34 4.00 -5.12 -8.20
CA GLY A 34 4.70 -4.06 -8.90
C GLY A 34 6.08 -3.81 -8.34
N GLY A 35 6.88 -4.87 -8.26
CA GLY A 35 8.24 -4.73 -7.73
C GLY A 35 8.63 -5.90 -6.85
N LEU A 36 9.52 -5.64 -5.89
CA LEU A 36 9.98 -6.68 -4.98
C LEU A 36 9.51 -6.41 -3.55
N ALA A 37 8.29 -6.84 -3.25
CA ALA A 37 7.72 -6.64 -1.93
C ALA A 37 7.13 -7.94 -1.38
N ALA A 38 7.55 -8.31 -0.17
CA ALA A 38 7.07 -9.53 0.47
C ALA A 38 5.56 -9.51 0.61
N ALA A 39 4.89 -10.48 0.00
CA ALA A 39 3.44 -10.57 0.06
C ALA A 39 2.98 -12.03 -0.03
N GLY A 40 2.21 -12.47 0.96
CA GLY A 40 1.72 -13.83 0.98
C GLY A 40 0.33 -13.95 0.39
N GLY A 41 -0.07 -15.17 0.05
CA GLY A 41 -1.39 -15.39 -0.52
C GLY A 41 -2.47 -15.48 0.54
N PRO A 42 -3.73 -15.54 0.10
CA PRO A 42 -4.88 -15.62 1.00
C PRO A 42 -4.97 -16.97 1.70
N GLY A 43 -5.77 -17.02 2.77
CA GLY A 43 -5.93 -18.26 3.52
C GLY A 43 -7.30 -18.39 4.13
N GLN A 44 -7.66 -19.62 4.51
CA GLN A 44 -8.95 -19.87 5.12
C GLN A 44 -8.80 -20.64 6.42
N GLY A 45 -9.47 -20.18 7.48
CA GLY A 45 -9.40 -20.84 8.77
C GLY A 45 -9.63 -19.89 9.92
N TRP A 46 -9.58 -20.42 11.14
CA TRP A 46 -9.79 -19.62 12.34
C TRP A 46 -8.72 -19.92 13.38
N ALA A 47 -8.16 -18.86 13.96
CA ALA A 47 -7.13 -19.01 14.98
C ALA A 47 -7.62 -18.54 16.34
N PRO A 48 -6.95 -18.98 17.41
CA PRO A 48 -7.31 -18.63 18.78
C PRO A 48 -7.01 -17.16 19.09
N GLY A 49 -7.90 -16.54 19.87
CA GLY A 49 -7.72 -15.15 20.23
C GLY A 49 -8.93 -14.57 20.96
N PRO A 50 -9.11 -14.99 22.22
CA PRO A 50 -10.23 -14.53 23.04
C PRO A 50 -10.08 -13.07 23.45
N GLY A 51 -8.86 -12.67 23.77
CA GLY A 51 -8.61 -11.29 24.17
C GLY A 51 -7.15 -10.90 24.01
N PRO A 52 -6.71 -10.75 22.75
CA PRO A 52 -5.33 -10.37 22.44
C PRO A 52 -5.03 -8.93 22.82
N ILE A 53 -5.92 -8.02 22.43
CA ILE A 53 -5.73 -6.60 22.74
C ILE A 53 -6.92 -6.06 23.53
N THR A 54 -7.37 -6.84 24.51
CA THR A 54 -8.49 -6.44 25.36
C THR A 54 -8.19 -5.14 26.10
N SER A 55 -9.23 -4.47 26.58
CA SER A 55 -9.06 -3.22 27.31
C SER A 55 -8.42 -2.16 26.43
N ILE A 56 -8.96 -1.99 25.22
CA ILE A 56 -8.43 -1.01 24.28
C ILE A 56 -8.50 0.40 24.87
N PRO A 57 -7.39 1.14 24.75
CA PRO A 57 -7.30 2.51 25.25
C PRO A 57 -8.16 3.48 24.46
N ASP A 58 -8.63 4.53 25.12
CA ASP A 58 -9.46 5.55 24.46
C ASP A 58 -8.60 6.56 23.72
N SER A 59 -8.86 6.70 22.43
CA SER A 59 -8.11 7.64 21.59
C SER A 59 -9.01 8.76 21.08
N LEU A 60 -8.39 9.82 20.57
CA LEU A 60 -9.13 10.96 20.05
C LEU A 60 -8.23 11.86 19.22
N GLY A 61 -8.50 11.92 17.91
CA GLY A 61 -7.71 12.76 17.03
C GLY A 61 -7.89 14.23 17.30
N GLY A 62 -9.10 14.73 17.04
CA GLY A 62 -9.39 16.13 17.25
C GLY A 62 -10.04 16.79 16.06
N PRO A 63 -10.51 18.03 16.23
CA PRO A 63 -11.17 18.79 15.17
C PRO A 63 -10.20 19.20 14.06
N PHE A 64 -8.99 19.58 14.45
CA PHE A 64 -7.97 20.00 13.50
C PHE A 64 -7.73 18.91 12.45
N ALA A 65 -7.72 17.66 12.90
CA ALA A 65 -7.49 16.53 12.00
C ALA A 65 -8.53 16.52 10.88
N SER A 66 -9.78 16.23 11.24
CA SER A 66 -10.86 16.17 10.27
C SER A 66 -11.23 17.57 9.79
N VAL A 67 -12.11 17.64 8.79
CA VAL A 67 -12.55 18.91 8.24
C VAL A 67 -14.04 19.12 8.46
N LEU A 68 -14.42 20.33 8.85
CA LEU A 68 -15.82 20.65 9.09
C LEU A 68 -16.28 21.79 8.19
N SER A 69 -15.64 21.92 7.03
CA SER A 69 -15.98 22.97 6.08
C SER A 69 -16.90 22.44 4.98
N SER A 70 -17.49 23.35 4.21
CA SER A 70 -18.39 22.97 3.13
C SER A 70 -17.60 22.50 1.91
N LEU A 71 -17.12 21.26 1.95
CA LEU A 71 -16.36 20.70 0.85
C LEU A 71 -17.23 20.54 -0.39
N GLN A 72 -16.78 21.13 -1.50
CA GLN A 72 -17.52 21.04 -2.75
C GLN A 72 -17.42 19.65 -3.35
N ARG A 73 -18.57 19.02 -3.57
CA ARG A 73 -18.62 17.68 -4.15
C ARG A 73 -18.07 17.68 -5.57
N PRO A 74 -17.68 16.50 -6.06
CA PRO A 74 -17.14 16.34 -7.41
C PRO A 74 -18.19 16.54 -8.49
N ASN A 75 -19.36 15.91 -8.30
CA ASN A 75 -20.45 16.03 -9.25
C ASN A 75 -21.24 17.32 -9.03
N GLY A 76 -21.55 17.61 -7.77
CA GLY A 76 -22.29 18.80 -7.44
C GLY A 76 -23.76 18.52 -7.17
N ALA A 77 -24.47 19.53 -6.69
CA ALA A 77 -25.89 19.39 -6.38
C ALA A 77 -26.70 19.11 -7.64
N LYS A 78 -26.83 20.13 -8.48
CA LYS A 78 -27.59 20.00 -9.73
C LYS A 78 -26.98 18.92 -10.62
N ALA A 79 -27.84 18.07 -11.17
CA ALA A 79 -27.38 17.00 -12.05
C ALA A 79 -27.60 17.36 -13.52
N ALA A 80 -26.60 17.06 -14.34
CA ALA A 80 -26.67 17.35 -15.77
C ALA A 80 -27.61 16.38 -16.48
N LEU A 81 -27.20 15.13 -16.59
CA LEU A 81 -28.00 14.11 -17.24
C LEU A 81 -29.39 14.05 -16.64
N VAL A 82 -30.33 13.49 -17.40
CA VAL A 82 -31.72 13.37 -16.95
C VAL A 82 -32.06 11.92 -16.61
N LYS A 83 -31.11 11.22 -16.01
CA LYS A 83 -31.31 9.82 -15.64
C LYS A 83 -31.50 9.68 -14.14
N SER A 84 -32.73 9.84 -13.67
CA SER A 84 -33.03 9.73 -12.25
C SER A 84 -33.25 8.27 -11.84
N SER A 85 -32.73 7.89 -10.69
CA SER A 85 -32.86 6.53 -10.20
C SER A 85 -34.29 6.27 -9.72
N MET A 86 -34.82 7.21 -8.94
CA MET A 86 -36.18 7.08 -8.42
C MET A 86 -36.68 8.41 -7.85
N PHE A 87 -37.85 8.84 -8.31
CA PHE A 87 -38.43 10.10 -7.84
C PHE A 87 -38.81 10.01 -6.37
N GLY A 1 -21.35 -20.01 -6.59
CA GLY A 1 -22.05 -18.91 -5.96
C GLY A 1 -22.58 -17.91 -6.96
N PRO A 2 -23.22 -16.84 -6.46
CA PRO A 2 -23.80 -15.79 -7.29
C PRO A 2 -22.73 -14.95 -7.99
N GLY A 3 -23.09 -14.37 -9.12
CA GLY A 3 -22.14 -13.55 -9.87
C GLY A 3 -22.14 -12.11 -9.40
N GLY A 4 -23.31 -11.60 -9.02
CA GLY A 4 -23.40 -10.23 -8.56
C GLY A 4 -24.67 -9.98 -7.76
N PRO A 5 -25.82 -9.95 -8.45
CA PRO A 5 -27.12 -9.73 -7.83
C PRO A 5 -27.56 -10.89 -6.95
N GLY A 6 -27.96 -10.60 -5.72
CA GLY A 6 -28.40 -11.63 -4.81
C GLY A 6 -28.01 -11.34 -3.37
N GLY A 7 -28.73 -10.42 -2.73
CA GLY A 7 -28.44 -10.06 -1.36
C GLY A 7 -28.93 -11.12 -0.38
N GLU A 8 -29.74 -10.69 0.58
CA GLU A 8 -30.27 -11.60 1.59
C GLU A 8 -29.14 -12.37 2.28
N PRO A 9 -28.36 -11.66 3.11
CA PRO A 9 -27.23 -12.26 3.84
C PRO A 9 -27.70 -13.21 4.93
N GLY A 10 -27.63 -14.51 4.66
CA GLY A 10 -28.04 -15.50 5.64
C GLY A 10 -27.04 -16.62 5.78
N LYS A 11 -27.49 -17.74 6.33
CA LYS A 11 -26.62 -18.91 6.53
C LYS A 11 -25.37 -18.52 7.30
N GLY A 12 -25.55 -17.73 8.35
CA GLY A 12 -24.41 -17.31 9.16
C GLY A 12 -24.51 -15.85 9.57
N GLY A 13 -23.36 -15.19 9.65
CA GLY A 13 -23.33 -13.79 10.04
C GLY A 13 -21.94 -13.32 10.41
N ALA A 14 -21.28 -14.05 11.30
CA ALA A 14 -19.93 -13.69 11.74
C ALA A 14 -18.97 -13.66 10.55
N ALA A 15 -19.14 -14.59 9.63
CA ALA A 15 -18.28 -14.66 8.44
C ALA A 15 -18.61 -13.55 7.46
N ALA A 16 -19.90 -13.23 7.34
CA ALA A 16 -20.34 -12.18 6.43
C ALA A 16 -19.58 -10.88 6.68
N ALA A 17 -19.58 -10.44 7.93
CA ALA A 17 -18.88 -9.20 8.29
C ALA A 17 -17.43 -9.25 7.87
N ALA A 18 -16.77 -10.38 8.09
CA ALA A 18 -15.38 -10.56 7.73
C ALA A 18 -15.16 -10.27 6.24
N ALA A 19 -16.13 -10.66 5.43
CA ALA A 19 -16.05 -10.44 3.99
C ALA A 19 -15.73 -8.99 3.66
N ALA A 20 -16.34 -8.08 4.41
CA ALA A 20 -16.12 -6.65 4.21
C ALA A 20 -14.64 -6.32 4.20
N ALA A 21 -13.89 -6.95 5.09
CA ALA A 21 -12.45 -6.71 5.19
C ALA A 21 -11.73 -7.24 3.94
N ALA A 22 -12.21 -8.37 3.43
CA ALA A 22 -11.61 -8.97 2.23
C ALA A 22 -11.59 -7.98 1.07
N ALA A 23 -12.70 -7.27 0.89
CA ALA A 23 -12.82 -6.30 -0.19
C ALA A 23 -11.65 -5.31 -0.15
N ALA A 24 -11.39 -4.77 1.03
CA ALA A 24 -10.31 -3.80 1.19
C ALA A 24 -8.95 -4.48 1.11
N ALA A 25 -8.87 -5.69 1.63
CA ALA A 25 -7.62 -6.45 1.62
C ALA A 25 -7.12 -6.63 0.20
N ALA A 26 -8.04 -6.83 -0.74
CA ALA A 26 -7.67 -7.01 -2.14
C ALA A 26 -6.82 -5.85 -2.65
N ALA A 27 -7.27 -4.63 -2.37
CA ALA A 27 -6.55 -3.44 -2.80
C ALA A 27 -5.11 -3.46 -2.32
N ALA A 28 -4.93 -3.59 -1.01
CA ALA A 28 -3.59 -3.64 -0.42
C ALA A 28 -2.75 -4.75 -1.05
N ALA A 29 -3.39 -5.88 -1.34
CA ALA A 29 -2.71 -7.01 -1.94
C ALA A 29 -2.04 -6.62 -3.25
N ALA A 30 -2.70 -5.74 -3.99
CA ALA A 30 -2.18 -5.28 -5.28
C ALA A 30 -0.79 -4.67 -5.11
N ALA A 31 -0.62 -3.90 -4.04
CA ALA A 31 0.67 -3.25 -3.77
C ALA A 31 1.70 -4.26 -3.32
N ALA A 32 1.27 -5.25 -2.56
CA ALA A 32 2.17 -6.29 -2.06
C ALA A 32 2.69 -7.16 -3.21
N ALA A 33 1.81 -7.48 -4.14
CA ALA A 33 2.19 -8.31 -5.28
C ALA A 33 2.85 -9.60 -4.83
N GLY A 34 2.36 -10.16 -3.74
CA GLY A 34 2.92 -11.40 -3.21
C GLY A 34 1.97 -12.57 -3.37
N GLY A 35 0.83 -12.50 -2.70
CA GLY A 35 -0.15 -13.56 -2.78
C GLY A 35 0.15 -14.69 -1.81
N LEU A 36 -0.68 -14.79 -0.77
CA LEU A 36 -0.50 -15.83 0.25
C LEU A 36 -1.83 -16.51 0.56
N ALA A 37 -1.93 -17.78 0.18
CA ALA A 37 -3.15 -18.56 0.42
C ALA A 37 -2.90 -19.67 1.43
N ALA A 38 -2.43 -19.30 2.62
CA ALA A 38 -2.16 -20.26 3.66
C ALA A 38 -3.45 -20.82 4.25
N ALA A 39 -3.31 -21.66 5.27
CA ALA A 39 -4.47 -22.27 5.92
C ALA A 39 -4.83 -21.54 7.22
N GLY A 40 -3.90 -21.55 8.16
CA GLY A 40 -4.12 -20.88 9.43
C GLY A 40 -4.41 -21.87 10.55
N GLY A 41 -3.36 -22.43 11.14
CA GLY A 41 -3.52 -23.38 12.22
C GLY A 41 -2.21 -23.98 12.67
N PRO A 42 -2.28 -24.98 13.55
CA PRO A 42 -1.10 -25.66 14.08
C PRO A 42 -0.41 -26.53 13.03
N GLY A 43 0.78 -27.03 13.36
CA GLY A 43 1.52 -27.85 12.43
C GLY A 43 2.32 -28.93 13.13
N GLN A 44 3.64 -28.79 13.10
CA GLN A 44 4.54 -29.76 13.73
C GLN A 44 5.74 -29.06 14.36
N GLY A 45 6.33 -29.70 15.36
CA GLY A 45 7.48 -29.14 16.04
C GLY A 45 7.58 -29.58 17.48
N TRP A 46 6.44 -29.65 18.16
CA TRP A 46 6.41 -30.06 19.56
C TRP A 46 6.44 -31.59 19.68
N ALA A 47 7.61 -32.18 19.49
CA ALA A 47 7.76 -33.62 19.57
C ALA A 47 8.92 -34.00 20.49
N PRO A 48 8.91 -35.25 20.97
CA PRO A 48 9.96 -35.76 21.87
C PRO A 48 11.30 -35.93 21.16
N GLY A 49 12.37 -35.49 21.82
CA GLY A 49 13.69 -35.61 21.24
C GLY A 49 14.11 -34.36 20.48
N PRO A 50 15.36 -34.34 20.02
CA PRO A 50 15.91 -33.20 19.28
C PRO A 50 15.30 -33.06 17.88
N GLY A 51 15.04 -34.20 17.24
CA GLY A 51 14.46 -34.19 15.92
C GLY A 51 15.45 -33.76 14.85
N PRO A 52 16.40 -34.66 14.52
CA PRO A 52 17.42 -34.39 13.52
C PRO A 52 16.85 -34.34 12.10
N ILE A 53 16.80 -33.15 11.53
CA ILE A 53 16.29 -32.97 10.18
C ILE A 53 17.15 -32.01 9.38
N THR A 54 17.40 -32.36 8.11
CA THR A 54 18.22 -31.54 7.24
C THR A 54 17.68 -30.12 7.17
N SER A 55 18.42 -29.25 6.48
CA SER A 55 18.01 -27.85 6.34
C SER A 55 16.58 -27.75 5.82
N ILE A 56 15.69 -27.24 6.66
CA ILE A 56 14.29 -27.09 6.28
C ILE A 56 14.15 -26.33 4.96
N PRO A 57 13.31 -26.87 4.05
CA PRO A 57 13.08 -26.25 2.75
C PRO A 57 12.29 -24.95 2.85
N ASP A 58 12.76 -23.93 2.15
CA ASP A 58 12.10 -22.63 2.16
C ASP A 58 11.17 -22.48 0.96
N SER A 59 10.45 -21.36 0.91
CA SER A 59 9.52 -21.10 -0.18
C SER A 59 10.01 -19.93 -1.04
N LEU A 60 10.04 -20.15 -2.35
CA LEU A 60 10.49 -19.11 -3.28
C LEU A 60 9.69 -17.83 -3.10
N GLY A 61 10.36 -16.69 -3.28
CA GLY A 61 9.70 -15.41 -3.12
C GLY A 61 9.10 -14.91 -4.43
N GLY A 62 8.09 -14.06 -4.33
CA GLY A 62 7.44 -13.52 -5.52
C GLY A 62 8.27 -12.43 -6.18
N PRO A 63 7.70 -11.81 -7.21
CA PRO A 63 8.37 -10.73 -7.95
C PRO A 63 8.52 -9.46 -7.12
N PHE A 64 9.07 -8.41 -7.74
CA PHE A 64 9.26 -7.15 -7.06
C PHE A 64 8.17 -6.15 -7.44
N ALA A 65 8.03 -5.10 -6.64
CA ALA A 65 7.02 -4.07 -6.90
C ALA A 65 7.31 -2.80 -6.10
N SER A 66 6.71 -1.69 -6.53
CA SER A 66 6.91 -0.42 -5.86
C SER A 66 6.18 -0.39 -4.52
N VAL A 67 6.85 -0.87 -3.48
CA VAL A 67 6.28 -0.90 -2.14
C VAL A 67 6.93 0.13 -1.23
N LEU A 68 6.17 0.64 -0.27
CA LEU A 68 6.68 1.63 0.67
C LEU A 68 6.94 1.01 2.04
N SER A 69 7.24 -0.28 2.04
CA SER A 69 7.51 -1.01 3.28
C SER A 69 8.99 -0.97 3.62
N SER A 70 9.33 -1.41 4.82
CA SER A 70 10.72 -1.43 5.27
C SER A 70 11.60 -2.17 4.27
N LEU A 71 12.86 -1.74 4.17
CA LEU A 71 13.81 -2.37 3.25
C LEU A 71 14.78 -3.27 3.99
N GLN A 72 14.47 -4.56 4.03
CA GLN A 72 15.32 -5.54 4.71
C GLN A 72 16.78 -5.41 4.25
N ARG A 73 17.70 -5.68 5.15
CA ARG A 73 19.12 -5.61 4.83
C ARG A 73 19.51 -6.64 3.78
N PRO A 74 20.65 -6.41 3.12
CA PRO A 74 21.15 -7.31 2.08
C PRO A 74 21.62 -8.64 2.64
N ASN A 75 22.27 -8.59 3.80
CA ASN A 75 22.78 -9.80 4.45
C ASN A 75 21.65 -10.81 4.67
N GLY A 76 21.99 -12.10 4.57
CA GLY A 76 20.99 -13.14 4.77
C GLY A 76 21.58 -14.38 5.43
N ALA A 77 22.05 -15.30 4.61
CA ALA A 77 22.63 -16.55 5.12
C ALA A 77 23.38 -17.29 4.02
N LYS A 78 24.50 -17.90 4.39
CA LYS A 78 25.31 -18.65 3.43
C LYS A 78 25.09 -20.15 3.59
N ALA A 79 25.53 -20.92 2.60
CA ALA A 79 25.38 -22.37 2.63
C ALA A 79 26.65 -23.06 2.15
N ALA A 80 27.00 -24.17 2.79
CA ALA A 80 28.19 -24.93 2.42
C ALA A 80 27.82 -26.20 1.66
N LEU A 81 27.43 -26.03 0.40
CA LEU A 81 27.05 -27.16 -0.43
C LEU A 81 27.99 -27.29 -1.63
N VAL A 82 28.41 -28.51 -1.93
CA VAL A 82 29.30 -28.77 -3.05
C VAL A 82 28.62 -29.62 -4.11
N LYS A 83 29.24 -29.71 -5.28
CA LYS A 83 28.70 -30.50 -6.38
C LYS A 83 29.51 -31.78 -6.59
N SER A 84 28.88 -32.93 -6.35
CA SER A 84 29.54 -34.21 -6.53
C SER A 84 28.94 -34.99 -7.69
N SER A 85 29.78 -35.32 -8.66
CA SER A 85 29.33 -36.07 -9.83
C SER A 85 29.75 -37.53 -9.75
N MET A 86 28.85 -38.42 -10.13
CA MET A 86 29.13 -39.85 -10.09
C MET A 86 29.41 -40.39 -11.49
N PHE A 87 30.22 -41.44 -11.56
CA PHE A 87 30.57 -42.04 -12.85
C PHE A 87 30.81 -43.55 -12.69
N GLY A 1 -39.65 -28.83 31.11
CA GLY A 1 -39.80 -28.58 29.69
C GLY A 1 -39.52 -29.81 28.85
N PRO A 2 -39.78 -29.70 27.53
CA PRO A 2 -39.56 -30.81 26.59
C PRO A 2 -38.08 -31.10 26.38
N GLY A 3 -37.30 -30.06 26.14
CA GLY A 3 -35.88 -30.23 25.91
C GLY A 3 -35.05 -29.80 27.11
N GLY A 4 -33.80 -30.27 27.15
CA GLY A 4 -32.93 -29.92 28.26
C GLY A 4 -31.87 -28.91 27.88
N PRO A 5 -30.94 -28.62 28.80
CA PRO A 5 -29.86 -27.67 28.58
C PRO A 5 -28.83 -28.17 27.57
N GLY A 6 -27.80 -27.38 27.33
CA GLY A 6 -26.76 -27.77 26.39
C GLY A 6 -27.04 -27.28 24.99
N GLY A 7 -26.51 -26.09 24.67
CA GLY A 7 -26.71 -25.52 23.35
C GLY A 7 -26.60 -24.01 23.35
N GLU A 8 -25.42 -23.50 23.65
CA GLU A 8 -25.19 -22.06 23.68
C GLU A 8 -24.80 -21.54 22.31
N PRO A 9 -24.95 -20.21 22.11
CA PRO A 9 -24.62 -19.56 20.85
C PRO A 9 -23.12 -19.52 20.59
N GLY A 10 -22.63 -20.48 19.79
CA GLY A 10 -21.21 -20.52 19.49
C GLY A 10 -20.89 -19.93 18.13
N LYS A 11 -21.62 -18.89 17.76
CA LYS A 11 -21.41 -18.22 16.47
C LYS A 11 -22.31 -17.00 16.34
N GLY A 12 -21.85 -16.02 15.57
CA GLY A 12 -22.63 -14.81 15.38
C GLY A 12 -22.59 -14.31 13.94
N GLY A 13 -22.72 -13.00 13.76
CA GLY A 13 -22.71 -12.43 12.42
C GLY A 13 -21.34 -11.89 12.05
N ALA A 14 -20.29 -12.59 12.47
CA ALA A 14 -18.93 -12.17 12.18
C ALA A 14 -18.53 -12.54 10.74
N ALA A 15 -18.99 -13.71 10.30
CA ALA A 15 -18.69 -14.18 8.96
C ALA A 15 -19.22 -13.22 7.90
N ALA A 16 -20.41 -12.67 8.16
CA ALA A 16 -21.03 -11.73 7.22
C ALA A 16 -20.07 -10.60 6.86
N ALA A 17 -19.61 -9.86 7.86
CA ALA A 17 -18.69 -8.75 7.65
C ALA A 17 -17.44 -9.22 6.91
N ALA A 18 -17.00 -10.44 7.21
CA ALA A 18 -15.82 -11.01 6.57
C ALA A 18 -15.92 -10.92 5.06
N ALA A 19 -17.13 -11.11 4.53
CA ALA A 19 -17.36 -11.06 3.10
C ALA A 19 -16.80 -9.77 2.50
N ALA A 20 -17.30 -8.64 2.97
CA ALA A 20 -16.85 -7.34 2.48
C ALA A 20 -15.36 -7.13 2.77
N ALA A 21 -14.93 -7.53 3.97
CA ALA A 21 -13.54 -7.39 4.37
C ALA A 21 -12.60 -8.00 3.33
N ALA A 22 -13.03 -9.10 2.72
CA ALA A 22 -12.24 -9.78 1.71
C ALA A 22 -11.83 -8.81 0.61
N ALA A 23 -12.79 -8.04 0.11
CA ALA A 23 -12.53 -7.08 -0.96
C ALA A 23 -11.36 -6.17 -0.59
N ALA A 24 -11.30 -5.77 0.68
CA ALA A 24 -10.24 -4.90 1.15
C ALA A 24 -8.90 -5.63 1.18
N ALA A 25 -8.94 -6.91 1.54
CA ALA A 25 -7.73 -7.72 1.63
C ALA A 25 -7.06 -7.83 0.26
N ALA A 26 -7.88 -7.89 -0.80
CA ALA A 26 -7.36 -7.99 -2.16
C ALA A 26 -6.45 -6.82 -2.49
N ALA A 27 -6.90 -5.61 -2.13
CA ALA A 27 -6.12 -4.41 -2.39
C ALA A 27 -4.73 -4.49 -1.76
N ALA A 28 -4.68 -4.99 -0.52
CA ALA A 28 -3.42 -5.13 0.20
C ALA A 28 -2.40 -5.88 -0.64
N ALA A 29 -2.81 -7.02 -1.18
CA ALA A 29 -1.93 -7.84 -2.00
C ALA A 29 -1.32 -7.03 -3.14
N ALA A 30 -2.11 -6.12 -3.71
CA ALA A 30 -1.64 -5.28 -4.80
C ALA A 30 -0.68 -4.22 -4.30
N ALA A 31 -0.95 -3.69 -3.10
CA ALA A 31 -0.11 -2.67 -2.52
C ALA A 31 1.36 -3.11 -2.46
N ALA A 32 1.56 -4.37 -2.09
CA ALA A 32 2.91 -4.93 -2.01
C ALA A 32 3.60 -4.88 -3.36
N ALA A 33 2.84 -5.09 -4.43
CA ALA A 33 3.39 -5.08 -5.78
C ALA A 33 3.40 -3.66 -6.35
N GLY A 34 3.89 -3.53 -7.58
CA GLY A 34 3.96 -2.23 -8.22
C GLY A 34 4.75 -2.25 -9.50
N GLY A 35 6.05 -2.00 -9.39
CA GLY A 35 6.91 -1.99 -10.56
C GLY A 35 6.59 -0.85 -11.51
N LEU A 36 6.45 0.35 -10.95
CA LEU A 36 6.15 1.53 -11.76
C LEU A 36 6.21 2.80 -10.91
N ALA A 37 7.12 3.69 -11.25
CA ALA A 37 7.29 4.94 -10.52
C ALA A 37 6.54 6.07 -11.21
N ALA A 38 5.97 6.97 -10.41
CA ALA A 38 5.22 8.10 -10.94
C ALA A 38 6.06 9.38 -10.91
N ALA A 39 6.70 9.63 -9.77
CA ALA A 39 7.53 10.82 -9.61
C ALA A 39 6.74 12.08 -9.90
N GLY A 40 5.64 12.28 -9.18
CA GLY A 40 4.82 13.46 -9.38
C GLY A 40 3.75 13.25 -10.44
N GLY A 41 4.18 13.00 -11.67
CA GLY A 41 3.25 12.78 -12.76
C GLY A 41 2.64 14.07 -13.27
N PRO A 42 3.46 14.83 -14.02
CA PRO A 42 3.02 16.11 -14.60
C PRO A 42 2.00 15.93 -15.71
N GLY A 43 0.84 16.59 -15.56
CA GLY A 43 -0.21 16.48 -16.56
C GLY A 43 -0.81 15.09 -16.62
N GLN A 44 -1.67 14.86 -17.61
CA GLN A 44 -2.32 13.57 -17.78
C GLN A 44 -1.29 12.45 -17.80
N GLY A 45 -1.72 11.26 -17.39
CA GLY A 45 -0.82 10.11 -17.37
C GLY A 45 -1.55 8.81 -17.60
N TRP A 46 -2.71 8.65 -16.97
CA TRP A 46 -3.50 7.44 -17.11
C TRP A 46 -4.81 7.72 -17.83
N ALA A 47 -5.74 8.37 -17.13
CA ALA A 47 -7.03 8.71 -17.71
C ALA A 47 -6.93 9.92 -18.64
N PRO A 48 -7.92 10.07 -19.52
CA PRO A 48 -7.96 11.19 -20.47
C PRO A 48 -8.23 12.52 -19.78
N GLY A 49 -7.39 13.52 -20.08
CA GLY A 49 -7.56 14.84 -19.49
C GLY A 49 -8.85 15.50 -19.91
N PRO A 50 -8.89 15.96 -21.17
CA PRO A 50 -10.07 16.64 -21.73
C PRO A 50 -11.24 15.69 -21.94
N GLY A 51 -12.29 15.88 -21.16
CA GLY A 51 -13.47 15.03 -21.27
C GLY A 51 -14.43 15.19 -20.11
N PRO A 52 -15.17 16.31 -20.10
CA PRO A 52 -16.13 16.62 -19.04
C PRO A 52 -17.35 15.69 -19.07
N ILE A 53 -17.42 14.78 -18.11
CA ILE A 53 -18.53 13.84 -18.03
C ILE A 53 -19.45 14.17 -16.86
N THR A 54 -19.78 15.46 -16.72
CA THR A 54 -20.65 15.92 -15.65
C THR A 54 -22.00 15.21 -15.72
N SER A 55 -22.58 14.94 -14.55
CA SER A 55 -23.87 14.28 -14.47
C SER A 55 -23.80 12.87 -15.07
N ILE A 56 -22.71 12.17 -14.78
CA ILE A 56 -22.51 10.82 -15.29
C ILE A 56 -23.65 9.90 -14.85
N PRO A 57 -24.19 9.14 -15.82
CA PRO A 57 -25.29 8.20 -15.55
C PRO A 57 -24.85 7.00 -14.74
N ASP A 58 -25.70 6.57 -13.81
CA ASP A 58 -25.40 5.43 -12.96
C ASP A 58 -25.62 4.12 -13.70
N SER A 59 -25.20 3.02 -13.08
CA SER A 59 -25.36 1.70 -13.68
C SER A 59 -25.96 0.71 -12.68
N LEU A 60 -27.06 0.09 -13.08
CA LEU A 60 -27.73 -0.89 -12.21
C LEU A 60 -27.77 -2.27 -12.88
N GLY A 61 -28.23 -3.25 -12.13
CA GLY A 61 -28.31 -4.61 -12.66
C GLY A 61 -27.30 -5.54 -12.03
N GLY A 62 -27.07 -5.36 -10.73
CA GLY A 62 -26.12 -6.20 -10.03
C GLY A 62 -24.68 -5.75 -10.22
N PRO A 63 -24.32 -4.63 -9.58
CA PRO A 63 -22.97 -4.06 -9.67
C PRO A 63 -21.93 -4.92 -8.96
N PHE A 64 -22.32 -5.52 -7.84
CA PHE A 64 -21.43 -6.37 -7.08
C PHE A 64 -21.86 -7.83 -7.14
N ALA A 65 -20.92 -8.71 -7.46
CA ALA A 65 -21.21 -10.14 -7.56
C ALA A 65 -20.82 -10.86 -6.28
N SER A 66 -21.23 -10.33 -5.15
CA SER A 66 -20.92 -10.93 -3.85
C SER A 66 -22.13 -10.89 -2.93
N VAL A 67 -22.31 -11.95 -2.15
CA VAL A 67 -23.43 -12.04 -1.22
C VAL A 67 -22.94 -12.05 0.23
N LEU A 68 -23.84 -11.72 1.15
CA LEU A 68 -23.50 -11.69 2.57
C LEU A 68 -24.20 -12.81 3.32
N SER A 69 -24.50 -13.90 2.61
CA SER A 69 -25.18 -15.04 3.22
C SER A 69 -24.25 -15.80 4.16
N SER A 70 -24.82 -16.48 5.13
CA SER A 70 -24.04 -17.25 6.10
C SER A 70 -24.92 -18.25 6.83
N LEU A 71 -24.47 -19.50 6.88
CA LEU A 71 -25.21 -20.56 7.56
C LEU A 71 -25.20 -20.35 9.07
N GLN A 72 -26.26 -19.71 9.58
CA GLN A 72 -26.36 -19.45 11.02
C GLN A 72 -27.65 -20.06 11.58
N ARG A 73 -27.54 -20.66 12.76
CA ARG A 73 -28.69 -21.28 13.41
C ARG A 73 -28.56 -21.22 14.93
N PRO A 74 -28.68 -20.00 15.47
CA PRO A 74 -28.57 -19.78 16.92
C PRO A 74 -29.77 -20.35 17.69
N ASN A 75 -29.49 -21.01 18.79
CA ASN A 75 -30.54 -21.61 19.61
C ASN A 75 -30.88 -20.70 20.79
N GLY A 76 -29.91 -20.49 21.67
CA GLY A 76 -30.14 -19.64 22.83
C GLY A 76 -29.50 -20.19 24.09
N ALA A 77 -28.95 -19.31 24.92
CA ALA A 77 -28.31 -19.73 26.16
C ALA A 77 -29.34 -20.03 27.24
N LYS A 78 -29.33 -21.28 27.71
CA LYS A 78 -30.27 -21.70 28.75
C LYS A 78 -29.53 -22.39 29.89
N ALA A 79 -29.60 -21.79 31.08
CA ALA A 79 -28.96 -22.34 32.26
C ALA A 79 -29.96 -23.01 33.18
N ALA A 80 -29.57 -24.14 33.77
CA ALA A 80 -30.45 -24.89 34.66
C ALA A 80 -29.64 -25.55 35.78
N LEU A 81 -30.35 -26.17 36.73
CA LEU A 81 -29.70 -26.84 37.84
C LEU A 81 -30.01 -28.34 37.82
N VAL A 82 -29.65 -29.01 36.73
CA VAL A 82 -29.90 -30.44 36.59
C VAL A 82 -29.24 -31.21 37.72
N LYS A 83 -27.92 -31.14 37.79
CA LYS A 83 -27.16 -31.84 38.82
C LYS A 83 -26.30 -30.86 39.62
N SER A 84 -26.39 -30.95 40.95
CA SER A 84 -25.61 -30.07 41.82
C SER A 84 -25.45 -30.69 43.21
N SER A 85 -24.34 -30.37 43.86
CA SER A 85 -24.05 -30.91 45.18
C SER A 85 -23.53 -29.81 46.11
N MET A 86 -24.11 -29.72 47.31
CA MET A 86 -23.71 -28.71 48.28
C MET A 86 -23.73 -29.29 49.70
N PHE A 87 -23.41 -28.46 50.68
CA PHE A 87 -23.40 -28.88 52.07
C PHE A 87 -23.57 -27.69 53.00
N GLY A 1 -48.31 -12.41 -16.63
CA GLY A 1 -47.88 -13.70 -16.10
C GLY A 1 -48.13 -13.83 -14.61
N PRO A 2 -47.97 -15.06 -14.09
CA PRO A 2 -48.19 -15.34 -12.67
C PRO A 2 -47.11 -14.72 -11.78
N GLY A 3 -47.43 -14.52 -10.51
CA GLY A 3 -46.47 -13.94 -9.58
C GLY A 3 -46.50 -14.61 -8.23
N GLY A 4 -45.40 -14.49 -7.49
CA GLY A 4 -45.32 -15.10 -6.17
C GLY A 4 -44.70 -14.17 -5.14
N PRO A 5 -44.72 -14.60 -3.87
CA PRO A 5 -44.15 -13.82 -2.77
C PRO A 5 -42.62 -13.74 -2.83
N GLY A 6 -42.06 -12.84 -2.03
CA GLY A 6 -40.61 -12.67 -2.01
C GLY A 6 -39.97 -13.32 -0.80
N GLY A 7 -40.14 -12.69 0.36
CA GLY A 7 -39.57 -13.23 1.58
C GLY A 7 -39.72 -12.28 2.76
N GLU A 8 -38.60 -11.92 3.38
CA GLU A 8 -38.63 -11.02 4.52
C GLU A 8 -37.21 -10.65 4.96
N PRO A 9 -36.54 -9.84 4.14
CA PRO A 9 -35.17 -9.40 4.41
C PRO A 9 -35.10 -8.43 5.59
N GLY A 10 -34.09 -8.61 6.44
CA GLY A 10 -33.93 -7.74 7.59
C GLY A 10 -32.50 -7.27 7.77
N LYS A 11 -31.69 -8.09 8.42
CA LYS A 11 -30.29 -7.76 8.66
C LYS A 11 -29.37 -8.92 8.25
N GLY A 12 -28.14 -8.59 7.89
CA GLY A 12 -27.19 -9.62 7.50
C GLY A 12 -26.77 -10.50 8.65
N GLY A 13 -25.59 -11.11 8.53
CA GLY A 13 -25.10 -11.99 9.57
C GLY A 13 -23.62 -11.79 9.84
N ALA A 14 -23.03 -12.71 10.59
CA ALA A 14 -21.61 -12.63 10.92
C ALA A 14 -20.75 -12.96 9.71
N ALA A 15 -21.21 -13.90 8.90
CA ALA A 15 -20.48 -14.30 7.70
C ALA A 15 -20.13 -13.10 6.83
N ALA A 16 -21.03 -12.13 6.79
CA ALA A 16 -20.82 -10.92 6.00
C ALA A 16 -19.61 -10.15 6.50
N ALA A 17 -19.43 -10.12 7.82
CA ALA A 17 -18.31 -9.41 8.42
C ALA A 17 -16.98 -10.04 8.02
N ALA A 18 -16.96 -11.37 7.92
CA ALA A 18 -15.76 -12.09 7.54
C ALA A 18 -15.27 -11.64 6.17
N ALA A 19 -16.14 -11.72 5.17
CA ALA A 19 -15.78 -11.33 3.81
C ALA A 19 -15.21 -9.92 3.79
N ALA A 20 -15.76 -9.04 4.62
CA ALA A 20 -15.29 -7.66 4.69
C ALA A 20 -13.78 -7.60 4.94
N ALA A 21 -13.29 -8.53 5.75
CA ALA A 21 -11.87 -8.59 6.07
C ALA A 21 -11.03 -8.80 4.82
N ALA A 22 -11.41 -9.79 4.02
CA ALA A 22 -10.69 -10.10 2.79
C ALA A 22 -10.59 -8.88 1.89
N ALA A 23 -11.66 -8.09 1.84
CA ALA A 23 -11.68 -6.88 1.02
C ALA A 23 -10.54 -5.94 1.40
N ALA A 24 -10.24 -5.88 2.70
CA ALA A 24 -9.16 -5.01 3.19
C ALA A 24 -7.80 -5.57 2.79
N ALA A 25 -7.67 -6.88 2.81
CA ALA A 25 -6.41 -7.54 2.46
C ALA A 25 -6.04 -7.26 1.01
N ALA A 26 -7.05 -7.27 0.13
CA ALA A 26 -6.83 -7.02 -1.29
C ALA A 26 -6.19 -5.66 -1.51
N ALA A 27 -6.60 -4.68 -0.71
CA ALA A 27 -6.06 -3.33 -0.83
C ALA A 27 -4.54 -3.34 -0.80
N ALA A 28 -3.96 -4.23 0.00
CA ALA A 28 -2.52 -4.34 0.10
C ALA A 28 -1.93 -5.12 -1.06
N ALA A 29 -2.51 -6.30 -1.32
CA ALA A 29 -2.04 -7.14 -2.42
C ALA A 29 -2.02 -6.36 -3.74
N ALA A 30 -3.08 -5.60 -3.98
CA ALA A 30 -3.18 -4.81 -5.20
C ALA A 30 -1.93 -3.96 -5.42
N ALA A 31 -1.47 -3.33 -4.35
CA ALA A 31 -0.28 -2.48 -4.42
C ALA A 31 0.96 -3.30 -4.77
N ALA A 32 1.10 -4.45 -4.13
CA ALA A 32 2.24 -5.34 -4.37
C ALA A 32 2.29 -5.76 -5.84
N ALA A 33 1.12 -5.97 -6.43
CA ALA A 33 1.05 -6.38 -7.83
C ALA A 33 1.58 -5.29 -8.75
N GLY A 34 1.79 -5.64 -10.02
CA GLY A 34 2.30 -4.68 -10.97
C GLY A 34 1.47 -4.63 -12.25
N GLY A 35 1.37 -3.45 -12.84
CA GLY A 35 0.59 -3.30 -14.06
C GLY A 35 1.11 -2.18 -14.94
N LEU A 36 1.28 -0.99 -14.37
CA LEU A 36 1.78 0.15 -15.10
C LEU A 36 3.20 -0.08 -15.59
N ALA A 37 3.36 -0.24 -16.89
CA ALA A 37 4.67 -0.46 -17.49
C ALA A 37 5.19 0.78 -18.19
N ALA A 38 6.47 0.77 -18.54
CA ALA A 38 7.08 1.91 -19.21
C ALA A 38 7.46 1.56 -20.65
N ALA A 39 7.98 2.54 -21.38
CA ALA A 39 8.39 2.34 -22.76
C ALA A 39 9.90 2.45 -22.92
N GLY A 40 10.63 1.46 -22.42
CA GLY A 40 12.07 1.48 -22.51
C GLY A 40 12.68 0.10 -22.34
N GLY A 41 14.01 0.05 -22.17
CA GLY A 41 14.68 -1.21 -22.00
C GLY A 41 15.69 -1.19 -20.87
N PRO A 42 16.51 -2.24 -20.77
CA PRO A 42 17.54 -2.36 -19.73
C PRO A 42 18.67 -1.36 -19.92
N GLY A 43 19.18 -1.28 -21.15
CA GLY A 43 20.27 -0.37 -21.45
C GLY A 43 21.00 -0.71 -22.73
N GLN A 44 22.01 0.07 -23.08
CA GLN A 44 22.78 -0.16 -24.29
C GLN A 44 21.87 -0.26 -25.50
N GLY A 45 21.05 0.78 -25.71
CA GLY A 45 20.14 0.79 -26.83
C GLY A 45 19.74 2.21 -27.23
N TRP A 46 20.47 2.77 -28.19
CA TRP A 46 20.19 4.13 -28.66
C TRP A 46 19.41 4.09 -29.97
N ALA A 47 18.19 4.62 -29.94
CA ALA A 47 17.34 4.66 -31.12
C ALA A 47 17.16 6.08 -31.63
N PRO A 48 16.77 6.21 -32.90
CA PRO A 48 16.55 7.51 -33.54
C PRO A 48 15.33 8.24 -32.98
N GLY A 49 15.45 9.56 -32.84
CA GLY A 49 14.35 10.35 -32.31
C GLY A 49 13.23 10.52 -33.31
N PRO A 50 12.14 11.15 -32.88
CA PRO A 50 10.97 11.40 -33.74
C PRO A 50 11.24 12.42 -34.83
N GLY A 51 10.91 12.06 -36.07
CA GLY A 51 11.13 12.97 -37.18
C GLY A 51 10.00 12.93 -38.19
N PRO A 52 8.82 13.41 -37.78
CA PRO A 52 7.63 13.44 -38.64
C PRO A 52 7.76 14.45 -39.77
N ILE A 53 8.40 15.59 -39.47
CA ILE A 53 8.58 16.64 -40.47
C ILE A 53 10.06 16.96 -40.65
N THR A 54 10.46 17.17 -41.90
CA THR A 54 11.85 17.48 -42.22
C THR A 54 12.29 18.77 -41.54
N SER A 55 13.50 19.23 -41.88
CA SER A 55 14.04 20.45 -41.29
C SER A 55 13.06 21.60 -41.45
N ILE A 56 12.76 22.28 -40.33
CA ILE A 56 11.84 23.40 -40.34
C ILE A 56 12.46 24.62 -41.00
N PRO A 57 11.71 25.26 -41.91
CA PRO A 57 12.18 26.46 -42.63
C PRO A 57 12.28 27.67 -41.71
N ASP A 58 13.45 28.32 -41.72
CA ASP A 58 13.69 29.49 -40.90
C ASP A 58 12.73 30.62 -41.28
N SER A 59 12.77 31.70 -40.51
CA SER A 59 11.90 32.85 -40.75
C SER A 59 12.60 33.88 -41.62
N LEU A 60 11.81 34.74 -42.25
CA LEU A 60 12.36 35.79 -43.11
C LEU A 60 13.20 36.77 -42.31
N GLY A 61 14.52 36.72 -42.53
CA GLY A 61 15.41 37.61 -41.82
C GLY A 61 16.67 37.92 -42.60
N GLY A 62 17.82 37.46 -42.11
CA GLY A 62 19.08 37.70 -42.79
C GLY A 62 20.26 37.13 -42.03
N PRO A 63 21.47 37.33 -42.58
CA PRO A 63 22.70 36.84 -41.97
C PRO A 63 23.06 37.58 -40.69
N PHE A 64 24.21 37.25 -40.12
CA PHE A 64 24.67 37.89 -38.89
C PHE A 64 26.18 37.92 -38.82
N ALA A 65 26.74 39.10 -38.65
CA ALA A 65 28.19 39.28 -38.57
C ALA A 65 28.56 40.29 -37.50
N SER A 66 29.87 40.48 -37.30
CA SER A 66 30.36 41.42 -36.31
C SER A 66 31.32 42.42 -36.94
N VAL A 67 31.89 43.29 -36.10
CA VAL A 67 32.82 44.30 -36.58
C VAL A 67 34.07 44.35 -35.71
N LEU A 68 35.24 44.44 -36.36
CA LEU A 68 36.51 44.49 -35.65
C LEU A 68 37.08 45.90 -35.65
N SER A 69 36.69 46.69 -36.64
CA SER A 69 37.17 48.06 -36.76
C SER A 69 36.38 48.99 -35.84
N SER A 70 37.07 49.96 -35.25
CA SER A 70 36.44 50.91 -34.35
C SER A 70 36.96 52.32 -34.59
N LEU A 71 36.14 53.32 -34.27
CA LEU A 71 36.51 54.71 -34.46
C LEU A 71 37.57 55.14 -33.44
N GLN A 72 38.74 55.53 -33.94
CA GLN A 72 39.83 55.96 -33.07
C GLN A 72 40.35 57.32 -33.49
N ARG A 73 40.72 58.14 -32.51
CA ARG A 73 41.24 59.47 -32.78
C ARG A 73 42.60 59.68 -32.11
N PRO A 74 43.63 59.04 -32.66
CA PRO A 74 45.00 59.14 -32.14
C PRO A 74 45.61 60.52 -32.35
N ASN A 75 45.33 61.11 -33.51
CA ASN A 75 45.85 62.43 -33.83
C ASN A 75 45.09 63.52 -33.09
N GLY A 76 45.62 64.74 -33.11
CA GLY A 76 44.97 65.84 -32.43
C GLY A 76 45.97 66.81 -31.82
N ALA A 77 45.70 67.23 -30.59
CA ALA A 77 46.58 68.17 -29.90
C ALA A 77 46.80 69.43 -30.73
N LYS A 78 45.76 70.27 -30.81
CA LYS A 78 45.86 71.51 -31.57
C LYS A 78 45.26 72.67 -30.77
N ALA A 79 46.11 73.63 -30.44
CA ALA A 79 45.69 74.81 -29.68
C ALA A 79 46.45 76.05 -30.10
N ALA A 80 45.74 77.03 -30.64
CA ALA A 80 46.36 78.28 -31.08
C ALA A 80 47.05 78.98 -29.92
N LEU A 81 48.38 78.98 -29.95
CA LEU A 81 49.16 79.63 -28.90
C LEU A 81 50.12 80.65 -29.49
N VAL A 82 49.79 81.93 -29.31
CA VAL A 82 50.63 83.02 -29.83
C VAL A 82 51.05 83.96 -28.72
N LYS A 83 52.26 84.49 -28.81
CA LYS A 83 52.78 85.41 -27.81
C LYS A 83 54.08 86.05 -28.30
N SER A 84 54.12 87.38 -28.25
CA SER A 84 55.29 88.13 -28.69
C SER A 84 56.54 87.66 -27.95
N SER A 85 57.42 86.98 -28.68
CA SER A 85 58.66 86.47 -28.09
C SER A 85 59.87 87.06 -28.81
N MET A 86 59.89 86.96 -30.13
CA MET A 86 61.00 87.47 -30.92
C MET A 86 61.04 89.00 -30.86
N PHE A 87 59.94 89.63 -31.28
CA PHE A 87 59.84 91.08 -31.28
C PHE A 87 59.66 91.61 -29.87
N GLY A 1 -26.68 -4.28 47.69
CA GLY A 1 -27.67 -3.86 46.71
C GLY A 1 -27.35 -4.36 45.32
N PRO A 2 -27.50 -5.68 45.10
CA PRO A 2 -27.23 -6.31 43.81
C PRO A 2 -28.25 -5.92 42.75
N GLY A 3 -27.96 -6.27 41.50
CA GLY A 3 -28.88 -5.95 40.41
C GLY A 3 -29.79 -7.11 40.06
N GLY A 4 -30.17 -7.20 38.79
CA GLY A 4 -31.05 -8.27 38.36
C GLY A 4 -30.79 -8.68 36.93
N PRO A 5 -31.37 -9.82 36.52
CA PRO A 5 -31.21 -10.35 35.17
C PRO A 5 -31.94 -9.51 34.12
N GLY A 6 -31.91 -9.95 32.87
CA GLY A 6 -32.56 -9.22 31.81
C GLY A 6 -31.60 -8.34 31.04
N GLY A 7 -30.69 -8.96 30.29
CA GLY A 7 -29.72 -8.21 29.52
C GLY A 7 -30.01 -8.24 28.03
N GLU A 8 -29.12 -7.65 27.24
CA GLU A 8 -29.30 -7.61 25.79
C GLU A 8 -27.96 -7.81 25.08
N PRO A 9 -27.42 -9.03 25.17
CA PRO A 9 -26.15 -9.38 24.54
C PRO A 9 -26.24 -9.44 23.02
N GLY A 10 -25.24 -8.86 22.35
CA GLY A 10 -25.23 -8.86 20.90
C GLY A 10 -24.55 -10.08 20.32
N LYS A 11 -24.58 -10.19 19.00
CA LYS A 11 -23.96 -11.33 18.31
C LYS A 11 -23.03 -10.85 17.20
N GLY A 12 -23.50 -9.89 16.40
CA GLY A 12 -22.69 -9.37 15.31
C GLY A 12 -22.81 -10.19 14.05
N GLY A 13 -21.86 -10.02 13.14
CA GLY A 13 -21.89 -10.77 11.89
C GLY A 13 -20.52 -11.24 11.47
N ALA A 14 -20.23 -12.51 11.75
CA ALA A 14 -18.93 -13.09 11.40
C ALA A 14 -18.76 -13.17 9.89
N ALA A 15 -19.82 -13.57 9.19
CA ALA A 15 -19.78 -13.68 7.74
C ALA A 15 -19.91 -12.31 7.08
N ALA A 16 -20.78 -11.48 7.63
CA ALA A 16 -21.00 -10.14 7.09
C ALA A 16 -19.68 -9.35 7.05
N ALA A 17 -18.88 -9.52 8.09
CA ALA A 17 -17.60 -8.82 8.19
C ALA A 17 -16.55 -9.47 7.28
N ALA A 18 -16.53 -10.79 7.27
CA ALA A 18 -15.59 -11.53 6.45
C ALA A 18 -15.72 -11.16 4.98
N ALA A 19 -16.96 -10.95 4.55
CA ALA A 19 -17.23 -10.59 3.16
C ALA A 19 -16.39 -9.39 2.73
N ALA A 20 -16.29 -8.40 3.61
CA ALA A 20 -15.52 -7.19 3.33
C ALA A 20 -14.03 -7.49 3.32
N ALA A 21 -13.60 -8.36 4.22
CA ALA A 21 -12.19 -8.73 4.32
C ALA A 21 -11.70 -9.39 3.04
N ALA A 22 -12.57 -10.18 2.42
CA ALA A 22 -12.23 -10.86 1.18
C ALA A 22 -11.74 -9.88 0.12
N ALA A 23 -12.39 -8.72 0.06
CA ALA A 23 -12.04 -7.69 -0.91
C ALA A 23 -10.85 -6.87 -0.41
N ALA A 24 -10.87 -6.53 0.88
CA ALA A 24 -9.80 -5.73 1.47
C ALA A 24 -8.45 -6.44 1.32
N ALA A 25 -8.46 -7.76 1.44
CA ALA A 25 -7.24 -8.54 1.31
C ALA A 25 -6.61 -8.36 -0.07
N ALA A 26 -7.44 -8.44 -1.11
CA ALA A 26 -6.96 -8.29 -2.48
C ALA A 26 -6.46 -6.86 -2.71
N ALA A 27 -7.16 -5.89 -2.14
CA ALA A 27 -6.78 -4.49 -2.29
C ALA A 27 -5.48 -4.18 -1.56
N ALA A 28 -5.35 -4.74 -0.36
CA ALA A 28 -4.15 -4.52 0.45
C ALA A 28 -2.94 -5.22 -0.17
N ALA A 29 -3.13 -6.48 -0.57
CA ALA A 29 -2.06 -7.26 -1.16
C ALA A 29 -1.62 -6.65 -2.50
N ALA A 30 -2.59 -6.19 -3.28
CA ALA A 30 -2.30 -5.59 -4.58
C ALA A 30 -1.58 -4.27 -4.42
N ALA A 31 -2.06 -3.45 -3.48
CA ALA A 31 -1.45 -2.14 -3.23
C ALA A 31 0.01 -2.28 -2.82
N ALA A 32 0.30 -3.29 -2.01
CA ALA A 32 1.66 -3.54 -1.54
C ALA A 32 2.51 -4.15 -2.64
N ALA A 33 1.93 -5.11 -3.37
CA ALA A 33 2.64 -5.78 -4.45
C ALA A 33 2.09 -5.35 -5.81
N GLY A 34 2.75 -4.38 -6.42
CA GLY A 34 2.32 -3.88 -7.72
C GLY A 34 2.24 -2.38 -7.78
N GLY A 35 2.88 -1.79 -8.79
CA GLY A 35 2.88 -0.35 -8.93
C GLY A 35 4.16 0.19 -9.54
N LEU A 36 4.04 0.82 -10.70
CA LEU A 36 5.20 1.38 -11.39
C LEU A 36 4.77 2.37 -12.46
N ALA A 37 5.60 3.39 -12.68
CA ALA A 37 5.30 4.41 -13.68
C ALA A 37 5.97 4.08 -15.01
N ALA A 38 7.22 3.61 -14.94
CA ALA A 38 7.96 3.26 -16.14
C ALA A 38 8.55 1.85 -16.03
N ALA A 39 8.93 1.28 -17.16
CA ALA A 39 9.51 -0.06 -17.19
C ALA A 39 11.04 0.00 -17.20
N GLY A 40 11.63 -0.16 -16.01
CA GLY A 40 13.07 -0.13 -15.90
C GLY A 40 13.60 1.24 -15.50
N GLY A 41 14.44 1.83 -16.35
CA GLY A 41 14.99 3.14 -16.06
C GLY A 41 15.73 3.73 -17.24
N PRO A 42 16.21 4.97 -17.08
CA PRO A 42 16.96 5.67 -18.13
C PRO A 42 18.33 5.06 -18.38
N GLY A 43 18.36 3.97 -19.14
CA GLY A 43 19.62 3.30 -19.43
C GLY A 43 19.74 1.95 -18.76
N GLN A 44 20.95 1.59 -18.37
CA GLN A 44 21.20 0.31 -17.71
C GLN A 44 21.64 0.51 -16.28
N GLY A 45 20.94 1.38 -15.56
CA GLY A 45 21.28 1.65 -14.17
C GLY A 45 22.66 2.27 -14.02
N TRP A 46 22.81 3.50 -14.50
CA TRP A 46 24.08 4.20 -14.42
C TRP A 46 24.58 4.27 -12.98
N ALA A 47 23.64 4.43 -12.04
CA ALA A 47 23.98 4.51 -10.63
C ALA A 47 23.33 3.37 -9.84
N PRO A 48 23.87 3.09 -8.65
CA PRO A 48 23.36 2.03 -7.78
C PRO A 48 21.99 2.37 -7.19
N GLY A 49 21.03 1.46 -7.37
CA GLY A 49 19.70 1.68 -6.85
C GLY A 49 18.95 0.38 -6.62
N PRO A 50 18.57 -0.30 -7.71
CA PRO A 50 17.84 -1.56 -7.66
C PRO A 50 18.70 -2.71 -7.12
N GLY A 51 18.20 -3.39 -6.09
CA GLY A 51 18.94 -4.50 -5.51
C GLY A 51 18.08 -5.73 -5.35
N PRO A 52 18.58 -6.71 -4.58
CA PRO A 52 17.88 -7.97 -4.33
C PRO A 52 16.65 -7.78 -3.46
N ILE A 53 16.74 -6.85 -2.51
CA ILE A 53 15.62 -6.57 -1.61
C ILE A 53 14.35 -6.25 -2.38
N THR A 54 13.22 -6.31 -1.70
CA THR A 54 11.93 -6.02 -2.32
C THR A 54 11.39 -4.66 -1.87
N SER A 55 11.59 -4.35 -0.60
CA SER A 55 11.13 -3.09 -0.05
C SER A 55 12.20 -2.01 -0.15
N ILE A 56 12.41 -1.51 -1.36
CA ILE A 56 13.41 -0.47 -1.60
C ILE A 56 12.88 0.91 -1.21
N PRO A 57 13.71 1.67 -0.45
CA PRO A 57 13.35 3.01 0.00
C PRO A 57 13.31 4.02 -1.15
N ASP A 58 12.46 5.03 -1.01
CA ASP A 58 12.32 6.06 -2.03
C ASP A 58 13.23 7.25 -1.74
N SER A 59 14.06 7.60 -2.71
CA SER A 59 14.99 8.72 -2.55
C SER A 59 14.32 10.04 -2.94
N LEU A 60 13.99 10.17 -4.23
CA LEU A 60 13.36 11.38 -4.73
C LEU A 60 12.00 11.07 -5.36
N GLY A 61 10.93 11.50 -4.71
CA GLY A 61 9.59 11.25 -5.23
C GLY A 61 8.57 11.10 -4.12
N GLY A 62 7.70 12.10 -3.98
CA GLY A 62 6.67 12.07 -2.96
C GLY A 62 5.67 13.18 -3.11
N PRO A 63 4.67 13.22 -2.21
CA PRO A 63 3.62 14.24 -2.22
C PRO A 63 4.14 15.62 -1.84
N PHE A 64 3.27 16.61 -1.93
CA PHE A 64 3.65 17.99 -1.59
C PHE A 64 4.90 18.41 -2.35
N ALA A 65 4.74 18.69 -3.64
CA ALA A 65 5.85 19.11 -4.48
C ALA A 65 5.46 20.28 -5.36
N SER A 66 4.28 20.21 -5.97
CA SER A 66 3.79 21.27 -6.84
C SER A 66 2.57 21.94 -6.24
N VAL A 67 2.50 23.26 -6.40
CA VAL A 67 1.37 24.03 -5.87
C VAL A 67 0.78 24.94 -6.94
N LEU A 68 -0.55 24.97 -7.01
CA LEU A 68 -1.23 25.80 -7.99
C LEU A 68 -2.00 26.93 -7.31
N SER A 69 -2.36 26.71 -6.04
CA SER A 69 -3.10 27.71 -5.28
C SER A 69 -2.14 28.57 -4.46
N SER A 70 -2.45 29.87 -4.38
CA SER A 70 -1.61 30.80 -3.63
C SER A 70 -2.02 30.84 -2.17
N LEU A 71 -1.12 31.33 -1.32
CA LEU A 71 -1.39 31.42 0.11
C LEU A 71 -1.45 32.88 0.56
N GLN A 72 -2.66 33.38 0.74
CA GLN A 72 -2.85 34.76 1.17
C GLN A 72 -3.08 34.84 2.67
N ARG A 73 -4.11 34.16 3.15
CA ARG A 73 -4.44 34.15 4.57
C ARG A 73 -4.55 35.57 5.11
N PRO A 74 -5.61 36.28 4.70
CA PRO A 74 -5.87 37.65 5.13
C PRO A 74 -6.26 37.74 6.60
N ASN A 75 -5.50 38.51 7.37
CA ASN A 75 -5.78 38.68 8.79
C ASN A 75 -6.57 39.96 9.05
N GLY A 76 -7.50 39.89 9.99
CA GLY A 76 -8.32 41.05 10.32
C GLY A 76 -7.50 42.20 10.87
N ALA A 77 -7.71 43.39 10.33
CA ALA A 77 -6.99 44.57 10.78
C ALA A 77 -7.08 44.74 12.30
N LYS A 78 -5.95 44.94 12.94
CA LYS A 78 -5.90 45.12 14.39
C LYS A 78 -5.54 46.56 14.75
N ALA A 79 -6.55 47.37 15.05
CA ALA A 79 -6.33 48.76 15.41
C ALA A 79 -6.54 48.97 16.91
N ALA A 80 -5.81 49.94 17.47
CA ALA A 80 -5.91 50.24 18.90
C ALA A 80 -5.60 49.01 19.74
N LEU A 81 -4.55 48.29 19.37
CA LEU A 81 -4.15 47.08 20.10
C LEU A 81 -2.72 47.21 20.60
N VAL A 82 -2.59 47.49 21.90
CA VAL A 82 -1.27 47.64 22.52
C VAL A 82 -0.92 46.41 23.34
N LYS A 83 0.31 45.90 23.14
CA LYS A 83 0.78 44.72 23.86
C LYS A 83 1.55 45.12 25.12
N SER A 84 0.99 46.08 25.87
CA SER A 84 1.63 46.55 27.09
C SER A 84 1.10 45.80 28.32
N SER A 85 2.01 45.28 29.13
CA SER A 85 1.63 44.55 30.33
C SER A 85 2.49 44.97 31.52
N MET A 86 1.85 45.13 32.67
CA MET A 86 2.55 45.53 33.89
C MET A 86 3.75 44.61 34.15
N PHE A 87 3.54 43.31 33.97
CA PHE A 87 4.60 42.34 34.18
C PHE A 87 5.12 41.80 32.86
N GLY A 1 -38.78 -25.22 23.79
CA GLY A 1 -38.44 -24.88 25.16
C GLY A 1 -39.28 -23.72 25.69
N PRO A 2 -40.54 -24.03 26.03
CA PRO A 2 -41.48 -23.03 26.56
C PRO A 2 -41.10 -22.57 27.96
N GLY A 3 -40.83 -23.53 28.85
CA GLY A 3 -40.46 -23.21 30.22
C GLY A 3 -39.34 -24.08 30.73
N GLY A 4 -38.15 -23.51 30.84
CA GLY A 4 -37.01 -24.27 31.34
C GLY A 4 -35.75 -23.42 31.45
N PRO A 5 -34.74 -23.94 32.15
CA PRO A 5 -33.47 -23.25 32.35
C PRO A 5 -32.66 -23.14 31.06
N GLY A 6 -32.57 -24.25 30.33
CA GLY A 6 -31.82 -24.27 29.09
C GLY A 6 -32.32 -23.26 28.10
N GLY A 7 -31.47 -22.91 27.13
CA GLY A 7 -31.85 -21.93 26.12
C GLY A 7 -31.04 -22.06 24.85
N GLU A 8 -31.32 -21.19 23.89
CA GLU A 8 -30.60 -21.21 22.61
C GLU A 8 -29.89 -19.89 22.37
N PRO A 9 -28.85 -19.93 21.52
CA PRO A 9 -28.07 -18.74 21.17
C PRO A 9 -28.86 -17.75 20.33
N GLY A 10 -28.47 -16.47 20.40
CA GLY A 10 -29.15 -15.45 19.64
C GLY A 10 -28.59 -15.30 18.24
N LYS A 11 -28.94 -14.20 17.58
CA LYS A 11 -28.46 -13.93 16.22
C LYS A 11 -27.58 -12.69 16.18
N GLY A 12 -26.67 -12.65 15.21
CA GLY A 12 -25.78 -11.51 15.09
C GLY A 12 -25.49 -11.15 13.64
N GLY A 13 -24.24 -11.34 13.22
CA GLY A 13 -23.86 -11.02 11.86
C GLY A 13 -22.37 -10.81 11.71
N ALA A 14 -21.58 -11.74 12.25
CA ALA A 14 -20.13 -11.65 12.17
C ALA A 14 -19.64 -12.08 10.79
N ALA A 15 -20.22 -13.15 10.26
CA ALA A 15 -19.84 -13.67 8.95
C ALA A 15 -19.94 -12.59 7.88
N ALA A 16 -20.99 -11.78 7.97
CA ALA A 16 -21.20 -10.71 7.01
C ALA A 16 -19.96 -9.83 6.89
N ALA A 17 -19.28 -9.60 8.00
CA ALA A 17 -18.08 -8.78 8.02
C ALA A 17 -16.88 -9.56 7.49
N ALA A 18 -16.83 -10.84 7.82
CA ALA A 18 -15.73 -11.70 7.38
C ALA A 18 -15.55 -11.64 5.87
N ALA A 19 -16.67 -11.60 5.14
CA ALA A 19 -16.64 -11.54 3.69
C ALA A 19 -15.95 -10.26 3.21
N ALA A 20 -16.16 -9.17 3.95
CA ALA A 20 -15.55 -7.89 3.60
C ALA A 20 -14.04 -7.99 3.57
N ALA A 21 -13.48 -8.75 4.51
CA ALA A 21 -12.04 -8.93 4.59
C ALA A 21 -11.48 -9.51 3.29
N ALA A 22 -12.19 -10.50 2.74
CA ALA A 22 -11.76 -11.13 1.50
C ALA A 22 -11.57 -10.10 0.39
N ALA A 23 -12.47 -9.13 0.33
CA ALA A 23 -12.40 -8.08 -0.68
C ALA A 23 -11.23 -7.13 -0.40
N ALA A 24 -10.98 -6.87 0.87
CA ALA A 24 -9.90 -5.98 1.27
C ALA A 24 -8.55 -6.51 0.80
N ALA A 25 -8.38 -7.83 0.88
CA ALA A 25 -7.13 -8.46 0.47
C ALA A 25 -6.76 -8.07 -0.96
N ALA A 26 -7.76 -8.05 -1.84
CA ALA A 26 -7.54 -7.69 -3.24
C ALA A 26 -6.82 -6.35 -3.35
N ALA A 27 -7.17 -5.42 -2.47
CA ALA A 27 -6.56 -4.09 -2.47
C ALA A 27 -5.17 -4.13 -1.85
N ALA A 28 -5.00 -4.95 -0.81
CA ALA A 28 -3.72 -5.09 -0.14
C ALA A 28 -2.63 -5.50 -1.12
N ALA A 29 -2.93 -6.47 -1.97
CA ALA A 29 -1.97 -6.96 -2.96
C ALA A 29 -1.42 -5.81 -3.80
N ALA A 30 -2.32 -4.89 -4.19
CA ALA A 30 -1.92 -3.75 -4.99
C ALA A 30 -0.87 -2.90 -4.27
N ALA A 31 -1.02 -2.78 -2.96
CA ALA A 31 -0.10 -2.00 -2.16
C ALA A 31 1.22 -2.74 -1.96
N ALA A 32 1.14 -4.05 -1.78
CA ALA A 32 2.32 -4.87 -1.59
C ALA A 32 3.19 -4.90 -2.85
N ALA A 33 2.54 -4.98 -4.00
CA ALA A 33 3.25 -5.00 -5.28
C ALA A 33 3.42 -3.59 -5.85
N GLY A 34 4.16 -2.75 -5.12
CA GLY A 34 4.38 -1.39 -5.56
C GLY A 34 3.41 -0.41 -4.93
N GLY A 35 3.96 0.69 -4.40
CA GLY A 35 3.12 1.70 -3.77
C GLY A 35 3.59 3.11 -4.06
N LEU A 36 3.67 3.93 -3.02
CA LEU A 36 4.12 5.31 -3.17
C LEU A 36 5.39 5.56 -2.38
N ALA A 37 6.30 6.32 -2.98
CA ALA A 37 7.58 6.64 -2.33
C ALA A 37 7.93 8.11 -2.53
N ALA A 38 8.84 8.61 -1.69
CA ALA A 38 9.27 10.00 -1.77
C ALA A 38 10.04 10.26 -3.06
N ALA A 39 10.35 11.53 -3.31
CA ALA A 39 11.08 11.92 -4.51
C ALA A 39 12.57 12.04 -4.23
N GLY A 40 12.96 13.10 -3.53
CA GLY A 40 14.35 13.32 -3.21
C GLY A 40 14.62 14.72 -2.69
N GLY A 41 15.89 15.10 -2.65
CA GLY A 41 16.26 16.41 -2.16
C GLY A 41 15.71 16.69 -0.78
N PRO A 42 16.33 16.07 0.24
CA PRO A 42 15.91 16.24 1.64
C PRO A 42 16.22 17.63 2.17
N GLY A 43 15.18 18.43 2.36
CA GLY A 43 15.36 19.79 2.87
C GLY A 43 15.40 20.82 1.75
N GLN A 44 15.61 22.08 2.13
CA GLN A 44 15.68 23.16 1.16
C GLN A 44 16.79 24.15 1.52
N GLY A 45 17.37 24.76 0.50
CA GLY A 45 18.43 25.73 0.72
C GLY A 45 19.64 25.48 -0.16
N TRP A 46 19.53 25.87 -1.43
CA TRP A 46 20.61 25.68 -2.38
C TRP A 46 21.47 26.93 -2.47
N ALA A 47 20.82 28.10 -2.44
CA ALA A 47 21.53 29.37 -2.52
C ALA A 47 21.89 29.89 -1.13
N PRO A 48 22.87 30.80 -1.08
CA PRO A 48 23.33 31.40 0.18
C PRO A 48 22.29 32.32 0.80
N GLY A 49 22.07 32.17 2.11
CA GLY A 49 21.11 33.00 2.79
C GLY A 49 21.77 34.05 3.66
N PRO A 50 20.95 34.99 4.19
CA PRO A 50 21.44 36.07 5.04
C PRO A 50 21.91 35.57 6.40
N GLY A 51 23.11 35.97 6.80
CA GLY A 51 23.65 35.56 8.08
C GLY A 51 24.05 34.10 8.09
N PRO A 52 25.13 33.77 7.35
CA PRO A 52 25.65 32.40 7.26
C PRO A 52 26.27 31.93 8.57
N ILE A 53 26.98 32.83 9.24
CA ILE A 53 27.63 32.51 10.51
C ILE A 53 27.22 33.49 11.60
N THR A 54 27.60 33.17 12.84
CA THR A 54 27.26 34.01 13.98
C THR A 54 28.52 34.38 14.77
N SER A 55 29.11 33.38 15.41
CA SER A 55 30.32 33.60 16.20
C SER A 55 31.56 33.11 15.45
N ILE A 56 32.35 34.04 14.94
CA ILE A 56 33.56 33.71 14.21
C ILE A 56 34.57 32.99 15.10
N PRO A 57 35.13 31.89 14.59
CA PRO A 57 36.11 31.09 15.33
C PRO A 57 37.44 31.81 15.49
N ASP A 58 38.17 31.49 16.55
CA ASP A 58 39.46 32.10 16.81
C ASP A 58 40.49 31.69 15.76
N SER A 59 40.69 32.54 14.77
CA SER A 59 41.64 32.28 13.70
C SER A 59 43.05 32.08 14.26
N LEU A 60 43.43 32.92 15.21
CA LEU A 60 44.75 32.85 15.82
C LEU A 60 44.63 32.48 17.30
N GLY A 61 45.63 31.76 17.80
CA GLY A 61 45.63 31.36 19.20
C GLY A 61 46.96 30.79 19.64
N GLY A 62 47.90 31.68 19.95
CA GLY A 62 49.22 31.24 20.39
C GLY A 62 49.69 31.97 21.63
N PRO A 63 49.09 31.64 22.79
CA PRO A 63 49.44 32.27 24.06
C PRO A 63 50.83 31.86 24.55
N PHE A 64 51.27 32.46 25.66
CA PHE A 64 52.58 32.16 26.22
C PHE A 64 53.68 32.42 25.19
N ALA A 65 53.65 33.59 24.57
CA ALA A 65 54.63 33.96 23.58
C ALA A 65 55.59 35.03 24.12
N SER A 66 55.03 35.99 24.85
CA SER A 66 55.82 37.08 25.42
C SER A 66 56.56 36.60 26.67
N VAL A 67 57.63 35.83 26.47
CA VAL A 67 58.42 35.31 27.57
C VAL A 67 59.49 36.31 27.99
N LEU A 68 59.23 37.04 29.06
CA LEU A 68 60.18 38.04 29.57
C LEU A 68 60.69 37.64 30.96
N SER A 69 60.69 36.35 31.24
CA SER A 69 61.14 35.85 32.53
C SER A 69 62.66 35.98 32.66
N SER A 70 63.13 36.12 33.90
CA SER A 70 64.55 36.26 34.16
C SER A 70 65.34 35.11 33.55
N LEU A 71 66.65 35.30 33.42
CA LEU A 71 67.52 34.28 32.83
C LEU A 71 68.38 33.62 33.91
N GLN A 72 67.74 32.84 34.78
CA GLN A 72 68.45 32.16 35.86
C GLN A 72 69.27 33.14 36.68
N ARG A 73 68.71 34.32 36.91
CA ARG A 73 69.39 35.35 37.69
C ARG A 73 70.75 35.68 37.08
N PRO A 74 70.72 36.35 35.91
CA PRO A 74 71.95 36.74 35.21
C PRO A 74 72.72 37.83 35.93
N ASN A 75 74.02 37.62 36.11
CA ASN A 75 74.87 38.59 36.79
C ASN A 75 74.33 38.89 38.19
N GLY A 76 74.32 37.88 39.05
CA GLY A 76 73.83 38.06 40.40
C GLY A 76 74.21 36.92 41.31
N ALA A 77 75.44 36.95 41.82
CA ALA A 77 75.93 35.91 42.72
C ALA A 77 75.58 36.22 44.17
N LYS A 78 74.31 36.05 44.52
CA LYS A 78 73.84 36.31 45.88
C LYS A 78 74.21 37.73 46.31
N ALA A 79 74.10 38.68 45.38
CA ALA A 79 74.42 40.07 45.66
C ALA A 79 73.16 40.93 45.71
N ALA A 80 72.14 40.42 46.39
CA ALA A 80 70.87 41.14 46.51
C ALA A 80 71.03 42.40 47.34
N LEU A 81 71.69 42.27 48.49
CA LEU A 81 71.91 43.41 49.38
C LEU A 81 73.04 43.11 50.37
N VAL A 82 73.80 44.14 50.71
CA VAL A 82 74.91 43.99 51.64
C VAL A 82 74.56 44.57 53.01
N LYS A 83 74.27 45.87 53.05
CA LYS A 83 73.91 46.54 54.29
C LYS A 83 72.40 46.70 54.40
N SER A 84 71.82 46.11 55.45
CA SER A 84 70.38 46.20 55.67
C SER A 84 69.99 47.57 56.23
N SER A 85 69.26 48.34 55.44
CA SER A 85 68.83 49.66 55.84
C SER A 85 67.42 49.62 56.43
N MET A 86 66.45 49.33 55.58
CA MET A 86 65.05 49.25 56.01
C MET A 86 64.76 47.91 56.67
N PHE A 87 63.90 47.93 57.68
CA PHE A 87 63.53 46.72 58.40
C PHE A 87 63.00 45.64 57.45
N GLY A 1 -18.88 -21.60 26.20
CA GLY A 1 -18.08 -20.61 26.90
C GLY A 1 -16.83 -20.20 26.13
N PRO A 2 -15.86 -21.12 26.06
CA PRO A 2 -14.60 -20.88 25.35
C PRO A 2 -14.78 -20.81 23.84
N GLY A 3 -13.88 -20.08 23.18
CA GLY A 3 -13.96 -19.95 21.73
C GLY A 3 -15.10 -19.04 21.30
N GLY A 4 -14.81 -17.75 21.21
CA GLY A 4 -15.83 -16.79 20.81
C GLY A 4 -16.99 -16.74 21.77
N PRO A 5 -17.89 -15.76 21.59
CA PRO A 5 -19.07 -15.58 22.43
C PRO A 5 -20.10 -16.69 22.23
N GLY A 6 -20.26 -17.11 20.99
CA GLY A 6 -21.22 -18.16 20.68
C GLY A 6 -21.31 -18.45 19.20
N GLY A 7 -22.24 -19.34 18.83
CA GLY A 7 -22.40 -19.69 17.43
C GLY A 7 -23.65 -19.08 16.82
N GLU A 8 -23.47 -18.10 15.94
CA GLU A 8 -24.59 -17.43 15.30
C GLU A 8 -25.48 -16.74 16.32
N PRO A 9 -24.96 -15.65 16.91
CA PRO A 9 -25.69 -14.87 17.92
C PRO A 9 -26.87 -14.11 17.32
N GLY A 10 -26.64 -13.47 16.18
CA GLY A 10 -27.69 -12.72 15.52
C GLY A 10 -27.49 -11.22 15.64
N LYS A 11 -26.93 -10.78 16.76
CA LYS A 11 -26.68 -9.36 16.99
C LYS A 11 -25.43 -8.90 16.24
N GLY A 12 -25.64 -8.18 15.13
CA GLY A 12 -24.52 -7.70 14.35
C GLY A 12 -24.41 -8.39 13.00
N GLY A 13 -23.19 -8.75 12.62
CA GLY A 13 -22.97 -9.42 11.36
C GLY A 13 -21.60 -10.06 11.25
N ALA A 14 -21.47 -11.23 11.85
CA ALA A 14 -20.20 -11.96 11.82
C ALA A 14 -19.89 -12.49 10.43
N ALA A 15 -20.93 -12.93 9.73
CA ALA A 15 -20.78 -13.47 8.39
C ALA A 15 -20.22 -12.41 7.44
N ALA A 16 -20.66 -11.17 7.61
CA ALA A 16 -20.20 -10.08 6.78
C ALA A 16 -18.78 -9.64 7.17
N ALA A 17 -18.51 -9.65 8.47
CA ALA A 17 -17.19 -9.25 8.96
C ALA A 17 -16.09 -10.02 8.24
N ALA A 18 -16.34 -11.29 7.98
CA ALA A 18 -15.35 -12.13 7.29
C ALA A 18 -15.38 -11.89 5.79
N ALA A 19 -16.59 -11.74 5.24
CA ALA A 19 -16.74 -11.50 3.81
C ALA A 19 -15.95 -10.28 3.36
N ALA A 20 -16.14 -9.17 4.07
CA ALA A 20 -15.44 -7.93 3.74
C ALA A 20 -13.93 -8.16 3.67
N ALA A 21 -13.41 -8.99 4.56
CA ALA A 21 -11.99 -9.29 4.59
C ALA A 21 -11.55 -9.99 3.31
N ALA A 22 -12.41 -10.84 2.77
CA ALA A 22 -12.11 -11.56 1.54
C ALA A 22 -11.90 -10.60 0.38
N ALA A 23 -12.72 -9.55 0.32
CA ALA A 23 -12.62 -8.56 -0.74
C ALA A 23 -11.48 -7.59 -0.49
N ALA A 24 -11.31 -7.20 0.78
CA ALA A 24 -10.24 -6.28 1.16
C ALA A 24 -8.89 -6.82 0.76
N ALA A 25 -8.68 -8.12 0.97
CA ALA A 25 -7.42 -8.76 0.64
C ALA A 25 -7.02 -8.47 -0.82
N ALA A 26 -8.01 -8.45 -1.69
CA ALA A 26 -7.77 -8.18 -3.11
C ALA A 26 -6.98 -6.89 -3.30
N ALA A 27 -7.52 -5.79 -2.76
CA ALA A 27 -6.86 -4.50 -2.87
C ALA A 27 -5.53 -4.48 -2.13
N ALA A 28 -5.48 -5.18 -1.00
CA ALA A 28 -4.26 -5.25 -0.20
C ALA A 28 -3.07 -5.70 -1.05
N ALA A 29 -3.32 -6.61 -1.97
CA ALA A 29 -2.27 -7.12 -2.84
C ALA A 29 -1.56 -5.98 -3.57
N ALA A 30 -2.35 -5.11 -4.20
CA ALA A 30 -1.80 -3.97 -4.92
C ALA A 30 -0.89 -3.13 -4.02
N ALA A 31 -1.28 -3.00 -2.76
CA ALA A 31 -0.51 -2.22 -1.79
C ALA A 31 0.94 -2.68 -1.76
N ALA A 32 1.14 -3.99 -1.77
CA ALA A 32 2.48 -4.56 -1.75
C ALA A 32 3.34 -3.98 -2.87
N ALA A 33 2.74 -3.77 -4.03
CA ALA A 33 3.45 -3.22 -5.18
C ALA A 33 4.05 -1.86 -4.85
N GLY A 34 4.87 -1.35 -5.77
CA GLY A 34 5.49 -0.05 -5.55
C GLY A 34 6.31 0.39 -6.75
N GLY A 35 7.34 1.21 -6.49
CA GLY A 35 8.19 1.70 -7.56
C GLY A 35 9.58 2.03 -7.08
N LEU A 36 10.08 3.20 -7.50
CA LEU A 36 11.42 3.63 -7.11
C LEU A 36 11.39 5.05 -6.56
N ALA A 37 12.53 5.52 -6.06
CA ALA A 37 12.64 6.87 -5.51
C ALA A 37 13.50 7.76 -6.40
N ALA A 38 14.80 7.50 -6.38
CA ALA A 38 15.75 8.28 -7.19
C ALA A 38 15.44 8.15 -8.67
N ALA A 39 15.51 9.26 -9.39
CA ALA A 39 15.24 9.27 -10.82
C ALA A 39 16.13 10.27 -11.55
N GLY A 40 16.36 10.03 -12.83
CA GLY A 40 17.19 10.92 -13.61
C GLY A 40 18.57 10.35 -13.87
N GLY A 41 19.52 11.20 -14.23
CA GLY A 41 20.87 10.75 -14.50
C GLY A 41 21.87 11.88 -14.47
N PRO A 42 23.17 11.53 -14.51
CA PRO A 42 24.26 12.51 -14.48
C PRO A 42 24.34 13.33 -15.77
N GLY A 43 25.17 14.37 -15.75
CA GLY A 43 25.32 15.21 -16.92
C GLY A 43 26.61 14.95 -17.67
N GLN A 44 26.68 15.40 -18.91
CA GLN A 44 27.87 15.20 -19.73
C GLN A 44 28.92 16.26 -19.42
N GLY A 45 28.47 17.49 -19.19
CA GLY A 45 29.38 18.58 -18.90
C GLY A 45 30.14 19.05 -20.12
N TRP A 46 29.60 20.05 -20.80
CA TRP A 46 30.23 20.60 -21.99
C TRP A 46 31.67 21.04 -21.70
N ALA A 47 32.41 21.33 -22.76
CA ALA A 47 33.80 21.78 -22.61
C ALA A 47 33.97 23.20 -23.12
N PRO A 48 35.07 23.85 -22.68
CA PRO A 48 35.37 25.23 -23.07
C PRO A 48 35.78 25.33 -24.54
N GLY A 49 35.14 26.24 -25.26
CA GLY A 49 35.45 26.42 -26.67
C GLY A 49 36.85 26.97 -26.89
N PRO A 50 37.22 27.16 -28.16
CA PRO A 50 38.54 27.67 -28.54
C PRO A 50 38.71 29.14 -28.16
N GLY A 51 39.81 29.45 -27.46
CA GLY A 51 40.07 30.82 -27.06
C GLY A 51 39.26 31.23 -25.85
N PRO A 52 39.54 32.43 -25.32
CA PRO A 52 38.85 32.96 -24.14
C PRO A 52 37.40 33.33 -24.44
N ILE A 53 37.19 34.02 -25.57
CA ILE A 53 35.86 34.44 -25.97
C ILE A 53 35.63 34.17 -27.46
N THR A 54 34.36 33.95 -27.83
CA THR A 54 34.01 33.70 -29.21
C THR A 54 34.59 34.76 -30.13
N SER A 55 34.54 36.00 -29.70
CA SER A 55 35.06 37.12 -30.49
C SER A 55 35.53 38.26 -29.58
N ILE A 56 36.68 38.06 -28.93
CA ILE A 56 37.23 39.07 -28.05
C ILE A 56 37.31 40.43 -28.73
N PRO A 57 37.31 41.51 -27.93
CA PRO A 57 37.39 42.88 -28.44
C PRO A 57 38.75 43.20 -29.03
N ASP A 58 38.80 44.24 -29.85
CA ASP A 58 40.05 44.66 -30.48
C ASP A 58 40.30 46.15 -30.25
N SER A 59 41.56 46.56 -30.44
CA SER A 59 41.94 47.95 -30.24
C SER A 59 41.54 48.80 -31.44
N LEU A 60 41.69 50.11 -31.31
CA LEU A 60 41.33 51.04 -32.38
C LEU A 60 42.58 51.70 -32.96
N GLY A 61 43.29 52.46 -32.12
CA GLY A 61 44.50 53.12 -32.57
C GLY A 61 44.98 54.17 -31.58
N GLY A 62 45.20 53.76 -30.34
CA GLY A 62 45.66 54.69 -29.32
C GLY A 62 44.57 55.07 -28.36
N PRO A 63 44.96 55.69 -27.23
CA PRO A 63 44.01 56.11 -26.20
C PRO A 63 43.15 57.29 -26.66
N PHE A 64 43.78 58.26 -27.32
CA PHE A 64 43.06 59.43 -27.82
C PHE A 64 43.96 60.25 -28.74
N ALA A 65 43.33 60.91 -29.71
CA ALA A 65 44.07 61.74 -30.67
C ALA A 65 44.41 63.10 -30.06
N SER A 66 45.70 63.33 -29.83
CA SER A 66 46.16 64.59 -29.25
C SER A 66 46.03 65.72 -30.26
N VAL A 67 46.15 66.96 -29.77
CA VAL A 67 46.05 68.14 -30.64
C VAL A 67 47.43 68.75 -30.89
N LEU A 68 47.70 69.08 -32.14
CA LEU A 68 48.98 69.67 -32.52
C LEU A 68 48.79 71.10 -33.02
N SER A 69 47.59 71.40 -33.51
CA SER A 69 47.28 72.73 -34.01
C SER A 69 47.18 73.73 -32.86
N SER A 70 47.69 74.95 -33.10
CA SER A 70 47.65 75.99 -32.08
C SER A 70 47.98 77.35 -32.70
N LEU A 71 47.35 78.40 -32.18
CA LEU A 71 47.57 79.75 -32.68
C LEU A 71 48.76 80.39 -31.97
N GLN A 72 48.70 80.43 -30.64
CA GLN A 72 49.77 81.01 -29.84
C GLN A 72 50.08 82.43 -30.31
N ARG A 73 49.03 83.20 -30.57
CA ARG A 73 49.19 84.57 -31.04
C ARG A 73 49.19 85.55 -29.85
N PRO A 74 50.12 86.51 -29.89
CA PRO A 74 50.26 87.51 -28.82
C PRO A 74 49.09 88.50 -28.82
N ASN A 75 49.14 89.46 -27.89
CA ASN A 75 48.09 90.47 -27.78
C ASN A 75 48.65 91.86 -28.05
N GLY A 76 47.81 92.73 -28.62
CA GLY A 76 48.23 94.08 -28.92
C GLY A 76 47.22 95.12 -28.47
N ALA A 77 47.51 96.38 -28.76
CA ALA A 77 46.61 97.46 -28.38
C ALA A 77 46.00 98.13 -29.61
N LYS A 78 44.68 98.09 -29.70
CA LYS A 78 43.98 98.69 -30.83
C LYS A 78 44.08 100.21 -30.79
N ALA A 79 44.05 100.78 -29.59
CA ALA A 79 44.15 102.22 -29.42
C ALA A 79 45.51 102.62 -28.89
N ALA A 80 45.92 103.85 -29.19
CA ALA A 80 47.21 104.36 -28.76
C ALA A 80 47.06 105.72 -28.07
N LEU A 81 47.47 105.77 -26.80
CA LEU A 81 47.38 107.01 -26.03
C LEU A 81 48.38 108.05 -26.54
N VAL A 82 47.88 109.21 -26.92
CA VAL A 82 48.73 110.28 -27.43
C VAL A 82 49.17 111.21 -26.30
N LYS A 83 50.08 112.13 -26.62
CA LYS A 83 50.59 113.08 -25.64
C LYS A 83 50.41 114.51 -26.13
N SER A 84 49.89 115.37 -25.26
CA SER A 84 49.66 116.77 -25.60
C SER A 84 50.81 117.64 -25.10
N SER A 85 50.93 118.83 -25.68
CA SER A 85 52.00 119.75 -25.31
C SER A 85 51.69 120.44 -23.98
N MET A 86 52.72 120.93 -23.32
CA MET A 86 52.55 121.61 -22.04
C MET A 86 53.28 122.96 -22.03
N PHE A 87 52.92 123.81 -21.08
CA PHE A 87 53.53 125.12 -20.97
C PHE A 87 54.27 125.27 -19.64
N GLY A 1 -15.28 10.65 4.62
CA GLY A 1 -15.16 9.21 4.75
C GLY A 1 -16.24 8.61 5.61
N PRO A 2 -17.48 8.63 5.11
CA PRO A 2 -18.64 8.09 5.83
C PRO A 2 -18.60 6.56 5.92
N GLY A 3 -19.42 6.02 6.80
CA GLY A 3 -19.47 4.57 6.97
C GLY A 3 -18.55 4.08 8.07
N GLY A 4 -19.03 3.14 8.87
CA GLY A 4 -18.24 2.61 9.96
C GLY A 4 -18.86 1.37 10.58
N PRO A 5 -19.93 1.56 11.35
CA PRO A 5 -20.64 0.47 12.01
C PRO A 5 -21.39 -0.43 11.03
N GLY A 6 -22.15 -1.38 11.55
CA GLY A 6 -22.90 -2.29 10.71
C GLY A 6 -24.26 -2.63 11.28
N GLY A 7 -24.57 -3.92 11.36
CA GLY A 7 -25.83 -4.36 11.90
C GLY A 7 -25.96 -5.87 11.95
N GLU A 8 -27.17 -6.37 11.77
CA GLU A 8 -27.42 -7.81 11.79
C GLU A 8 -27.00 -8.40 13.13
N PRO A 9 -27.75 -8.08 14.19
CA PRO A 9 -27.46 -8.57 15.55
C PRO A 9 -27.74 -10.06 15.69
N GLY A 10 -26.82 -10.77 16.35
CA GLY A 10 -26.98 -12.19 16.54
C GLY A 10 -25.68 -12.86 16.96
N LYS A 11 -25.32 -12.72 18.22
CA LYS A 11 -24.10 -13.32 18.75
C LYS A 11 -22.89 -12.88 17.94
N GLY A 12 -22.90 -11.61 17.52
CA GLY A 12 -21.78 -11.08 16.74
C GLY A 12 -21.93 -11.37 15.26
N GLY A 13 -21.32 -10.52 14.43
CA GLY A 13 -21.40 -10.70 12.99
C GLY A 13 -20.05 -10.64 12.32
N ALA A 14 -19.03 -11.15 12.99
CA ALA A 14 -17.67 -11.15 12.46
C ALA A 14 -17.64 -11.76 11.07
N ALA A 15 -18.40 -12.83 10.88
CA ALA A 15 -18.46 -13.52 9.59
C ALA A 15 -19.00 -12.60 8.51
N ALA A 16 -20.08 -11.88 8.82
CA ALA A 16 -20.70 -10.96 7.87
C ALA A 16 -19.66 -10.01 7.29
N ALA A 17 -18.84 -9.41 8.14
CA ALA A 17 -17.81 -8.48 7.71
C ALA A 17 -16.75 -9.19 6.88
N ALA A 18 -16.45 -10.44 7.23
CA ALA A 18 -15.46 -11.21 6.51
C ALA A 18 -15.75 -11.22 5.01
N ALA A 19 -17.03 -11.27 4.66
CA ALA A 19 -17.43 -11.28 3.26
C ALA A 19 -16.80 -10.12 2.50
N ALA A 20 -16.81 -8.94 3.10
CA ALA A 20 -16.23 -7.75 2.47
C ALA A 20 -14.72 -7.89 2.32
N ALA A 21 -14.08 -8.53 3.30
CA ALA A 21 -12.65 -8.74 3.27
C ALA A 21 -12.20 -9.36 1.95
N ALA A 22 -13.03 -10.25 1.42
CA ALA A 22 -12.72 -10.92 0.16
C ALA A 22 -12.38 -9.91 -0.92
N ALA A 23 -13.22 -8.89 -1.09
CA ALA A 23 -12.99 -7.86 -2.08
C ALA A 23 -11.78 -7.00 -1.73
N ALA A 24 -11.60 -6.75 -0.44
CA ALA A 24 -10.48 -5.95 0.04
C ALA A 24 -9.15 -6.65 -0.24
N ALA A 25 -9.14 -7.97 -0.12
CA ALA A 25 -7.93 -8.75 -0.36
C ALA A 25 -7.32 -8.41 -1.71
N ALA A 26 -8.16 -8.28 -2.73
CA ALA A 26 -7.71 -7.95 -4.07
C ALA A 26 -6.82 -6.71 -4.06
N ALA A 27 -7.23 -5.71 -3.28
CA ALA A 27 -6.47 -4.47 -3.19
C ALA A 27 -5.32 -4.60 -2.21
N ALA A 28 -5.53 -5.36 -1.13
CA ALA A 28 -4.51 -5.57 -0.12
C ALA A 28 -3.23 -6.13 -0.74
N ALA A 29 -3.38 -7.10 -1.63
CA ALA A 29 -2.24 -7.71 -2.30
C ALA A 29 -1.38 -6.66 -2.98
N ALA A 30 -2.03 -5.70 -3.62
CA ALA A 30 -1.32 -4.64 -4.32
C ALA A 30 -0.80 -3.59 -3.34
N ALA A 31 -1.59 -3.33 -2.30
CA ALA A 31 -1.21 -2.35 -1.28
C ALA A 31 0.07 -2.77 -0.56
N ALA A 32 0.07 -3.99 -0.04
CA ALA A 32 1.24 -4.50 0.68
C ALA A 32 2.50 -4.39 -0.17
N ALA A 33 2.38 -4.70 -1.46
CA ALA A 33 3.51 -4.62 -2.37
C ALA A 33 3.74 -3.20 -2.84
N GLY A 34 5.01 -2.81 -2.96
CA GLY A 34 5.34 -1.47 -3.40
C GLY A 34 5.37 -1.34 -4.91
N GLY A 35 6.56 -1.16 -5.46
CA GLY A 35 6.69 -1.02 -6.91
C GLY A 35 7.79 -0.05 -7.30
N LEU A 36 9.02 -0.55 -7.39
CA LEU A 36 10.15 0.27 -7.76
C LEU A 36 10.29 1.47 -6.82
N ALA A 37 11.08 1.30 -5.76
CA ALA A 37 11.30 2.36 -4.78
C ALA A 37 12.58 2.14 -4.01
N ALA A 38 13.64 1.76 -4.73
CA ALA A 38 14.94 1.52 -4.10
C ALA A 38 15.96 2.58 -4.52
N ALA A 39 16.87 2.91 -3.61
CA ALA A 39 17.90 3.90 -3.88
C ALA A 39 19.00 3.87 -2.83
N GLY A 40 20.23 3.64 -3.28
CA GLY A 40 21.35 3.57 -2.36
C GLY A 40 22.16 4.86 -2.35
N GLY A 41 21.77 5.80 -1.50
CA GLY A 41 22.47 7.06 -1.41
C GLY A 41 23.91 6.89 -0.98
N PRO A 42 24.71 7.97 -1.12
CA PRO A 42 26.12 7.95 -0.74
C PRO A 42 26.33 7.87 0.77
N GLY A 43 25.42 8.48 1.52
CA GLY A 43 25.51 8.47 2.97
C GLY A 43 26.59 9.40 3.48
N GLN A 44 27.71 8.83 3.92
CA GLN A 44 28.81 9.61 4.44
C GLN A 44 30.10 9.33 3.67
N GLY A 45 30.27 8.08 3.25
CA GLY A 45 31.46 7.71 2.50
C GLY A 45 32.72 7.72 3.36
N TRP A 46 32.58 7.27 4.59
CA TRP A 46 33.71 7.24 5.52
C TRP A 46 33.60 6.04 6.46
N ALA A 47 34.62 5.19 6.45
CA ALA A 47 34.63 4.01 7.30
C ALA A 47 35.56 4.21 8.50
N PRO A 48 35.36 3.40 9.55
CA PRO A 48 36.16 3.47 10.77
C PRO A 48 37.60 3.00 10.55
N GLY A 49 38.51 3.46 11.40
CA GLY A 49 39.90 3.07 11.28
C GLY A 49 40.61 3.04 12.62
N PRO A 50 40.24 2.07 13.46
CA PRO A 50 40.83 1.91 14.80
C PRO A 50 42.29 1.43 14.74
N GLY A 51 42.54 0.46 13.87
CA GLY A 51 43.88 -0.07 13.73
C GLY A 51 44.50 0.26 12.39
N PRO A 52 45.61 -0.42 12.05
CA PRO A 52 46.32 -0.21 10.78
C PRO A 52 45.52 -0.72 9.59
N ILE A 53 45.00 -1.94 9.71
CA ILE A 53 44.22 -2.54 8.63
C ILE A 53 42.72 -2.53 8.97
N THR A 54 41.91 -2.25 7.96
CA THR A 54 40.46 -2.21 8.14
C THR A 54 39.86 -3.61 8.17
N SER A 55 39.96 -4.31 7.05
CA SER A 55 39.42 -5.66 6.94
C SER A 55 40.51 -6.65 6.51
N ILE A 56 41.07 -7.35 7.49
CA ILE A 56 42.12 -8.33 7.22
C ILE A 56 41.58 -9.53 6.45
N PRO A 57 42.29 -9.92 5.38
CA PRO A 57 41.90 -11.07 4.56
C PRO A 57 42.05 -12.40 5.28
N ASP A 58 41.06 -13.27 5.12
CA ASP A 58 41.09 -14.58 5.76
C ASP A 58 40.80 -15.68 4.75
N SER A 59 41.50 -16.80 4.88
CA SER A 59 41.32 -17.93 3.97
C SER A 59 41.66 -19.25 4.67
N LEU A 60 40.80 -20.24 4.50
CA LEU A 60 41.00 -21.55 5.11
C LEU A 60 42.00 -22.38 4.30
N GLY A 61 41.79 -22.42 2.99
CA GLY A 61 42.69 -23.18 2.14
C GLY A 61 42.23 -24.62 1.94
N GLY A 62 42.28 -25.09 0.70
CA GLY A 62 41.85 -26.45 0.41
C GLY A 62 41.54 -26.67 -1.06
N PRO A 63 41.07 -27.88 -1.40
CA PRO A 63 40.74 -28.23 -2.77
C PRO A 63 39.49 -27.50 -3.27
N PHE A 64 38.46 -27.45 -2.43
CA PHE A 64 37.22 -26.78 -2.79
C PHE A 64 36.92 -25.64 -1.83
N ALA A 65 35.94 -24.82 -2.17
CA ALA A 65 35.55 -23.69 -1.34
C ALA A 65 34.04 -23.65 -1.14
N SER A 66 33.44 -24.81 -0.94
CA SER A 66 32.00 -24.91 -0.74
C SER A 66 31.66 -25.01 0.74
N VAL A 67 31.20 -23.90 1.32
CA VAL A 67 30.84 -23.87 2.73
C VAL A 67 29.40 -23.42 2.92
N LEU A 68 29.05 -22.29 2.32
CA LEU A 68 27.70 -21.74 2.42
C LEU A 68 26.88 -22.10 1.19
N SER A 69 27.56 -22.34 0.07
CA SER A 69 26.89 -22.69 -1.18
C SER A 69 26.51 -24.16 -1.20
N SER A 70 25.51 -24.50 -2.00
CA SER A 70 25.04 -25.87 -2.11
C SER A 70 24.78 -26.25 -3.57
N LEU A 71 25.50 -27.27 -4.04
CA LEU A 71 25.35 -27.72 -5.42
C LEU A 71 24.06 -28.52 -5.60
N GLN A 72 23.77 -29.38 -4.63
CA GLN A 72 22.57 -30.21 -4.67
C GLN A 72 21.97 -30.38 -3.28
N ARG A 73 20.65 -30.49 -3.20
CA ARG A 73 19.96 -30.66 -1.94
C ARG A 73 18.61 -31.35 -2.13
N PRO A 74 18.07 -31.92 -1.05
CA PRO A 74 16.79 -32.62 -1.07
C PRO A 74 15.61 -31.67 -1.29
N ASN A 75 15.36 -31.32 -2.54
CA ASN A 75 14.27 -30.42 -2.88
C ASN A 75 13.42 -31.00 -4.01
N GLY A 76 12.12 -30.66 -4.00
CA GLY A 76 11.23 -31.14 -5.03
C GLY A 76 10.30 -32.24 -4.51
N ALA A 77 9.36 -31.85 -3.67
CA ALA A 77 8.40 -32.80 -3.11
C ALA A 77 7.09 -32.78 -3.88
N LYS A 78 6.58 -33.97 -4.18
CA LYS A 78 5.33 -34.09 -4.92
C LYS A 78 4.14 -33.67 -4.07
N ALA A 79 3.84 -34.48 -3.05
CA ALA A 79 2.73 -34.19 -2.15
C ALA A 79 1.41 -34.06 -2.93
N ALA A 80 1.17 -34.99 -3.83
CA ALA A 80 -0.06 -34.97 -4.63
C ALA A 80 -0.80 -36.30 -4.52
N LEU A 81 -1.79 -36.34 -3.62
CA LEU A 81 -2.58 -37.55 -3.43
C LEU A 81 -4.07 -37.23 -3.39
N VAL A 82 -4.72 -37.29 -4.55
CA VAL A 82 -6.14 -37.00 -4.66
C VAL A 82 -6.96 -38.28 -4.56
N LYS A 83 -8.14 -38.18 -3.97
CA LYS A 83 -9.03 -39.32 -3.82
C LYS A 83 -10.48 -38.86 -3.60
N SER A 84 -11.34 -39.20 -4.56
CA SER A 84 -12.75 -38.82 -4.47
C SER A 84 -13.58 -39.98 -3.90
N SER A 85 -14.86 -39.69 -3.63
CA SER A 85 -15.76 -40.70 -3.09
C SER A 85 -17.21 -40.35 -3.40
N MET A 86 -18.04 -41.38 -3.57
CA MET A 86 -19.45 -41.19 -3.88
C MET A 86 -20.27 -42.41 -3.46
N PHE A 87 -21.56 -42.20 -3.24
CA PHE A 87 -22.45 -43.28 -2.84
C PHE A 87 -22.77 -44.19 -4.02
N GLY A 1 -44.31 -34.97 20.24
CA GLY A 1 -43.14 -35.50 20.92
C GLY A 1 -41.99 -34.51 20.96
N PRO A 2 -40.83 -34.96 21.46
CA PRO A 2 -39.64 -34.12 21.56
C PRO A 2 -39.04 -33.80 20.20
N GLY A 3 -38.98 -34.79 19.32
CA GLY A 3 -38.43 -34.60 18.00
C GLY A 3 -37.38 -35.63 17.63
N GLY A 4 -36.13 -35.32 17.91
CA GLY A 4 -35.05 -36.24 17.60
C GLY A 4 -33.87 -35.56 16.92
N PRO A 5 -34.04 -35.21 15.64
CA PRO A 5 -33.00 -34.55 14.86
C PRO A 5 -32.75 -33.11 15.32
N GLY A 6 -31.53 -32.64 15.13
CA GLY A 6 -31.18 -31.28 15.52
C GLY A 6 -30.06 -30.69 14.68
N GLY A 7 -30.24 -29.45 14.26
CA GLY A 7 -29.24 -28.80 13.44
C GLY A 7 -29.22 -27.29 13.64
N GLU A 8 -30.39 -26.69 13.72
CA GLU A 8 -30.51 -25.25 13.91
C GLU A 8 -29.82 -24.50 12.78
N PRO A 9 -30.42 -24.55 11.58
CA PRO A 9 -29.89 -23.87 10.40
C PRO A 9 -29.99 -22.35 10.50
N GLY A 10 -28.85 -21.70 10.68
CA GLY A 10 -28.83 -20.25 10.78
C GLY A 10 -27.57 -19.65 10.21
N LYS A 11 -27.74 -18.69 9.30
CA LYS A 11 -26.61 -18.02 8.66
C LYS A 11 -26.26 -16.72 9.38
N GLY A 12 -27.26 -15.86 9.53
CA GLY A 12 -27.04 -14.59 10.21
C GLY A 12 -26.28 -13.60 9.35
N GLY A 13 -25.04 -13.33 9.73
CA GLY A 13 -24.22 -12.40 8.97
C GLY A 13 -22.75 -12.50 9.32
N ALA A 14 -22.28 -13.72 9.52
CA ALA A 14 -20.87 -13.95 9.87
C ALA A 14 -19.98 -13.84 8.64
N ALA A 15 -20.48 -14.31 7.50
CA ALA A 15 -19.73 -14.27 6.26
C ALA A 15 -19.66 -12.84 5.72
N ALA A 16 -20.73 -12.09 5.89
CA ALA A 16 -20.80 -10.71 5.42
C ALA A 16 -19.87 -9.81 6.24
N ALA A 17 -19.78 -10.08 7.53
CA ALA A 17 -18.94 -9.30 8.43
C ALA A 17 -17.46 -9.59 8.18
N ALA A 18 -17.14 -10.86 7.95
CA ALA A 18 -15.77 -11.27 7.69
C ALA A 18 -15.27 -10.73 6.35
N ALA A 19 -16.16 -10.69 5.37
CA ALA A 19 -15.82 -10.19 4.04
C ALA A 19 -15.31 -8.75 4.12
N ALA A 20 -15.93 -7.96 4.99
CA ALA A 20 -15.54 -6.56 5.15
C ALA A 20 -14.05 -6.44 5.42
N ALA A 21 -13.58 -7.12 6.47
CA ALA A 21 -12.18 -7.09 6.84
C ALA A 21 -11.31 -7.71 5.76
N ALA A 22 -11.75 -8.84 5.23
CA ALA A 22 -11.02 -9.54 4.18
C ALA A 22 -10.74 -8.62 2.99
N ALA A 23 -11.71 -7.78 2.68
CA ALA A 23 -11.57 -6.83 1.57
C ALA A 23 -10.30 -6.01 1.70
N ALA A 24 -9.98 -5.63 2.93
CA ALA A 24 -8.79 -4.83 3.20
C ALA A 24 -7.53 -5.56 2.75
N ALA A 25 -7.34 -6.78 3.25
CA ALA A 25 -6.19 -7.59 2.89
C ALA A 25 -6.07 -7.75 1.38
N ALA A 26 -7.19 -8.03 0.73
CA ALA A 26 -7.22 -8.20 -0.71
C ALA A 26 -6.61 -7.00 -1.43
N ALA A 27 -6.86 -5.81 -0.88
CA ALA A 27 -6.34 -4.58 -1.47
C ALA A 27 -4.82 -4.55 -1.44
N ALA A 28 -4.24 -5.03 -0.34
CA ALA A 28 -2.79 -5.07 -0.18
C ALA A 28 -2.14 -5.76 -1.36
N ALA A 29 -2.78 -6.82 -1.85
CA ALA A 29 -2.26 -7.58 -2.98
C ALA A 29 -2.12 -6.70 -4.22
N ALA A 30 -3.15 -5.90 -4.49
CA ALA A 30 -3.15 -5.00 -5.64
C ALA A 30 -2.00 -4.00 -5.55
N ALA A 31 -1.87 -3.36 -4.39
CA ALA A 31 -0.81 -2.38 -4.19
C ALA A 31 0.55 -2.95 -4.56
N ALA A 32 0.84 -4.14 -4.06
CA ALA A 32 2.11 -4.81 -4.34
C ALA A 32 2.26 -5.10 -5.82
N ALA A 33 1.16 -5.53 -6.45
CA ALA A 33 1.17 -5.85 -7.88
C ALA A 33 2.28 -6.84 -8.21
N GLY A 34 2.54 -7.76 -7.29
CA GLY A 34 3.58 -8.76 -7.51
C GLY A 34 4.54 -8.86 -6.34
N GLY A 35 5.50 -9.77 -6.45
CA GLY A 35 6.47 -9.95 -5.38
C GLY A 35 7.88 -10.11 -5.91
N LEU A 36 8.48 -11.27 -5.64
CA LEU A 36 9.84 -11.55 -6.10
C LEU A 36 10.00 -13.03 -6.44
N ALA A 37 11.01 -13.33 -7.25
CA ALA A 37 11.28 -14.71 -7.65
C ALA A 37 11.68 -15.56 -6.45
N ALA A 38 11.20 -16.79 -6.42
CA ALA A 38 11.52 -17.71 -5.33
C ALA A 38 12.64 -18.67 -5.72
N ALA A 39 12.41 -19.43 -6.78
CA ALA A 39 13.40 -20.39 -7.25
C ALA A 39 13.73 -21.41 -6.18
N GLY A 40 12.71 -22.01 -5.59
CA GLY A 40 12.91 -22.99 -4.55
C GLY A 40 12.08 -24.25 -4.78
N GLY A 41 10.80 -24.07 -5.06
CA GLY A 41 9.92 -25.20 -5.28
C GLY A 41 10.40 -26.08 -6.42
N PRO A 42 10.21 -25.60 -7.66
CA PRO A 42 10.62 -26.34 -8.86
C PRO A 42 12.13 -26.42 -9.01
N GLY A 43 12.64 -27.62 -9.30
CA GLY A 43 14.07 -27.80 -9.46
C GLY A 43 14.41 -28.72 -10.62
N GLN A 44 13.93 -29.95 -10.54
CA GLN A 44 14.18 -30.93 -11.60
C GLN A 44 15.69 -31.14 -11.80
N GLY A 45 16.33 -31.79 -10.82
CA GLY A 45 17.75 -32.03 -10.91
C GLY A 45 18.23 -33.06 -9.90
N TRP A 46 18.20 -34.34 -10.29
CA TRP A 46 18.63 -35.41 -9.40
C TRP A 46 20.02 -35.91 -9.80
N ALA A 47 20.91 -36.00 -8.82
CA ALA A 47 22.26 -36.47 -9.06
C ALA A 47 22.31 -37.99 -9.18
N PRO A 48 23.39 -38.51 -9.80
CA PRO A 48 23.57 -39.94 -9.99
C PRO A 48 23.84 -40.68 -8.69
N GLY A 49 23.51 -41.96 -8.66
CA GLY A 49 23.73 -42.77 -7.47
C GLY A 49 23.99 -44.23 -7.78
N PRO A 50 22.94 -44.96 -8.14
CA PRO A 50 23.03 -46.39 -8.47
C PRO A 50 23.77 -46.62 -9.79
N GLY A 51 23.76 -47.86 -10.25
CA GLY A 51 24.43 -48.20 -11.50
C GLY A 51 23.59 -49.10 -12.38
N PRO A 52 24.10 -49.39 -13.59
CA PRO A 52 23.41 -50.25 -14.55
C PRO A 52 23.36 -51.71 -14.12
N ILE A 53 22.90 -52.58 -15.00
CA ILE A 53 22.81 -54.00 -14.71
C ILE A 53 23.83 -54.80 -15.52
N THR A 54 24.38 -55.85 -14.92
CA THR A 54 25.36 -56.69 -15.59
C THR A 54 24.68 -57.75 -16.44
N SER A 55 23.66 -58.40 -15.87
CA SER A 55 22.92 -59.45 -16.57
C SER A 55 21.64 -59.80 -15.82
N ILE A 56 20.51 -59.49 -16.42
CA ILE A 56 19.21 -59.79 -15.81
C ILE A 56 19.08 -61.27 -15.48
N PRO A 57 18.63 -61.57 -14.25
CA PRO A 57 18.45 -62.95 -13.79
C PRO A 57 17.30 -63.66 -14.50
N ASP A 58 17.44 -64.96 -14.71
CA ASP A 58 16.41 -65.75 -15.37
C ASP A 58 16.05 -65.15 -16.73
N SER A 59 17.08 -64.89 -17.54
CA SER A 59 16.87 -64.31 -18.86
C SER A 59 17.62 -65.10 -19.93
N LEU A 60 16.95 -66.10 -20.49
CA LEU A 60 17.56 -66.94 -21.52
C LEU A 60 17.42 -66.29 -22.90
N GLY A 61 16.21 -65.84 -23.22
CA GLY A 61 15.97 -65.21 -24.49
C GLY A 61 14.70 -65.71 -25.16
N GLY A 62 14.84 -66.24 -26.37
CA GLY A 62 13.69 -66.75 -27.10
C GLY A 62 12.83 -65.64 -27.68
N PRO A 63 13.35 -64.99 -28.73
CA PRO A 63 12.64 -63.89 -29.39
C PRO A 63 11.42 -64.38 -30.17
N PHE A 64 10.24 -63.92 -29.75
CA PHE A 64 8.99 -64.31 -30.40
C PHE A 64 8.65 -63.36 -31.54
N ALA A 65 9.20 -63.64 -32.72
CA ALA A 65 8.96 -62.81 -33.89
C ALA A 65 9.52 -63.47 -35.15
N SER A 66 8.95 -63.12 -36.30
CA SER A 66 9.37 -63.68 -37.57
C SER A 66 8.74 -62.93 -38.74
N VAL A 67 9.53 -62.68 -39.78
CA VAL A 67 9.04 -61.98 -40.96
C VAL A 67 9.29 -62.78 -42.23
N LEU A 68 8.22 -63.15 -42.92
CA LEU A 68 8.33 -63.92 -44.15
C LEU A 68 8.02 -63.06 -45.37
N SER A 69 7.25 -61.99 -45.15
CA SER A 69 6.89 -61.08 -46.24
C SER A 69 7.95 -60.00 -46.41
N SER A 70 7.90 -59.32 -47.55
CA SER A 70 8.86 -58.26 -47.84
C SER A 70 8.14 -56.95 -48.17
N LEU A 71 7.12 -57.03 -49.01
CA LEU A 71 6.35 -55.86 -49.41
C LEU A 71 4.86 -56.16 -49.38
N GLN A 72 4.10 -55.28 -48.72
CA GLN A 72 2.65 -55.45 -48.63
C GLN A 72 1.98 -54.18 -48.13
N ARG A 73 1.05 -53.65 -48.93
CA ARG A 73 0.35 -52.43 -48.57
C ARG A 73 -1.15 -52.69 -48.45
N PRO A 74 -1.86 -51.78 -47.75
CA PRO A 74 -3.30 -51.89 -47.54
C PRO A 74 -4.10 -51.66 -48.83
N ASN A 75 -4.91 -52.64 -49.19
CA ASN A 75 -5.72 -52.54 -50.40
C ASN A 75 -7.20 -52.69 -50.07
N GLY A 76 -7.82 -51.59 -49.65
CA GLY A 76 -9.23 -51.61 -49.31
C GLY A 76 -9.92 -50.29 -49.58
N ALA A 77 -9.67 -49.73 -50.75
CA ALA A 77 -10.27 -48.46 -51.14
C ALA A 77 -11.50 -48.67 -52.02
N LYS A 78 -12.65 -48.17 -51.56
CA LYS A 78 -13.89 -48.32 -52.31
C LYS A 78 -13.92 -47.35 -53.49
N ALA A 79 -13.39 -47.80 -54.63
CA ALA A 79 -13.36 -46.98 -55.83
C ALA A 79 -14.52 -47.35 -56.77
N ALA A 80 -14.63 -48.62 -57.10
CA ALA A 80 -15.69 -49.10 -57.99
C ALA A 80 -17.07 -48.83 -57.38
N LEU A 81 -18.11 -49.18 -58.13
CA LEU A 81 -19.48 -48.97 -57.68
C LEU A 81 -19.73 -47.51 -57.33
N VAL A 82 -19.13 -46.61 -58.10
CA VAL A 82 -19.28 -45.17 -57.88
C VAL A 82 -20.51 -44.64 -58.61
N LYS A 83 -21.26 -43.78 -57.94
CA LYS A 83 -22.46 -43.18 -58.53
C LYS A 83 -23.41 -44.27 -59.02
N SER A 84 -23.76 -45.19 -58.14
CA SER A 84 -24.66 -46.29 -58.49
C SER A 84 -25.84 -46.36 -57.51
N SER A 85 -26.94 -46.92 -57.97
CA SER A 85 -28.13 -47.05 -57.12
C SER A 85 -28.99 -48.23 -57.58
N MET A 86 -29.28 -49.13 -56.66
CA MET A 86 -30.09 -50.31 -56.96
C MET A 86 -31.40 -50.28 -56.17
N PHE A 87 -32.50 -50.58 -56.86
CA PHE A 87 -33.81 -50.59 -56.23
C PHE A 87 -33.93 -51.74 -55.23
N GLY A 1 -27.82 -1.16 -6.01
CA GLY A 1 -27.67 -0.02 -6.89
C GLY A 1 -26.39 -0.08 -7.69
N PRO A 2 -25.25 0.18 -7.04
CA PRO A 2 -23.94 0.16 -7.69
C PRO A 2 -23.50 -1.25 -8.07
N GLY A 3 -23.77 -2.20 -7.18
CA GLY A 3 -23.39 -3.58 -7.45
C GLY A 3 -24.41 -4.30 -8.32
N GLY A 4 -24.19 -5.59 -8.53
CA GLY A 4 -25.09 -6.37 -9.36
C GLY A 4 -26.11 -7.14 -8.54
N PRO A 5 -26.89 -8.00 -9.21
CA PRO A 5 -27.92 -8.81 -8.56
C PRO A 5 -27.32 -9.90 -7.67
N GLY A 6 -28.16 -10.49 -6.83
CA GLY A 6 -27.70 -11.54 -5.94
C GLY A 6 -26.75 -11.03 -4.88
N GLY A 7 -27.24 -10.90 -3.64
CA GLY A 7 -26.41 -10.40 -2.56
C GLY A 7 -27.23 -10.00 -1.35
N GLU A 8 -27.51 -10.98 -0.48
CA GLU A 8 -28.29 -10.72 0.72
C GLU A 8 -27.51 -11.11 1.97
N PRO A 9 -27.92 -10.57 3.12
CA PRO A 9 -27.27 -10.85 4.41
C PRO A 9 -27.52 -12.28 4.88
N GLY A 10 -28.71 -12.79 4.59
CA GLY A 10 -29.06 -14.15 4.99
C GLY A 10 -29.73 -14.20 6.35
N LYS A 11 -29.28 -15.12 7.19
CA LYS A 11 -29.85 -15.28 8.53
C LYS A 11 -28.76 -15.18 9.59
N GLY A 12 -28.25 -13.97 9.81
CA GLY A 12 -27.21 -13.78 10.80
C GLY A 12 -26.55 -12.42 10.68
N GLY A 13 -25.32 -12.39 10.18
CA GLY A 13 -24.60 -11.14 10.03
C GLY A 13 -23.11 -11.30 10.28
N ALA A 14 -22.76 -12.12 11.25
CA ALA A 14 -21.36 -12.35 11.59
C ALA A 14 -20.55 -12.75 10.36
N ALA A 15 -21.19 -13.53 9.48
CA ALA A 15 -20.53 -13.98 8.26
C ALA A 15 -20.18 -12.81 7.35
N ALA A 16 -21.10 -11.84 7.26
CA ALA A 16 -20.88 -10.66 6.43
C ALA A 16 -19.59 -9.96 6.80
N ALA A 17 -19.32 -9.86 8.10
CA ALA A 17 -18.12 -9.20 8.58
C ALA A 17 -16.88 -9.78 7.92
N ALA A 18 -16.75 -11.11 7.95
CA ALA A 18 -15.61 -11.79 7.34
C ALA A 18 -15.53 -11.50 5.86
N ALA A 19 -16.68 -11.53 5.18
CA ALA A 19 -16.73 -11.26 3.74
C ALA A 19 -16.03 -9.95 3.40
N ALA A 20 -16.19 -8.96 4.26
CA ALA A 20 -15.58 -7.65 4.05
C ALA A 20 -14.08 -7.70 4.31
N ALA A 21 -13.69 -8.38 5.39
CA ALA A 21 -12.28 -8.50 5.75
C ALA A 21 -11.47 -9.04 4.59
N ALA A 22 -12.01 -10.04 3.89
CA ALA A 22 -11.33 -10.64 2.75
C ALA A 22 -11.05 -9.60 1.67
N ALA A 23 -11.98 -8.67 1.49
CA ALA A 23 -11.83 -7.62 0.49
C ALA A 23 -10.66 -6.71 0.82
N ALA A 24 -10.51 -6.38 2.10
CA ALA A 24 -9.42 -5.51 2.55
C ALA A 24 -8.07 -6.11 2.20
N ALA A 25 -7.95 -7.43 2.33
CA ALA A 25 -6.70 -8.12 2.03
C ALA A 25 -6.30 -7.91 0.56
N ALA A 26 -7.26 -8.08 -0.33
CA ALA A 26 -7.01 -7.91 -1.76
C ALA A 26 -6.36 -6.56 -2.04
N ALA A 27 -6.76 -5.54 -1.30
CA ALA A 27 -6.21 -4.20 -1.47
C ALA A 27 -4.69 -4.22 -1.32
N ALA A 28 -4.21 -4.88 -0.27
CA ALA A 28 -2.77 -4.96 -0.02
C ALA A 28 -2.03 -5.50 -1.24
N ALA A 29 -2.64 -6.48 -1.91
CA ALA A 29 -2.03 -7.08 -3.10
C ALA A 29 -1.72 -6.01 -4.15
N ALA A 30 -2.61 -5.03 -4.27
CA ALA A 30 -2.44 -3.97 -5.24
C ALA A 30 -1.13 -3.22 -5.01
N ALA A 31 -0.96 -2.72 -3.78
CA ALA A 31 0.25 -1.98 -3.42
C ALA A 31 1.50 -2.79 -3.75
N ALA A 32 1.47 -4.09 -3.43
CA ALA A 32 2.60 -4.96 -3.69
C ALA A 32 2.97 -4.97 -5.17
N ALA A 33 1.96 -5.09 -6.02
CA ALA A 33 2.18 -5.11 -7.46
C ALA A 33 2.22 -3.69 -8.03
N GLY A 34 2.45 -3.58 -9.33
CA GLY A 34 2.51 -2.27 -9.97
C GLY A 34 1.76 -2.25 -11.28
N GLY A 35 1.88 -1.14 -12.01
CA GLY A 35 1.21 -1.00 -13.29
C GLY A 35 -0.19 -0.45 -13.15
N LEU A 36 -0.29 0.75 -12.57
CA LEU A 36 -1.59 1.39 -12.37
C LEU A 36 -1.43 2.90 -12.22
N ALA A 37 -2.42 3.65 -12.70
CA ALA A 37 -2.38 5.10 -12.62
C ALA A 37 -3.78 5.66 -12.33
N ALA A 38 -3.83 6.65 -11.43
CA ALA A 38 -5.09 7.27 -11.06
C ALA A 38 -5.77 7.92 -12.27
N ALA A 39 -7.08 8.10 -12.19
CA ALA A 39 -7.84 8.70 -13.28
C ALA A 39 -8.20 10.16 -12.96
N GLY A 40 -8.79 10.36 -11.79
CA GLY A 40 -9.18 11.70 -11.39
C GLY A 40 -10.43 11.71 -10.53
N GLY A 41 -10.32 12.30 -9.34
CA GLY A 41 -11.46 12.38 -8.44
C GLY A 41 -11.17 13.21 -7.21
N PRO A 42 -10.31 12.69 -6.32
CA PRO A 42 -9.95 13.39 -5.08
C PRO A 42 -9.09 14.62 -5.34
N GLY A 43 -9.04 15.52 -4.37
CA GLY A 43 -8.24 16.73 -4.52
C GLY A 43 -8.87 17.92 -3.81
N GLN A 44 -8.80 17.92 -2.48
CA GLN A 44 -9.36 19.00 -1.69
C GLN A 44 -8.25 19.83 -1.05
N GLY A 45 -8.43 21.15 -1.03
CA GLY A 45 -7.44 22.03 -0.45
C GLY A 45 -8.07 23.14 0.37
N TRP A 46 -7.26 23.78 1.21
CA TRP A 46 -7.75 24.87 2.06
C TRP A 46 -6.59 25.76 2.51
N ALA A 47 -6.73 27.06 2.25
CA ALA A 47 -5.70 28.01 2.62
C ALA A 47 -5.66 28.21 4.14
N PRO A 48 -4.54 28.74 4.64
CA PRO A 48 -4.35 28.98 6.08
C PRO A 48 -5.21 30.12 6.58
N GLY A 49 -5.52 30.09 7.88
CA GLY A 49 -6.34 31.14 8.47
C GLY A 49 -7.15 30.64 9.65
N PRO A 50 -6.47 30.44 10.79
CA PRO A 50 -7.11 29.96 12.02
C PRO A 50 -8.03 31.00 12.64
N GLY A 51 -8.75 30.60 13.68
CA GLY A 51 -9.67 31.51 14.35
C GLY A 51 -9.87 31.15 15.81
N PRO A 52 -10.49 32.09 16.56
CA PRO A 52 -10.75 31.89 17.99
C PRO A 52 -11.82 30.84 18.25
N ILE A 53 -12.80 30.77 17.34
CA ILE A 53 -13.88 29.81 17.47
C ILE A 53 -14.11 29.06 16.17
N THR A 54 -14.75 27.89 16.26
CA THR A 54 -15.03 27.08 15.08
C THR A 54 -16.53 26.83 14.93
N SER A 55 -17.14 26.35 16.01
CA SER A 55 -18.58 26.05 16.00
C SER A 55 -19.28 26.78 17.13
N ILE A 56 -20.33 27.53 16.79
CA ILE A 56 -21.09 28.27 17.78
C ILE A 56 -22.14 27.39 18.44
N PRO A 57 -22.22 27.45 19.78
CA PRO A 57 -23.18 26.66 20.56
C PRO A 57 -24.61 27.13 20.37
N ASP A 58 -25.55 26.21 20.45
CA ASP A 58 -26.97 26.53 20.28
C ASP A 58 -27.64 26.72 21.64
N SER A 59 -28.61 27.63 21.69
CA SER A 59 -29.34 27.90 22.92
C SER A 59 -30.53 28.80 22.66
N LEU A 60 -31.48 28.82 23.59
CA LEU A 60 -32.68 29.64 23.47
C LEU A 60 -32.64 30.82 24.42
N GLY A 61 -32.85 30.54 25.70
CA GLY A 61 -32.83 31.59 26.71
C GLY A 61 -33.97 32.57 26.55
N GLY A 62 -35.20 32.09 26.70
CA GLY A 62 -36.36 32.95 26.56
C GLY A 62 -36.49 33.52 25.16
N PRO A 63 -37.41 34.48 24.99
CA PRO A 63 -37.65 35.12 23.69
C PRO A 63 -36.50 36.01 23.27
N PHE A 64 -35.97 36.79 24.20
CA PHE A 64 -34.87 37.70 23.92
C PHE A 64 -34.06 37.98 25.19
N ALA A 65 -32.74 37.93 25.06
CA ALA A 65 -31.86 38.18 26.20
C ALA A 65 -30.41 38.25 25.75
N SER A 66 -29.65 39.17 26.35
CA SER A 66 -28.25 39.34 26.02
C SER A 66 -27.36 38.48 26.92
N VAL A 67 -26.91 37.35 26.40
CA VAL A 67 -26.06 36.44 27.16
C VAL A 67 -24.78 36.14 26.40
N LEU A 68 -23.72 36.87 26.72
CA LEU A 68 -22.43 36.67 26.07
C LEU A 68 -21.44 35.99 27.01
N SER A 69 -21.66 36.16 28.31
CA SER A 69 -20.79 35.57 29.32
C SER A 69 -21.38 34.26 29.85
N SER A 70 -20.56 33.51 30.57
CA SER A 70 -21.00 32.24 31.14
C SER A 70 -21.25 32.37 32.64
N LEU A 71 -22.53 32.37 33.01
CA LEU A 71 -22.91 32.50 34.41
C LEU A 71 -24.38 32.14 34.61
N GLN A 72 -24.69 31.48 35.72
CA GLN A 72 -26.05 31.09 36.02
C GLN A 72 -26.18 30.62 37.47
N ARG A 73 -27.35 30.86 38.07
CA ARG A 73 -27.59 30.48 39.45
C ARG A 73 -26.55 31.09 40.38
N PRO A 74 -26.65 32.41 40.59
CA PRO A 74 -25.72 33.16 41.45
C PRO A 74 -25.91 32.81 42.93
N ASN A 75 -27.17 32.75 43.36
CA ASN A 75 -27.48 32.43 44.75
C ASN A 75 -26.85 31.10 45.16
N GLY A 76 -26.97 30.10 44.28
CA GLY A 76 -26.41 28.79 44.57
C GLY A 76 -27.32 27.95 45.44
N ALA A 77 -27.59 28.43 46.65
CA ALA A 77 -28.44 27.71 47.59
C ALA A 77 -29.78 27.36 46.94
N LYS A 78 -30.56 28.38 46.60
CA LYS A 78 -31.87 28.16 45.98
C LYS A 78 -31.71 27.59 44.58
N ALA A 79 -32.78 26.99 44.06
CA ALA A 79 -32.77 26.40 42.73
C ALA A 79 -33.78 27.08 41.82
N ALA A 80 -33.41 27.25 40.55
CA ALA A 80 -34.29 27.89 39.58
C ALA A 80 -35.65 27.20 39.54
N LEU A 81 -36.72 27.99 39.66
CA LEU A 81 -38.07 27.46 39.64
C LEU A 81 -38.58 27.31 38.21
N VAL A 82 -38.05 26.33 37.49
CA VAL A 82 -38.45 26.09 36.11
C VAL A 82 -39.86 25.51 36.05
N LYS A 83 -40.77 26.27 35.46
CA LYS A 83 -42.16 25.83 35.33
C LYS A 83 -42.61 25.88 33.87
N SER A 84 -41.71 25.52 32.97
CA SER A 84 -42.01 25.53 31.54
C SER A 84 -42.17 24.11 31.01
N SER A 85 -43.31 23.84 30.38
CA SER A 85 -43.59 22.52 29.83
C SER A 85 -43.91 22.61 28.34
N MET A 86 -43.73 21.50 27.63
CA MET A 86 -44.01 21.45 26.20
C MET A 86 -45.24 20.59 25.91
N PHE A 87 -45.36 19.49 26.63
CA PHE A 87 -46.49 18.58 26.45
C PHE A 87 -47.40 18.59 27.67
N GLY A 1 -26.76 -19.72 1.41
CA GLY A 1 -27.98 -19.81 0.62
C GLY A 1 -28.68 -18.48 0.45
N PRO A 2 -29.72 -18.45 -0.38
CA PRO A 2 -30.50 -17.23 -0.63
C PRO A 2 -31.32 -16.79 0.57
N GLY A 3 -31.88 -15.58 0.51
CA GLY A 3 -32.67 -15.07 1.59
C GLY A 3 -32.38 -13.61 1.89
N GLY A 4 -33.45 -12.82 2.01
CA GLY A 4 -33.29 -11.40 2.29
C GLY A 4 -34.51 -10.59 1.91
N PRO A 5 -35.58 -10.74 2.69
CA PRO A 5 -36.84 -10.02 2.44
C PRO A 5 -36.72 -8.53 2.73
N GLY A 6 -36.65 -7.72 1.66
CA GLY A 6 -36.53 -6.30 1.81
C GLY A 6 -35.08 -5.84 1.89
N GLY A 7 -34.86 -4.71 2.57
CA GLY A 7 -33.52 -4.18 2.70
C GLY A 7 -32.78 -4.78 3.89
N GLU A 8 -33.28 -4.51 5.09
CA GLU A 8 -32.67 -5.02 6.30
C GLU A 8 -31.23 -4.53 6.43
N PRO A 9 -31.06 -3.23 6.70
CA PRO A 9 -29.74 -2.61 6.85
C PRO A 9 -29.04 -3.05 8.12
N GLY A 10 -29.79 -3.20 9.20
CA GLY A 10 -29.22 -3.62 10.47
C GLY A 10 -28.90 -5.10 10.48
N LYS A 11 -27.62 -5.44 10.56
CA LYS A 11 -27.19 -6.83 10.60
C LYS A 11 -25.69 -6.92 10.88
N GLY A 12 -25.33 -7.65 11.93
CA GLY A 12 -23.94 -7.81 12.29
C GLY A 12 -23.55 -9.26 12.51
N GLY A 13 -22.98 -9.88 11.47
CA GLY A 13 -22.57 -11.27 11.58
C GLY A 13 -21.17 -11.51 11.06
N ALA A 14 -20.67 -12.72 11.26
CA ALA A 14 -19.33 -13.07 10.80
C ALA A 14 -19.30 -13.28 9.30
N ALA A 15 -20.34 -13.91 8.76
CA ALA A 15 -20.43 -14.17 7.34
C ALA A 15 -20.36 -12.87 6.54
N ALA A 16 -21.07 -11.85 7.01
CA ALA A 16 -21.10 -10.55 6.35
C ALA A 16 -19.75 -9.84 6.49
N ALA A 17 -19.19 -9.89 7.69
CA ALA A 17 -17.90 -9.24 7.95
C ALA A 17 -16.78 -9.89 7.13
N ALA A 18 -16.88 -11.21 6.96
CA ALA A 18 -15.87 -11.95 6.19
C ALA A 18 -15.70 -11.34 4.79
N ALA A 19 -16.82 -10.98 4.17
CA ALA A 19 -16.78 -10.39 2.84
C ALA A 19 -15.96 -9.11 2.82
N ALA A 20 -16.26 -8.21 3.75
CA ALA A 20 -15.55 -6.93 3.84
C ALA A 20 -14.09 -7.16 4.20
N ALA A 21 -13.85 -8.03 5.17
CA ALA A 21 -12.48 -8.34 5.60
C ALA A 21 -11.62 -8.79 4.44
N ALA A 22 -12.11 -9.79 3.70
CA ALA A 22 -11.38 -10.32 2.55
C ALA A 22 -11.11 -9.23 1.53
N ALA A 23 -12.11 -8.40 1.26
CA ALA A 23 -11.98 -7.32 0.30
C ALA A 23 -10.78 -6.43 0.64
N ALA A 24 -10.67 -6.05 1.89
CA ALA A 24 -9.57 -5.20 2.35
C ALA A 24 -8.24 -5.95 2.25
N ALA A 25 -8.23 -7.20 2.69
CA ALA A 25 -7.02 -8.01 2.65
C ALA A 25 -6.48 -8.13 1.23
N ALA A 26 -7.40 -8.24 0.27
CA ALA A 26 -7.02 -8.36 -1.14
C ALA A 26 -6.38 -7.07 -1.65
N ALA A 27 -7.02 -5.95 -1.36
CA ALA A 27 -6.51 -4.65 -1.78
C ALA A 27 -5.06 -4.47 -1.38
N ALA A 28 -4.73 -4.89 -0.17
CA ALA A 28 -3.37 -4.78 0.35
C ALA A 28 -2.37 -5.42 -0.61
N ALA A 29 -2.63 -6.67 -0.98
CA ALA A 29 -1.76 -7.40 -1.89
C ALA A 29 -1.68 -6.70 -3.25
N ALA A 30 -2.82 -6.24 -3.74
CA ALA A 30 -2.87 -5.54 -5.02
C ALA A 30 -1.93 -4.35 -5.05
N ALA A 31 -2.08 -3.46 -4.07
CA ALA A 31 -1.24 -2.27 -3.97
C ALA A 31 0.24 -2.65 -3.90
N ALA A 32 0.56 -3.62 -3.05
CA ALA A 32 1.93 -4.07 -2.89
C ALA A 32 2.54 -4.44 -4.23
N ALA A 33 1.79 -5.18 -5.04
CA ALA A 33 2.26 -5.60 -6.35
C ALA A 33 2.51 -4.40 -7.26
N GLY A 34 1.51 -3.54 -7.36
CA GLY A 34 1.63 -2.36 -8.21
C GLY A 34 1.59 -2.70 -9.68
N GLY A 35 1.08 -1.76 -10.49
CA GLY A 35 1.00 -1.98 -11.92
C GLY A 35 1.93 -1.07 -12.70
N LEU A 36 1.44 0.10 -13.06
CA LEU A 36 2.23 1.07 -13.81
C LEU A 36 2.30 2.41 -13.08
N ALA A 37 1.21 2.77 -12.42
CA ALA A 37 1.15 4.03 -11.67
C ALA A 37 0.70 3.79 -10.23
N ALA A 38 0.97 4.75 -9.37
CA ALA A 38 0.58 4.65 -7.96
C ALA A 38 -0.56 5.61 -7.64
N ALA A 39 -1.40 5.22 -6.69
CA ALA A 39 -2.53 6.05 -6.29
C ALA A 39 -2.15 6.96 -5.13
N GLY A 40 -1.83 6.38 -3.99
CA GLY A 40 -1.46 7.16 -2.81
C GLY A 40 -2.01 6.59 -1.53
N GLY A 41 -3.32 6.35 -1.51
CA GLY A 41 -3.96 5.81 -0.32
C GLY A 41 -4.60 6.88 0.54
N PRO A 42 -4.95 6.52 1.78
CA PRO A 42 -5.59 7.44 2.72
C PRO A 42 -4.63 8.52 3.21
N GLY A 43 -3.40 8.11 3.52
CA GLY A 43 -2.41 9.06 4.00
C GLY A 43 -1.42 8.43 4.95
N GLN A 44 -1.92 7.62 5.88
CA GLN A 44 -1.07 6.96 6.86
C GLN A 44 -0.03 6.09 6.18
N GLY A 45 0.94 5.61 6.95
CA GLY A 45 1.99 4.78 6.39
C GLY A 45 2.70 3.96 7.46
N TRP A 46 3.99 3.74 7.28
CA TRP A 46 4.78 2.96 8.22
C TRP A 46 5.60 3.87 9.13
N ALA A 47 5.71 3.49 10.40
CA ALA A 47 6.46 4.27 11.37
C ALA A 47 7.97 4.13 11.15
N PRO A 48 8.75 5.07 11.68
CA PRO A 48 10.20 5.07 11.56
C PRO A 48 10.85 3.95 12.36
N GLY A 49 12.15 3.75 12.14
CA GLY A 49 12.87 2.71 12.87
C GLY A 49 14.28 3.12 13.21
N PRO A 50 14.94 2.32 14.07
CA PRO A 50 16.32 2.58 14.50
C PRO A 50 17.33 2.38 13.38
N GLY A 51 18.60 2.43 13.73
CA GLY A 51 19.66 2.25 12.74
C GLY A 51 20.99 1.88 13.35
N PRO A 52 21.06 0.66 13.94
CA PRO A 52 22.28 0.17 14.58
C PRO A 52 23.37 -0.14 13.58
N ILE A 53 24.52 -0.61 14.08
CA ILE A 53 25.65 -0.95 13.22
C ILE A 53 25.63 -2.43 12.85
N THR A 54 26.12 -2.75 11.66
CA THR A 54 26.17 -4.12 11.19
C THR A 54 27.61 -4.61 11.07
N SER A 55 28.49 -3.71 10.66
CA SER A 55 29.91 -4.06 10.50
C SER A 55 30.74 -3.43 11.61
N ILE A 56 30.66 -4.01 12.81
CA ILE A 56 31.41 -3.51 13.95
C ILE A 56 32.81 -4.13 14.00
N PRO A 57 33.82 -3.28 14.21
CA PRO A 57 35.23 -3.73 14.29
C PRO A 57 35.50 -4.53 15.55
N ASP A 58 36.09 -5.71 15.39
CA ASP A 58 36.42 -6.57 16.51
C ASP A 58 37.92 -6.83 16.59
N SER A 59 38.37 -7.33 17.74
CA SER A 59 39.78 -7.61 17.93
C SER A 59 40.62 -6.35 17.76
N LEU A 60 40.14 -5.25 18.32
CA LEU A 60 40.85 -3.97 18.22
C LEU A 60 41.64 -3.68 19.50
N GLY A 61 42.96 -3.82 19.41
CA GLY A 61 43.80 -3.57 20.57
C GLY A 61 45.05 -4.40 20.57
N GLY A 62 45.69 -4.53 19.40
CA GLY A 62 46.89 -5.32 19.30
C GLY A 62 46.65 -6.80 19.54
N PRO A 63 45.91 -7.43 18.62
CA PRO A 63 45.59 -8.86 18.71
C PRO A 63 46.81 -9.75 18.50
N PHE A 64 47.73 -9.30 17.66
CA PHE A 64 48.94 -10.05 17.36
C PHE A 64 50.14 -9.43 18.06
N ALA A 65 49.93 -8.91 19.26
CA ALA A 65 50.99 -8.29 20.03
C ALA A 65 51.80 -9.33 20.79
N SER A 66 53.11 -9.31 20.61
CA SER A 66 54.00 -10.26 21.29
C SER A 66 54.79 -9.57 22.40
N VAL A 67 54.42 -9.86 23.64
CA VAL A 67 55.10 -9.27 24.79
C VAL A 67 55.85 -10.33 25.59
N LEU A 68 55.26 -11.52 25.67
CA LEU A 68 55.87 -12.62 26.40
C LEU A 68 56.14 -13.81 25.48
N SER A 69 56.34 -13.52 24.20
CA SER A 69 56.60 -14.56 23.22
C SER A 69 57.84 -14.23 22.38
N SER A 70 58.70 -15.22 22.18
CA SER A 70 59.92 -15.03 21.41
C SER A 70 60.58 -16.37 21.11
N LEU A 71 61.18 -16.48 19.92
CA LEU A 71 61.85 -17.71 19.52
C LEU A 71 63.36 -17.48 19.36
N GLN A 72 63.92 -16.66 20.24
CA GLN A 72 65.34 -16.36 20.20
C GLN A 72 66.01 -16.66 21.54
N ARG A 73 66.94 -17.60 21.53
CA ARG A 73 67.65 -18.00 22.74
C ARG A 73 68.23 -16.78 23.45
N PRO A 74 68.47 -16.91 24.76
CA PRO A 74 69.03 -15.84 25.58
C PRO A 74 70.49 -15.54 25.24
N ASN A 75 71.26 -16.59 25.00
CA ASN A 75 72.67 -16.45 24.67
C ASN A 75 73.41 -15.70 25.77
N GLY A 76 73.09 -16.02 27.02
CA GLY A 76 73.75 -15.37 28.14
C GLY A 76 72.83 -14.41 28.86
N ALA A 77 71.75 -14.94 29.45
CA ALA A 77 70.80 -14.12 30.17
C ALA A 77 71.27 -13.84 31.59
N LYS A 78 70.63 -12.88 32.26
CA LYS A 78 70.98 -12.53 33.62
C LYS A 78 69.87 -12.92 34.59
N ALA A 79 70.27 -13.39 35.78
CA ALA A 79 69.31 -13.80 36.79
C ALA A 79 69.64 -13.19 38.14
N ALA A 80 68.63 -12.69 38.84
CA ALA A 80 68.83 -12.09 40.15
C ALA A 80 69.77 -10.90 40.07
N LEU A 81 69.30 -9.82 39.44
CA LEU A 81 70.11 -8.61 39.29
C LEU A 81 69.26 -7.36 39.50
N VAL A 82 69.49 -6.67 40.61
CA VAL A 82 68.75 -5.46 40.93
C VAL A 82 69.66 -4.23 40.91
N LYS A 83 69.07 -3.05 40.73
CA LYS A 83 69.82 -1.82 40.70
C LYS A 83 69.25 -0.80 41.68
N SER A 84 67.92 -0.76 41.77
CA SER A 84 67.24 0.17 42.67
C SER A 84 66.21 -0.56 43.53
N SER A 85 66.60 -1.71 44.07
CA SER A 85 65.71 -2.52 44.90
C SER A 85 64.38 -2.77 44.19
N MET A 86 64.45 -2.96 42.87
CA MET A 86 63.26 -3.21 42.08
C MET A 86 62.97 -4.71 41.97
N PHE A 87 61.95 -5.16 42.69
CA PHE A 87 61.57 -6.57 42.69
C PHE A 87 60.44 -6.83 41.70
N GLY A 1 -21.85 -34.21 24.17
CA GLY A 1 -23.27 -34.44 24.40
C GLY A 1 -24.14 -33.36 23.79
N PRO A 2 -24.08 -32.16 24.38
CA PRO A 2 -24.86 -31.01 23.91
C PRO A 2 -24.36 -30.48 22.57
N GLY A 3 -24.95 -29.37 22.12
CA GLY A 3 -24.54 -28.78 20.86
C GLY A 3 -24.85 -27.29 20.79
N GLY A 4 -25.06 -26.79 19.58
CA GLY A 4 -25.37 -25.38 19.40
C GLY A 4 -26.79 -25.15 18.93
N PRO A 5 -27.22 -23.88 18.98
CA PRO A 5 -28.58 -23.50 18.56
C PRO A 5 -28.78 -23.62 17.05
N GLY A 6 -27.71 -23.36 16.29
CA GLY A 6 -27.79 -23.44 14.85
C GLY A 6 -26.49 -23.93 14.23
N GLY A 7 -25.78 -23.03 13.56
CA GLY A 7 -24.53 -23.40 12.92
C GLY A 7 -24.25 -22.58 11.67
N GLU A 8 -25.26 -22.41 10.84
CA GLU A 8 -25.12 -21.64 9.61
C GLU A 8 -25.19 -20.15 9.88
N PRO A 9 -24.68 -19.35 8.94
CA PRO A 9 -24.68 -17.88 9.06
C PRO A 9 -26.08 -17.28 8.95
N GLY A 10 -26.43 -16.42 9.90
CA GLY A 10 -27.74 -15.80 9.88
C GLY A 10 -27.75 -14.49 9.11
N LYS A 11 -28.54 -13.53 9.57
CA LYS A 11 -28.64 -12.24 8.92
C LYS A 11 -27.69 -11.23 9.56
N GLY A 12 -26.51 -11.08 8.98
CA GLY A 12 -25.53 -10.14 9.50
C GLY A 12 -24.61 -10.77 10.52
N GLY A 13 -24.01 -9.94 11.37
CA GLY A 13 -23.10 -10.45 12.38
C GLY A 13 -21.66 -10.49 11.92
N ALA A 14 -20.84 -11.29 12.59
CA ALA A 14 -19.43 -11.40 12.23
C ALA A 14 -19.27 -11.98 10.83
N ALA A 15 -20.14 -12.93 10.48
CA ALA A 15 -20.09 -13.55 9.17
C ALA A 15 -20.10 -12.52 8.05
N ALA A 16 -20.89 -11.46 8.24
CA ALA A 16 -20.98 -10.39 7.24
C ALA A 16 -19.64 -9.68 7.08
N ALA A 17 -19.02 -9.34 8.20
CA ALA A 17 -17.73 -8.65 8.18
C ALA A 17 -16.67 -9.49 7.47
N ALA A 18 -16.73 -10.80 7.68
CA ALA A 18 -15.78 -11.71 7.06
C ALA A 18 -15.87 -11.66 5.53
N ALA A 19 -17.09 -11.59 5.03
CA ALA A 19 -17.32 -11.53 3.58
C ALA A 19 -16.57 -10.36 2.96
N ALA A 20 -16.54 -9.24 3.67
CA ALA A 20 -15.86 -8.04 3.19
C ALA A 20 -14.35 -8.24 3.19
N ALA A 21 -13.84 -8.95 4.19
CA ALA A 21 -12.41 -9.22 4.30
C ALA A 21 -11.88 -9.89 3.05
N ALA A 22 -12.69 -10.79 2.48
CA ALA A 22 -12.30 -11.51 1.27
C ALA A 22 -11.86 -10.54 0.17
N ALA A 23 -12.53 -9.40 0.09
CA ALA A 23 -12.20 -8.39 -0.91
C ALA A 23 -11.02 -7.53 -0.45
N ALA A 24 -10.96 -7.24 0.84
CA ALA A 24 -9.89 -6.43 1.40
C ALA A 24 -8.52 -6.98 1.01
N ALA A 25 -8.42 -8.31 0.97
CA ALA A 25 -7.16 -8.96 0.61
C ALA A 25 -6.72 -8.56 -0.80
N ALA A 26 -7.68 -8.43 -1.70
CA ALA A 26 -7.38 -8.04 -3.08
C ALA A 26 -6.67 -6.70 -3.13
N ALA A 27 -7.09 -5.77 -2.28
CA ALA A 27 -6.48 -4.44 -2.22
C ALA A 27 -5.07 -4.51 -1.64
N ALA A 28 -4.88 -5.37 -0.65
CA ALA A 28 -3.58 -5.52 -0.01
C ALA A 28 -2.49 -5.82 -1.04
N ALA A 29 -2.79 -6.73 -1.96
CA ALA A 29 -1.84 -7.11 -3.00
C ALA A 29 -1.34 -5.87 -3.74
N ALA A 30 -2.26 -4.98 -4.08
CA ALA A 30 -1.90 -3.75 -4.79
C ALA A 30 -0.93 -2.91 -3.98
N ALA A 31 -1.27 -2.66 -2.73
CA ALA A 31 -0.43 -1.87 -1.84
C ALA A 31 0.99 -2.43 -1.77
N ALA A 32 1.08 -3.76 -1.75
CA ALA A 32 2.37 -4.43 -1.68
C ALA A 32 3.23 -4.09 -2.88
N ALA A 33 2.63 -4.07 -4.06
CA ALA A 33 3.33 -3.75 -5.29
C ALA A 33 2.94 -2.38 -5.82
N GLY A 34 3.54 -1.34 -5.25
CA GLY A 34 3.24 0.02 -5.68
C GLY A 34 4.10 0.46 -6.86
N GLY A 35 4.16 1.77 -7.08
CA GLY A 35 4.94 2.31 -8.17
C GLY A 35 5.38 3.73 -7.93
N LEU A 36 4.42 4.65 -7.91
CA LEU A 36 4.71 6.07 -7.69
C LEU A 36 5.28 6.28 -6.28
N ALA A 37 6.31 7.13 -6.19
CA ALA A 37 6.93 7.43 -4.91
C ALA A 37 6.32 8.67 -4.28
N ALA A 38 6.00 8.58 -2.99
CA ALA A 38 5.40 9.70 -2.27
C ALA A 38 6.48 10.64 -1.74
N ALA A 39 6.76 11.68 -2.50
CA ALA A 39 7.76 12.67 -2.10
C ALA A 39 7.12 13.85 -1.37
N GLY A 40 7.94 14.62 -0.68
CA GLY A 40 7.44 15.76 0.06
C GLY A 40 8.28 17.01 -0.15
N GLY A 41 8.38 17.44 -1.41
CA GLY A 41 9.15 18.62 -1.73
C GLY A 41 8.34 19.90 -1.63
N PRO A 42 7.45 20.11 -2.60
CA PRO A 42 6.58 21.30 -2.64
C PRO A 42 5.53 21.29 -1.54
N GLY A 43 5.67 22.20 -0.58
CA GLY A 43 4.73 22.28 0.51
C GLY A 43 5.41 22.48 1.85
N GLN A 44 4.74 23.20 2.75
CA GLN A 44 5.30 23.46 4.07
C GLN A 44 5.18 22.24 4.96
N GLY A 45 6.16 21.33 4.86
CA GLY A 45 6.14 20.13 5.67
C GLY A 45 6.91 20.29 6.96
N TRP A 46 6.17 20.47 8.06
CA TRP A 46 6.79 20.64 9.37
C TRP A 46 7.30 19.30 9.91
N ALA A 47 8.38 19.36 10.68
CA ALA A 47 8.96 18.16 11.26
C ALA A 47 8.87 18.17 12.78
N PRO A 48 8.99 17.00 13.40
CA PRO A 48 8.92 16.85 14.86
C PRO A 48 10.14 17.45 15.56
N GLY A 49 10.01 17.67 16.87
CA GLY A 49 11.11 18.24 17.63
C GLY A 49 11.08 19.76 17.64
N PRO A 50 10.17 20.33 18.43
CA PRO A 50 10.01 21.78 18.56
C PRO A 50 11.19 22.43 19.27
N GLY A 51 11.73 21.71 20.26
CA GLY A 51 12.86 22.24 21.02
C GLY A 51 14.15 22.23 20.22
N PRO A 52 15.28 22.49 20.90
CA PRO A 52 16.60 22.53 20.27
C PRO A 52 17.06 21.14 19.82
N ILE A 53 17.75 21.09 18.69
CA ILE A 53 18.25 19.83 18.16
C ILE A 53 19.71 19.61 18.54
N THR A 54 20.09 18.35 18.75
CA THR A 54 21.45 18.01 19.13
C THR A 54 22.46 18.62 18.16
N SER A 55 22.20 18.45 16.87
CA SER A 55 23.08 18.98 15.83
C SER A 55 22.36 19.09 14.50
N ILE A 56 22.24 20.32 14.00
CA ILE A 56 21.56 20.56 12.73
C ILE A 56 22.34 19.97 11.57
N PRO A 57 21.65 19.25 10.68
CA PRO A 57 22.25 18.62 9.50
C PRO A 57 22.71 19.64 8.47
N ASP A 58 23.66 19.25 7.63
CA ASP A 58 24.19 20.13 6.59
C ASP A 58 23.06 20.66 5.71
N SER A 59 23.35 21.72 4.98
CA SER A 59 22.35 22.33 4.10
C SER A 59 22.21 21.54 2.81
N LEU A 60 21.00 21.50 2.28
CA LEU A 60 20.73 20.77 1.04
C LEU A 60 21.23 21.55 -0.17
N GLY A 61 21.77 20.82 -1.15
CA GLY A 61 22.28 21.46 -2.35
C GLY A 61 22.76 20.46 -3.38
N GLY A 62 23.85 19.76 -3.06
CA GLY A 62 24.39 18.78 -3.98
C GLY A 62 25.20 17.71 -3.27
N PRO A 63 24.51 16.88 -2.48
CA PRO A 63 25.17 15.80 -1.72
C PRO A 63 25.66 14.67 -2.63
N PHE A 64 24.92 14.42 -3.70
CA PHE A 64 25.29 13.37 -4.65
C PHE A 64 26.04 13.96 -5.85
N ALA A 65 27.12 13.30 -6.24
CA ALA A 65 27.93 13.76 -7.37
C ALA A 65 28.06 12.66 -8.42
N SER A 66 28.45 13.04 -9.63
CA SER A 66 28.62 12.10 -10.72
C SER A 66 30.09 11.98 -11.11
N VAL A 67 30.79 11.06 -10.46
CA VAL A 67 32.21 10.85 -10.74
C VAL A 67 32.41 9.60 -11.60
N LEU A 68 31.92 8.46 -11.12
CA LEU A 68 32.05 7.20 -11.84
C LEU A 68 30.68 6.63 -12.18
N SER A 69 29.69 7.52 -12.33
CA SER A 69 28.34 7.10 -12.66
C SER A 69 28.29 6.40 -14.01
N SER A 70 27.33 5.50 -14.17
CA SER A 70 27.18 4.77 -15.42
C SER A 70 25.79 4.97 -16.02
N LEU A 71 25.54 6.18 -16.51
CA LEU A 71 24.25 6.50 -17.10
C LEU A 71 24.08 5.80 -18.45
N GLN A 72 23.50 4.61 -18.41
CA GLN A 72 23.28 3.84 -19.63
C GLN A 72 21.80 3.88 -20.04
N ARG A 73 21.50 3.29 -21.20
CA ARG A 73 20.13 3.25 -21.70
C ARG A 73 19.59 1.83 -21.73
N PRO A 74 18.26 1.69 -21.72
CA PRO A 74 17.59 0.39 -21.75
C PRO A 74 17.74 -0.31 -23.10
N ASN A 75 17.42 -1.59 -23.14
CA ASN A 75 17.52 -2.37 -24.37
C ASN A 75 16.14 -2.57 -25.00
N GLY A 76 15.13 -2.78 -24.15
CA GLY A 76 13.78 -2.99 -24.65
C GLY A 76 12.83 -3.43 -23.56
N ALA A 77 11.57 -3.04 -23.68
CA ALA A 77 10.56 -3.40 -22.70
C ALA A 77 9.75 -4.61 -23.17
N LYS A 78 9.60 -5.60 -22.29
CA LYS A 78 8.85 -6.81 -22.62
C LYS A 78 7.36 -6.60 -22.38
N ALA A 79 6.53 -7.26 -23.20
CA ALA A 79 5.09 -7.15 -23.08
C ALA A 79 4.41 -8.48 -23.41
N ALA A 80 3.28 -8.73 -22.76
CA ALA A 80 2.54 -9.97 -22.98
C ALA A 80 1.09 -9.67 -23.38
N LEU A 81 0.29 -10.72 -23.52
CA LEU A 81 -1.11 -10.57 -23.90
C LEU A 81 -2.00 -11.45 -23.04
N VAL A 82 -3.10 -10.87 -22.55
CA VAL A 82 -4.04 -11.60 -21.71
C VAL A 82 -5.47 -11.12 -21.93
N LYS A 83 -6.40 -12.07 -22.06
CA LYS A 83 -7.80 -11.73 -22.27
C LYS A 83 -8.71 -12.71 -21.55
N SER A 84 -10.01 -12.51 -21.67
CA SER A 84 -10.99 -13.38 -21.03
C SER A 84 -12.06 -13.84 -22.02
N SER A 85 -12.29 -15.15 -22.06
CA SER A 85 -13.28 -15.72 -22.96
C SER A 85 -14.69 -15.56 -22.41
N MET A 86 -15.67 -15.49 -23.31
CA MET A 86 -17.06 -15.33 -22.91
C MET A 86 -17.98 -16.13 -23.83
N PHE A 87 -19.17 -16.45 -23.33
CA PHE A 87 -20.15 -17.22 -24.10
C PHE A 87 -20.95 -16.30 -25.02
N GLY A 1 -36.54 -27.19 38.96
CA GLY A 1 -37.48 -26.08 38.95
C GLY A 1 -37.76 -25.59 37.55
N PRO A 2 -38.46 -24.45 37.45
CA PRO A 2 -38.81 -23.84 36.17
C PRO A 2 -37.59 -23.27 35.45
N GLY A 3 -37.59 -23.38 34.12
CA GLY A 3 -36.48 -22.87 33.34
C GLY A 3 -36.87 -22.56 31.91
N GLY A 4 -35.89 -22.18 31.09
CA GLY A 4 -36.16 -21.86 29.71
C GLY A 4 -34.93 -21.94 28.84
N PRO A 5 -33.99 -21.00 29.03
CA PRO A 5 -32.75 -20.96 28.26
C PRO A 5 -31.80 -22.10 28.63
N GLY A 6 -30.75 -22.27 27.83
CA GLY A 6 -29.79 -23.32 28.09
C GLY A 6 -28.47 -23.08 27.39
N GLY A 7 -28.51 -22.90 26.07
CA GLY A 7 -27.31 -22.67 25.31
C GLY A 7 -27.48 -22.95 23.83
N GLU A 8 -28.31 -22.14 23.18
CA GLU A 8 -28.57 -22.32 21.74
C GLU A 8 -28.11 -21.10 20.96
N PRO A 9 -27.86 -21.29 19.66
CA PRO A 9 -27.40 -20.22 18.76
C PRO A 9 -28.49 -19.19 18.49
N GLY A 10 -28.16 -17.91 18.70
CA GLY A 10 -29.12 -16.85 18.47
C GLY A 10 -28.91 -16.15 17.15
N LYS A 11 -29.39 -14.92 17.05
CA LYS A 11 -29.25 -14.14 15.83
C LYS A 11 -28.03 -13.23 15.89
N GLY A 12 -27.12 -13.39 14.94
CA GLY A 12 -25.92 -12.57 14.91
C GLY A 12 -25.62 -12.03 13.53
N GLY A 13 -24.77 -12.73 12.79
CA GLY A 13 -24.41 -12.30 11.45
C GLY A 13 -23.00 -11.74 11.37
N ALA A 14 -22.06 -12.44 11.99
CA ALA A 14 -20.66 -12.02 11.99
C ALA A 14 -19.98 -12.42 10.68
N ALA A 15 -20.33 -13.57 10.15
CA ALA A 15 -19.76 -14.06 8.91
C ALA A 15 -19.88 -13.02 7.80
N ALA A 16 -21.00 -12.30 7.80
CA ALA A 16 -21.25 -11.27 6.79
C ALA A 16 -20.11 -10.26 6.75
N ALA A 17 -19.68 -9.81 7.94
CA ALA A 17 -18.60 -8.84 8.03
C ALA A 17 -17.28 -9.43 7.55
N ALA A 18 -17.04 -10.69 7.90
CA ALA A 18 -15.81 -11.38 7.50
C ALA A 18 -15.69 -11.43 5.98
N ALA A 19 -16.81 -11.65 5.31
CA ALA A 19 -16.83 -11.73 3.86
C ALA A 19 -16.38 -10.40 3.23
N ALA A 20 -16.88 -9.30 3.77
CA ALA A 20 -16.54 -7.98 3.27
C ALA A 20 -15.07 -7.67 3.52
N ALA A 21 -14.61 -7.95 4.72
CA ALA A 21 -13.22 -7.70 5.09
C ALA A 21 -12.26 -8.33 4.08
N ALA A 22 -12.62 -9.52 3.60
CA ALA A 22 -11.80 -10.23 2.63
C ALA A 22 -11.47 -9.34 1.43
N ALA A 23 -12.42 -8.50 1.05
CA ALA A 23 -12.23 -7.59 -0.07
C ALA A 23 -11.02 -6.68 0.15
N ALA A 24 -10.89 -6.19 1.38
CA ALA A 24 -9.78 -5.31 1.73
C ALA A 24 -8.44 -5.97 1.45
N ALA A 25 -8.35 -7.26 1.75
CA ALA A 25 -7.13 -8.02 1.53
C ALA A 25 -6.62 -7.85 0.09
N ALA A 26 -7.55 -7.97 -0.86
CA ALA A 26 -7.21 -7.84 -2.27
C ALA A 26 -6.43 -6.55 -2.53
N ALA A 27 -6.85 -5.47 -1.87
CA ALA A 27 -6.19 -4.18 -2.03
C ALA A 27 -4.71 -4.27 -1.67
N ALA A 28 -4.41 -4.99 -0.60
CA ALA A 28 -3.04 -5.15 -0.15
C ALA A 28 -2.15 -5.66 -1.27
N ALA A 29 -2.70 -6.52 -2.12
CA ALA A 29 -1.95 -7.08 -3.23
C ALA A 29 -1.35 -5.98 -4.10
N ALA A 30 -2.12 -4.92 -4.31
CA ALA A 30 -1.64 -3.79 -5.11
C ALA A 30 -0.37 -3.20 -4.54
N ALA A 31 -0.28 -3.16 -3.21
CA ALA A 31 0.89 -2.62 -2.53
C ALA A 31 2.16 -3.32 -2.98
N ALA A 32 2.12 -4.65 -3.02
CA ALA A 32 3.27 -5.44 -3.43
C ALA A 32 3.74 -5.04 -4.82
N ALA A 33 2.79 -4.74 -5.71
CA ALA A 33 3.11 -4.33 -7.07
C ALA A 33 3.96 -3.07 -7.08
N GLY A 34 3.38 -1.97 -6.63
CA GLY A 34 4.11 -0.71 -6.59
C GLY A 34 4.08 0.01 -7.92
N GLY A 35 5.24 0.14 -8.55
CA GLY A 35 5.33 0.81 -9.84
C GLY A 35 6.43 0.26 -10.71
N LEU A 36 6.12 -0.79 -11.46
CA LEU A 36 7.08 -1.42 -12.35
C LEU A 36 6.74 -1.16 -13.81
N ALA A 37 7.69 -1.43 -14.70
CA ALA A 37 7.48 -1.22 -16.12
C ALA A 37 6.52 -2.27 -16.70
N ALA A 38 5.28 -1.85 -16.95
CA ALA A 38 4.27 -2.74 -17.50
C ALA A 38 3.52 -2.09 -18.66
N ALA A 39 4.25 -1.77 -19.72
CA ALA A 39 3.65 -1.14 -20.89
C ALA A 39 2.99 0.18 -20.53
N GLY A 40 3.59 0.90 -19.58
CA GLY A 40 3.03 2.17 -19.15
C GLY A 40 4.10 3.11 -18.60
N GLY A 41 3.76 4.39 -18.51
CA GLY A 41 4.71 5.36 -18.00
C GLY A 41 4.11 6.24 -16.92
N PRO A 42 4.97 6.98 -16.20
CA PRO A 42 4.54 7.88 -15.13
C PRO A 42 3.76 9.08 -15.64
N GLY A 43 2.60 9.32 -15.04
CA GLY A 43 1.77 10.45 -15.45
C GLY A 43 0.30 10.09 -15.53
N GLN A 44 -0.55 11.11 -15.59
CA GLN A 44 -1.99 10.90 -15.68
C GLN A 44 -2.49 11.06 -17.10
N GLY A 45 -2.40 12.28 -17.62
CA GLY A 45 -2.85 12.55 -18.97
C GLY A 45 -2.57 13.97 -19.41
N TRP A 46 -1.31 14.24 -19.77
CA TRP A 46 -0.91 15.58 -20.21
C TRP A 46 -0.38 15.54 -21.64
N ALA A 47 -1.01 14.72 -22.48
CA ALA A 47 -0.60 14.61 -23.87
C ALA A 47 -1.14 15.76 -24.71
N PRO A 48 -0.52 15.99 -25.88
CA PRO A 48 -0.93 17.06 -26.79
C PRO A 48 -2.28 16.78 -27.45
N GLY A 49 -3.12 17.80 -27.52
CA GLY A 49 -4.43 17.65 -28.13
C GLY A 49 -5.52 18.36 -27.34
N PRO A 50 -5.56 19.70 -27.46
CA PRO A 50 -6.56 20.53 -26.78
C PRO A 50 -7.96 20.34 -27.35
N GLY A 51 -8.89 21.14 -26.86
CA GLY A 51 -10.27 21.05 -27.33
C GLY A 51 -10.98 22.38 -27.30
N PRO A 52 -10.55 23.31 -28.17
CA PRO A 52 -11.14 24.65 -28.26
C PRO A 52 -12.55 24.62 -28.84
N ILE A 53 -13.22 25.77 -28.82
CA ILE A 53 -14.58 25.88 -29.34
C ILE A 53 -14.58 25.91 -30.86
N THR A 54 -15.51 25.17 -31.46
CA THR A 54 -15.62 25.12 -32.91
C THR A 54 -16.57 26.20 -33.44
N SER A 55 -17.86 26.05 -33.13
CA SER A 55 -18.86 27.01 -33.56
C SER A 55 -19.25 27.95 -32.43
N ILE A 56 -18.66 29.14 -32.43
CA ILE A 56 -18.94 30.14 -31.40
C ILE A 56 -20.37 30.68 -31.52
N PRO A 57 -21.08 30.73 -30.39
CA PRO A 57 -22.46 31.22 -30.34
C PRO A 57 -22.54 32.72 -30.59
N ASP A 58 -23.63 33.15 -31.23
CA ASP A 58 -23.84 34.56 -31.54
C ASP A 58 -25.09 35.08 -30.85
N SER A 59 -26.14 34.26 -30.85
CA SER A 59 -27.41 34.64 -30.24
C SER A 59 -27.22 34.94 -28.75
N LEU A 60 -27.01 33.88 -27.97
CA LEU A 60 -26.83 34.02 -26.53
C LEU A 60 -25.71 35.00 -26.22
N GLY A 61 -26.09 36.22 -25.81
CA GLY A 61 -25.11 37.23 -25.49
C GLY A 61 -25.45 38.58 -26.08
N GLY A 62 -26.32 39.32 -25.41
CA GLY A 62 -26.73 40.62 -25.88
C GLY A 62 -26.62 41.70 -24.82
N PRO A 63 -26.70 42.97 -25.24
CA PRO A 63 -26.61 44.11 -24.33
C PRO A 63 -27.83 44.22 -23.42
N PHE A 64 -27.79 45.19 -22.50
CA PHE A 64 -28.90 45.40 -21.58
C PHE A 64 -30.10 46.01 -22.29
N ALA A 65 -31.26 45.37 -22.16
CA ALA A 65 -32.47 45.86 -22.79
C ALA A 65 -32.92 47.18 -22.18
N SER A 66 -32.93 48.23 -23.01
CA SER A 66 -33.32 49.56 -22.56
C SER A 66 -34.84 49.73 -22.62
N VAL A 67 -35.41 49.43 -23.79
CA VAL A 67 -36.84 49.56 -23.99
C VAL A 67 -37.61 48.54 -23.15
N LEU A 68 -37.03 47.34 -23.04
CA LEU A 68 -37.65 46.27 -22.26
C LEU A 68 -36.99 46.13 -20.89
N SER A 69 -36.43 47.22 -20.40
CA SER A 69 -35.76 47.22 -19.10
C SER A 69 -36.68 46.69 -18.00
N SER A 70 -36.09 46.11 -16.97
CA SER A 70 -36.87 45.56 -15.86
C SER A 70 -37.71 46.64 -15.20
N LEU A 71 -38.74 46.22 -14.49
CA LEU A 71 -39.64 47.15 -13.80
C LEU A 71 -40.22 48.16 -14.79
N GLN A 72 -41.21 47.72 -15.56
CA GLN A 72 -41.85 48.59 -16.54
C GLN A 72 -43.36 48.39 -16.55
N ARG A 73 -44.09 49.46 -16.29
CA ARG A 73 -45.55 49.41 -16.26
C ARG A 73 -46.12 49.18 -17.66
N PRO A 74 -47.37 48.71 -17.72
CA PRO A 74 -48.05 48.43 -18.99
C PRO A 74 -48.39 49.70 -19.76
N ASN A 75 -48.69 49.56 -21.04
CA ASN A 75 -49.03 50.70 -21.88
C ASN A 75 -50.41 50.53 -22.49
N GLY A 76 -51.37 50.07 -21.68
CA GLY A 76 -52.72 49.87 -22.17
C GLY A 76 -53.76 50.49 -21.25
N ALA A 77 -54.71 51.22 -21.83
CA ALA A 77 -55.76 51.86 -21.06
C ALA A 77 -57.07 51.10 -21.18
N LYS A 78 -57.59 51.03 -22.41
CA LYS A 78 -58.85 50.32 -22.66
C LYS A 78 -58.58 48.87 -23.08
N ALA A 79 -58.36 48.01 -22.09
CA ALA A 79 -58.10 46.60 -22.37
C ALA A 79 -58.70 45.72 -21.27
N ALA A 80 -58.82 44.43 -21.56
CA ALA A 80 -59.38 43.48 -20.61
C ALA A 80 -58.29 42.59 -20.02
N LEU A 81 -57.22 43.22 -19.54
CA LEU A 81 -56.10 42.49 -18.94
C LEU A 81 -56.46 41.98 -17.55
N VAL A 82 -55.91 40.84 -17.18
CA VAL A 82 -56.17 40.24 -15.87
C VAL A 82 -55.26 39.05 -15.61
N LYS A 83 -54.96 38.80 -14.34
CA LYS A 83 -54.10 37.68 -13.96
C LYS A 83 -54.92 36.55 -13.37
N SER A 84 -55.67 35.85 -14.22
CA SER A 84 -56.50 34.74 -13.77
C SER A 84 -57.05 33.96 -14.96
N SER A 85 -57.60 32.78 -14.69
CA SER A 85 -58.16 31.93 -15.73
C SER A 85 -59.25 31.02 -15.17
N MET A 86 -60.48 31.26 -15.60
CA MET A 86 -61.62 30.46 -15.14
C MET A 86 -61.71 30.47 -13.62
N PHE A 87 -61.62 31.65 -13.03
CA PHE A 87 -61.69 31.79 -11.58
C PHE A 87 -62.50 33.02 -11.19
N GLY A 1 -12.77 12.47 -2.79
CA GLY A 1 -11.44 12.75 -2.29
C GLY A 1 -11.34 12.56 -0.78
N PRO A 2 -11.95 13.48 -0.03
CA PRO A 2 -11.94 13.43 1.44
C PRO A 2 -12.77 12.28 1.98
N GLY A 3 -12.12 11.39 2.74
CA GLY A 3 -12.82 10.25 3.30
C GLY A 3 -12.58 8.97 2.52
N GLY A 4 -11.38 8.42 2.64
CA GLY A 4 -11.06 7.19 1.93
C GLY A 4 -11.28 5.95 2.78
N PRO A 5 -10.37 5.72 3.75
CA PRO A 5 -10.45 4.57 4.64
C PRO A 5 -11.62 4.67 5.62
N GLY A 6 -12.82 4.34 5.15
CA GLY A 6 -14.00 4.41 6.00
C GLY A 6 -14.84 3.15 5.92
N GLY A 7 -15.67 2.94 6.92
CA GLY A 7 -16.53 1.77 6.94
C GLY A 7 -17.07 1.47 8.33
N GLU A 8 -17.69 0.31 8.48
CA GLU A 8 -18.25 -0.10 9.77
C GLU A 8 -17.74 -1.48 10.18
N PRO A 9 -17.79 -1.76 11.49
CA PRO A 9 -17.33 -3.04 12.04
C PRO A 9 -18.24 -4.20 11.65
N GLY A 10 -17.97 -5.38 12.22
CA GLY A 10 -18.78 -6.54 11.92
C GLY A 10 -19.24 -7.26 13.17
N LYS A 11 -20.37 -6.82 13.72
CA LYS A 11 -20.93 -7.42 14.93
C LYS A 11 -22.23 -8.14 14.64
N GLY A 12 -23.18 -7.42 14.03
CA GLY A 12 -24.46 -8.00 13.70
C GLY A 12 -24.34 -9.19 12.78
N GLY A 13 -23.94 -8.93 11.53
CA GLY A 13 -23.79 -10.00 10.56
C GLY A 13 -22.43 -10.66 10.63
N ALA A 14 -22.42 -11.99 10.60
CA ALA A 14 -21.18 -12.74 10.66
C ALA A 14 -20.48 -12.77 9.30
N ALA A 15 -21.26 -12.93 8.24
CA ALA A 15 -20.71 -12.96 6.89
C ALA A 15 -20.13 -11.61 6.50
N ALA A 16 -20.82 -10.54 6.90
CA ALA A 16 -20.37 -9.19 6.58
C ALA A 16 -18.91 -8.99 6.99
N ALA A 17 -18.53 -9.58 8.11
CA ALA A 17 -17.15 -9.46 8.59
C ALA A 17 -16.22 -10.40 7.84
N ALA A 18 -16.69 -11.62 7.58
CA ALA A 18 -15.90 -12.61 6.86
C ALA A 18 -15.54 -12.11 5.46
N ALA A 19 -16.51 -11.48 4.80
CA ALA A 19 -16.30 -10.96 3.45
C ALA A 19 -15.23 -9.88 3.45
N ALA A 20 -15.37 -8.90 4.34
CA ALA A 20 -14.41 -7.80 4.44
C ALA A 20 -13.01 -8.33 4.69
N ALA A 21 -12.91 -9.38 5.50
CA ALA A 21 -11.62 -9.98 5.82
C ALA A 21 -10.85 -10.34 4.56
N ALA A 22 -11.57 -10.79 3.54
CA ALA A 22 -10.96 -11.18 2.28
C ALA A 22 -10.67 -9.95 1.41
N ALA A 23 -11.64 -9.05 1.31
CA ALA A 23 -11.49 -7.85 0.52
C ALA A 23 -10.25 -7.06 0.95
N ALA A 24 -10.00 -7.04 2.26
CA ALA A 24 -8.85 -6.32 2.80
C ALA A 24 -7.54 -6.83 2.18
N ALA A 25 -7.49 -8.12 1.92
CA ALA A 25 -6.30 -8.74 1.33
C ALA A 25 -6.25 -8.48 -0.17
N ALA A 26 -7.42 -8.50 -0.81
CA ALA A 26 -7.50 -8.28 -2.25
C ALA A 26 -7.05 -6.86 -2.60
N ALA A 27 -7.40 -5.90 -1.76
CA ALA A 27 -7.04 -4.51 -1.99
C ALA A 27 -5.59 -4.24 -1.58
N ALA A 28 -5.23 -4.68 -0.38
CA ALA A 28 -3.88 -4.50 0.13
C ALA A 28 -2.85 -5.06 -0.85
N ALA A 29 -3.14 -6.24 -1.37
CA ALA A 29 -2.23 -6.89 -2.32
C ALA A 29 -2.05 -6.05 -3.58
N ALA A 30 -3.16 -5.53 -4.10
CA ALA A 30 -3.13 -4.71 -5.30
C ALA A 30 -2.28 -3.46 -5.08
N ALA A 31 -2.46 -2.82 -3.92
CA ALA A 31 -1.72 -1.62 -3.59
C ALA A 31 -0.21 -1.90 -3.50
N ALA A 32 0.14 -2.96 -2.79
CA ALA A 32 1.53 -3.34 -2.62
C ALA A 32 2.16 -3.75 -3.96
N ALA A 33 1.45 -4.59 -4.70
CA ALA A 33 1.92 -5.05 -6.00
C ALA A 33 3.20 -5.86 -5.86
N GLY A 34 3.24 -6.73 -4.86
CA GLY A 34 4.41 -7.55 -4.63
C GLY A 34 4.17 -8.67 -3.64
N GLY A 35 4.22 -9.91 -4.11
CA GLY A 35 3.99 -11.04 -3.24
C GLY A 35 5.07 -12.10 -3.37
N LEU A 36 4.94 -13.17 -2.60
CA LEU A 36 5.92 -14.26 -2.62
C LEU A 36 6.15 -14.74 -4.06
N ALA A 37 5.10 -14.70 -4.88
CA ALA A 37 5.20 -15.13 -6.27
C ALA A 37 5.12 -13.92 -7.21
N ALA A 38 5.76 -14.05 -8.37
CA ALA A 38 5.76 -12.99 -9.36
C ALA A 38 4.77 -13.29 -10.49
N ALA A 39 3.59 -13.75 -10.12
CA ALA A 39 2.55 -14.07 -11.11
C ALA A 39 1.47 -13.00 -11.14
N GLY A 40 0.99 -12.68 -12.34
CA GLY A 40 -0.04 -11.68 -12.48
C GLY A 40 -0.48 -11.50 -13.93
N GLY A 41 -0.10 -10.38 -14.52
CA GLY A 41 -0.47 -10.11 -15.90
C GLY A 41 -0.43 -8.63 -16.24
N PRO A 42 -1.43 -7.89 -15.72
CA PRO A 42 -1.54 -6.44 -15.94
C PRO A 42 -0.45 -5.66 -15.24
N GLY A 43 -0.15 -6.04 -14.00
CA GLY A 43 0.88 -5.36 -13.23
C GLY A 43 2.22 -5.36 -13.94
N GLN A 44 2.85 -4.21 -14.01
CA GLN A 44 4.16 -4.07 -14.66
C GLN A 44 4.93 -2.90 -14.08
N GLY A 45 6.26 -2.93 -14.24
CA GLY A 45 7.09 -1.87 -13.73
C GLY A 45 8.56 -2.26 -13.67
N TRP A 46 9.17 -2.46 -14.84
CA TRP A 46 10.57 -2.84 -14.92
C TRP A 46 11.12 -2.60 -16.32
N ALA A 47 12.18 -1.80 -16.40
CA ALA A 47 12.81 -1.50 -17.69
C ALA A 47 14.27 -1.93 -17.70
N PRO A 48 14.84 -2.07 -18.91
CA PRO A 48 16.23 -2.49 -19.09
C PRO A 48 17.21 -1.39 -18.66
N GLY A 49 18.42 -1.81 -18.28
CA GLY A 49 19.42 -0.86 -17.84
C GLY A 49 20.72 -1.53 -17.42
N PRO A 50 21.43 -2.11 -18.40
CA PRO A 50 22.71 -2.80 -18.14
C PRO A 50 23.82 -1.84 -17.74
N GLY A 51 23.94 -0.75 -18.49
CA GLY A 51 24.97 0.24 -18.20
C GLY A 51 25.33 1.09 -19.41
N PRO A 52 26.42 1.85 -19.29
CA PRO A 52 26.89 2.72 -20.38
C PRO A 52 27.43 1.93 -21.56
N ILE A 53 26.60 1.74 -22.59
CA ILE A 53 27.01 1.01 -23.77
C ILE A 53 26.60 1.75 -25.04
N THR A 54 27.47 1.72 -26.05
CA THR A 54 27.20 2.38 -27.32
C THR A 54 27.16 1.38 -28.46
N SER A 55 28.06 0.40 -28.41
CA SER A 55 28.14 -0.63 -29.45
C SER A 55 27.81 -2.00 -28.89
N ILE A 56 26.52 -2.27 -28.72
CA ILE A 56 26.07 -3.56 -28.20
C ILE A 56 26.44 -4.70 -29.13
N PRO A 57 27.01 -5.77 -28.55
CA PRO A 57 27.42 -6.95 -29.32
C PRO A 57 26.23 -7.74 -29.86
N ASP A 58 26.50 -8.62 -30.81
CA ASP A 58 25.45 -9.45 -31.41
C ASP A 58 25.73 -10.93 -31.20
N SER A 59 25.91 -11.31 -29.94
CA SER A 59 26.20 -12.70 -29.59
C SER A 59 24.89 -13.48 -29.39
N LEU A 60 24.79 -14.63 -30.04
CA LEU A 60 23.61 -15.47 -29.93
C LEU A 60 23.93 -16.92 -30.23
N GLY A 61 23.06 -17.82 -29.81
CA GLY A 61 23.27 -19.24 -30.05
C GLY A 61 22.33 -19.79 -31.11
N GLY A 62 21.51 -20.76 -30.72
CA GLY A 62 20.59 -21.37 -31.66
C GLY A 62 19.81 -22.52 -31.04
N PRO A 63 18.91 -23.11 -31.83
CA PRO A 63 18.08 -24.23 -31.38
C PRO A 63 18.89 -25.51 -31.18
N PHE A 64 18.68 -26.17 -30.04
CA PHE A 64 19.39 -27.41 -29.74
C PHE A 64 18.43 -28.60 -29.71
N ALA A 65 18.17 -29.17 -30.88
CA ALA A 65 17.27 -30.31 -30.98
C ALA A 65 17.94 -31.58 -30.49
N SER A 66 17.25 -32.33 -29.64
CA SER A 66 17.79 -33.57 -29.09
C SER A 66 16.67 -34.44 -28.50
N VAL A 67 16.62 -35.69 -28.93
CA VAL A 67 15.60 -36.62 -28.44
C VAL A 67 16.21 -37.96 -28.07
N LEU A 68 16.97 -37.97 -26.97
CA LEU A 68 17.61 -39.20 -26.51
C LEU A 68 16.92 -39.74 -25.26
N SER A 69 15.63 -39.44 -25.13
CA SER A 69 14.86 -39.90 -23.98
C SER A 69 14.70 -41.41 -24.00
N SER A 70 14.48 -42.00 -22.83
CA SER A 70 14.31 -43.43 -22.71
C SER A 70 12.97 -43.77 -22.06
N LEU A 71 12.76 -43.28 -20.85
CA LEU A 71 11.52 -43.53 -20.12
C LEU A 71 10.66 -42.27 -20.05
N GLN A 72 10.61 -41.53 -21.16
CA GLN A 72 9.83 -40.30 -21.23
C GLN A 72 8.39 -40.55 -20.78
N ARG A 73 7.82 -41.67 -21.22
CA ARG A 73 6.45 -42.02 -20.87
C ARG A 73 6.40 -42.65 -19.49
N PRO A 74 5.21 -42.63 -18.86
CA PRO A 74 5.00 -43.20 -17.53
C PRO A 74 5.07 -44.71 -17.53
N ASN A 75 4.38 -45.34 -18.48
CA ASN A 75 4.37 -46.78 -18.60
C ASN A 75 5.66 -47.30 -19.23
N GLY A 76 6.01 -46.72 -20.37
CA GLY A 76 7.22 -47.12 -21.07
C GLY A 76 7.01 -48.35 -21.94
N ALA A 77 6.81 -49.50 -21.30
CA ALA A 77 6.60 -50.75 -22.03
C ALA A 77 5.48 -51.57 -21.38
N LYS A 78 4.48 -51.94 -22.17
CA LYS A 78 3.37 -52.72 -21.69
C LYS A 78 3.60 -54.22 -21.93
N ALA A 79 3.30 -55.03 -20.92
CA ALA A 79 3.47 -56.47 -21.03
C ALA A 79 2.18 -57.15 -21.46
N ALA A 80 2.08 -57.46 -22.75
CA ALA A 80 0.90 -58.12 -23.28
C ALA A 80 1.26 -59.05 -24.43
N LEU A 81 0.72 -60.26 -24.39
CA LEU A 81 0.99 -61.25 -25.44
C LEU A 81 2.48 -61.55 -25.54
N VAL A 82 3.13 -61.68 -24.38
CA VAL A 82 4.55 -61.96 -24.34
C VAL A 82 4.83 -63.30 -23.67
N LYS A 83 4.04 -63.62 -22.64
CA LYS A 83 4.19 -64.86 -21.91
C LYS A 83 2.99 -65.78 -22.14
N SER A 84 3.22 -66.88 -22.86
CA SER A 84 2.16 -67.83 -23.14
C SER A 84 2.33 -69.11 -22.32
N SER A 85 3.44 -69.80 -22.53
CA SER A 85 3.72 -71.04 -21.81
C SER A 85 3.67 -70.80 -20.30
N MET A 86 3.65 -71.90 -19.54
CA MET A 86 3.60 -71.82 -18.09
C MET A 86 4.93 -72.26 -17.47
N PHE A 87 6.02 -71.77 -18.03
CA PHE A 87 7.35 -72.11 -17.55
C PHE A 87 8.21 -70.86 -17.35
N GLY A 1 -56.09 1.61 16.83
CA GLY A 1 -56.50 2.96 17.14
C GLY A 1 -55.85 3.50 18.41
N PRO A 2 -56.30 2.98 19.56
CA PRO A 2 -55.77 3.40 20.86
C PRO A 2 -54.35 2.91 21.09
N GLY A 3 -54.03 1.73 20.56
CA GLY A 3 -52.70 1.18 20.73
C GLY A 3 -51.84 1.38 19.50
N GLY A 4 -50.53 1.28 19.67
CA GLY A 4 -49.62 1.46 18.56
C GLY A 4 -49.51 0.22 17.68
N PRO A 5 -48.93 0.38 16.49
CA PRO A 5 -48.75 -0.71 15.53
C PRO A 5 -47.73 -1.75 16.01
N GLY A 6 -46.58 -1.25 16.47
CA GLY A 6 -45.54 -2.13 16.95
C GLY A 6 -44.34 -2.19 16.02
N GLY A 7 -43.22 -1.66 16.48
CA GLY A 7 -42.02 -1.65 15.66
C GLY A 7 -41.34 -3.00 15.62
N GLU A 8 -40.55 -3.31 16.64
CA GLU A 8 -39.84 -4.58 16.70
C GLU A 8 -38.86 -4.71 15.56
N PRO A 9 -37.79 -3.90 15.58
CA PRO A 9 -36.75 -3.90 14.55
C PRO A 9 -35.90 -5.17 14.60
N GLY A 10 -35.42 -5.59 13.43
CA GLY A 10 -34.59 -6.79 13.36
C GLY A 10 -33.74 -6.83 12.10
N LYS A 11 -32.47 -6.48 12.23
CA LYS A 11 -31.56 -6.47 11.10
C LYS A 11 -30.11 -6.62 11.57
N GLY A 12 -29.36 -7.49 10.89
CA GLY A 12 -27.98 -7.70 11.25
C GLY A 12 -27.16 -8.26 10.10
N GLY A 13 -25.85 -8.33 10.29
CA GLY A 13 -24.98 -8.85 9.25
C GLY A 13 -23.60 -9.21 9.78
N ALA A 14 -23.56 -9.91 10.90
CA ALA A 14 -22.30 -10.33 11.51
C ALA A 14 -21.45 -11.12 10.51
N ALA A 15 -22.10 -11.93 9.70
CA ALA A 15 -21.41 -12.74 8.70
C ALA A 15 -20.62 -11.87 7.74
N ALA A 16 -21.16 -10.71 7.41
CA ALA A 16 -20.49 -9.77 6.51
C ALA A 16 -19.08 -9.45 6.99
N ALA A 17 -18.92 -9.28 8.29
CA ALA A 17 -17.62 -8.97 8.87
C ALA A 17 -16.58 -9.97 8.43
N ALA A 18 -16.96 -11.25 8.37
CA ALA A 18 -16.05 -12.30 7.96
C ALA A 18 -15.68 -12.16 6.49
N ALA A 19 -16.63 -11.73 5.68
CA ALA A 19 -16.41 -11.55 4.25
C ALA A 19 -15.26 -10.57 3.98
N ALA A 20 -15.20 -9.52 4.80
CA ALA A 20 -14.15 -8.51 4.67
C ALA A 20 -12.77 -9.15 4.76
N ALA A 21 -12.63 -10.16 5.62
CA ALA A 21 -11.37 -10.84 5.80
C ALA A 21 -10.79 -11.30 4.46
N ALA A 22 -11.66 -11.76 3.57
CA ALA A 22 -11.24 -12.22 2.26
C ALA A 22 -10.85 -11.05 1.36
N ALA A 23 -11.59 -9.96 1.47
CA ALA A 23 -11.32 -8.77 0.66
C ALA A 23 -9.87 -8.33 0.79
N ALA A 24 -9.32 -8.47 2.00
CA ALA A 24 -7.93 -8.09 2.25
C ALA A 24 -6.99 -8.76 1.26
N ALA A 25 -7.30 -10.00 0.90
CA ALA A 25 -6.49 -10.75 -0.04
C ALA A 25 -6.27 -9.95 -1.33
N ALA A 26 -7.30 -9.24 -1.76
CA ALA A 26 -7.21 -8.43 -2.97
C ALA A 26 -6.57 -7.07 -2.68
N ALA A 27 -6.92 -6.49 -1.54
CA ALA A 27 -6.38 -5.20 -1.15
C ALA A 27 -4.85 -5.19 -1.24
N ALA A 28 -4.25 -6.32 -0.89
CA ALA A 28 -2.79 -6.44 -0.93
C ALA A 28 -2.24 -6.06 -2.30
N ALA A 29 -2.98 -6.40 -3.34
CA ALA A 29 -2.56 -6.10 -4.71
C ALA A 29 -2.24 -4.61 -4.86
N ALA A 30 -3.20 -3.75 -4.56
CA ALA A 30 -3.02 -2.32 -4.66
C ALA A 30 -1.86 -1.86 -3.78
N ALA A 31 -1.78 -2.42 -2.58
CA ALA A 31 -0.72 -2.07 -1.64
C ALA A 31 0.65 -2.33 -2.24
N ALA A 32 0.77 -3.41 -3.00
CA ALA A 32 2.03 -3.77 -3.64
C ALA A 32 2.48 -2.69 -4.62
N ALA A 33 1.53 -2.15 -5.37
CA ALA A 33 1.83 -1.10 -6.35
C ALA A 33 2.40 0.14 -5.67
N GLY A 34 3.48 0.68 -6.24
CA GLY A 34 4.10 1.86 -5.67
C GLY A 34 5.44 2.17 -6.32
N GLY A 35 6.47 2.31 -5.50
CA GLY A 35 7.79 2.61 -6.00
C GLY A 35 8.21 4.04 -5.72
N LEU A 36 8.41 4.36 -4.45
CA LEU A 36 8.82 5.70 -4.05
C LEU A 36 10.16 5.67 -3.33
N ALA A 37 10.70 6.86 -3.05
CA ALA A 37 11.98 6.96 -2.35
C ALA A 37 12.03 8.21 -1.47
N ALA A 38 12.73 8.11 -0.35
CA ALA A 38 12.85 9.22 0.58
C ALA A 38 14.12 10.02 0.31
N ALA A 39 13.99 11.35 0.31
CA ALA A 39 15.12 12.23 0.08
C ALA A 39 15.51 12.99 1.34
N GLY A 40 14.64 13.90 1.77
CA GLY A 40 14.91 14.68 2.96
C GLY A 40 14.81 13.86 4.23
N GLY A 41 14.83 14.52 5.37
CA GLY A 41 14.75 13.83 6.65
C GLY A 41 13.33 13.80 7.20
N PRO A 42 13.16 13.15 8.35
CA PRO A 42 11.85 13.02 9.00
C PRO A 42 11.36 14.36 9.57
N GLY A 43 12.29 15.14 10.09
CA GLY A 43 11.94 16.44 10.66
C GLY A 43 12.89 16.87 11.76
N GLN A 44 12.42 17.75 12.63
CA GLN A 44 13.23 18.25 13.74
C GLN A 44 12.68 17.77 15.07
N GLY A 45 11.50 18.27 15.45
CA GLY A 45 10.89 17.88 16.70
C GLY A 45 10.38 19.07 17.49
N TRP A 46 11.27 19.74 18.20
CA TRP A 46 10.91 20.91 18.99
C TRP A 46 10.79 22.15 18.13
N ALA A 47 9.77 22.96 18.40
CA ALA A 47 9.55 24.19 17.64
C ALA A 47 10.11 25.39 18.37
N PRO A 48 10.34 26.49 17.64
CA PRO A 48 10.89 27.73 18.20
C PRO A 48 9.89 28.44 19.11
N GLY A 49 10.40 29.05 20.17
CA GLY A 49 9.54 29.75 21.11
C GLY A 49 9.25 28.94 22.35
N PRO A 50 8.42 29.50 23.25
CA PRO A 50 8.06 28.84 24.51
C PRO A 50 7.16 27.63 24.28
N GLY A 51 6.63 27.08 25.37
CA GLY A 51 5.76 25.92 25.27
C GLY A 51 4.31 26.30 25.01
N PRO A 52 3.46 25.29 24.84
CA PRO A 52 2.03 25.50 24.58
C PRO A 52 1.29 26.04 25.81
N ILE A 53 1.64 25.52 26.97
CA ILE A 53 1.01 25.94 28.22
C ILE A 53 1.57 27.29 28.68
N THR A 54 0.98 28.37 28.19
CA THR A 54 1.42 29.71 28.56
C THR A 54 1.46 29.89 30.07
N SER A 55 0.49 29.29 30.76
CA SER A 55 0.41 29.37 32.21
C SER A 55 -0.17 28.09 32.80
N ILE A 56 0.70 27.27 33.36
CA ILE A 56 0.28 26.01 33.97
C ILE A 56 -0.69 26.25 35.11
N PRO A 57 -1.80 25.48 35.11
CA PRO A 57 -2.84 25.60 36.15
C PRO A 57 -2.35 25.08 37.50
N ASP A 58 -2.57 25.88 38.54
CA ASP A 58 -2.16 25.51 39.89
C ASP A 58 -0.65 25.29 39.96
N SER A 59 0.10 26.31 39.56
CA SER A 59 1.56 26.23 39.57
C SER A 59 2.10 26.44 40.99
N LEU A 60 3.28 25.88 41.25
CA LEU A 60 3.91 26.01 42.56
C LEU A 60 5.28 26.65 42.44
N GLY A 61 5.39 27.63 41.53
CA GLY A 61 6.66 28.31 41.34
C GLY A 61 6.83 29.49 42.28
N GLY A 62 8.06 29.68 42.76
CA GLY A 62 8.32 30.79 43.67
C GLY A 62 8.43 30.34 45.11
N PRO A 63 8.69 31.28 46.03
CA PRO A 63 8.82 30.99 47.46
C PRO A 63 7.49 30.61 48.09
N PHE A 64 7.49 29.49 48.81
CA PHE A 64 6.28 29.01 49.47
C PHE A 64 6.34 29.29 50.97
N ALA A 65 7.52 29.19 51.55
CA ALA A 65 7.71 29.43 52.98
C ALA A 65 8.56 30.67 53.21
N SER A 66 8.38 31.30 54.37
CA SER A 66 9.12 32.50 54.71
C SER A 66 9.37 32.57 56.22
N VAL A 67 10.63 32.40 56.62
CA VAL A 67 11.00 32.45 58.03
C VAL A 67 11.06 33.89 58.53
N LEU A 68 10.61 34.10 59.76
CA LEU A 68 10.62 35.43 60.37
C LEU A 68 11.78 35.58 61.33
N SER A 69 12.25 34.46 61.86
CA SER A 69 13.36 34.47 62.80
C SER A 69 14.70 34.57 62.07
N SER A 70 15.73 34.98 62.79
CA SER A 70 17.06 35.13 62.21
C SER A 70 17.81 33.80 62.22
N LEU A 71 17.27 32.81 61.50
CA LEU A 71 17.87 31.49 61.43
C LEU A 71 18.74 31.36 60.18
N GLN A 72 20.06 31.44 60.35
CA GLN A 72 20.99 31.33 59.24
C GLN A 72 20.70 32.40 58.19
N ARG A 73 20.53 33.63 58.64
CA ARG A 73 20.24 34.75 57.75
C ARG A 73 21.28 34.82 56.63
N PRO A 74 20.90 35.44 55.50
CA PRO A 74 21.79 35.58 54.34
C PRO A 74 22.94 36.55 54.61
N ASN A 75 22.63 37.70 55.20
CA ASN A 75 23.64 38.70 55.50
C ASN A 75 24.61 38.19 56.56
N GLY A 76 25.87 37.99 56.15
CA GLY A 76 26.87 37.51 57.07
C GLY A 76 28.24 38.12 56.81
N ALA A 77 29.26 37.26 56.71
CA ALA A 77 30.61 37.72 56.46
C ALA A 77 30.68 38.55 55.18
N LYS A 78 30.35 37.93 54.06
CA LYS A 78 30.37 38.61 52.77
C LYS A 78 31.74 39.25 52.52
N ALA A 79 32.79 38.54 52.90
CA ALA A 79 34.15 39.04 52.71
C ALA A 79 34.95 38.11 51.81
N ALA A 80 35.20 38.55 50.58
CA ALA A 80 35.97 37.77 49.62
C ALA A 80 37.32 38.40 49.34
N LEU A 81 38.33 37.55 49.13
CA LEU A 81 39.68 38.03 48.85
C LEU A 81 39.85 38.35 47.38
N VAL A 82 40.95 39.01 47.05
CA VAL A 82 41.24 39.38 45.66
C VAL A 82 42.54 38.74 45.17
N LYS A 83 42.64 38.54 43.87
CA LYS A 83 43.82 37.94 43.27
C LYS A 83 44.97 38.93 43.22
N SER A 84 44.72 40.09 42.60
CA SER A 84 45.73 41.12 42.48
C SER A 84 45.14 42.51 42.70
N SER A 85 45.75 43.28 43.60
CA SER A 85 45.28 44.61 43.90
C SER A 85 45.88 45.64 42.95
N MET A 86 45.02 46.42 42.31
CA MET A 86 45.48 47.45 41.38
C MET A 86 45.80 48.75 42.11
N PHE A 87 47.05 49.17 42.03
CA PHE A 87 47.49 50.40 42.69
C PHE A 87 47.22 51.61 41.79
N GLY A 1 -40.97 -36.01 35.33
CA GLY A 1 -41.56 -34.70 35.52
C GLY A 1 -42.27 -34.19 34.27
N PRO A 2 -42.97 -33.06 34.39
CA PRO A 2 -43.70 -32.45 33.28
C PRO A 2 -42.77 -31.86 32.23
N GLY A 3 -41.78 -31.10 32.69
CA GLY A 3 -40.83 -30.49 31.77
C GLY A 3 -40.22 -29.22 32.33
N GLY A 4 -40.23 -28.15 31.53
CA GLY A 4 -39.66 -26.90 31.97
C GLY A 4 -39.29 -25.99 30.81
N PRO A 5 -38.71 -24.83 31.13
CA PRO A 5 -38.29 -23.85 30.12
C PRO A 5 -37.10 -24.33 29.30
N GLY A 6 -36.79 -23.62 28.22
CA GLY A 6 -35.68 -23.99 27.38
C GLY A 6 -35.09 -22.81 26.64
N GLY A 7 -34.08 -23.07 25.82
CA GLY A 7 -33.44 -22.00 25.07
C GLY A 7 -33.10 -22.42 23.64
N GLU A 8 -32.61 -21.47 22.85
CA GLU A 8 -32.24 -21.74 21.46
C GLU A 8 -31.15 -20.80 20.98
N PRO A 9 -30.42 -21.21 19.95
CA PRO A 9 -29.34 -20.42 19.37
C PRO A 9 -29.85 -19.18 18.64
N GLY A 10 -28.94 -18.49 17.94
CA GLY A 10 -29.32 -17.30 17.21
C GLY A 10 -28.43 -17.04 16.02
N LYS A 11 -28.93 -16.30 15.04
CA LYS A 11 -28.18 -15.98 13.84
C LYS A 11 -28.65 -14.66 13.22
N GLY A 12 -27.73 -13.91 12.65
CA GLY A 12 -28.07 -12.64 12.04
C GLY A 12 -27.08 -12.23 10.97
N GLY A 13 -26.57 -13.21 10.22
CA GLY A 13 -25.60 -12.91 9.18
C GLY A 13 -24.37 -12.22 9.70
N ALA A 14 -23.88 -12.68 10.85
CA ALA A 14 -22.69 -12.09 11.46
C ALA A 14 -21.43 -12.52 10.71
N ALA A 15 -21.38 -13.78 10.31
CA ALA A 15 -20.23 -14.30 9.58
C ALA A 15 -19.96 -13.49 8.32
N ALA A 16 -21.03 -13.03 7.67
CA ALA A 16 -20.91 -12.25 6.46
C ALA A 16 -20.02 -11.03 6.68
N ALA A 17 -20.15 -10.41 7.84
CA ALA A 17 -19.35 -9.24 8.18
C ALA A 17 -17.86 -9.52 8.00
N ALA A 18 -17.42 -10.64 8.54
CA ALA A 18 -16.00 -11.03 8.43
C ALA A 18 -15.54 -11.00 6.99
N ALA A 19 -16.41 -11.38 6.08
CA ALA A 19 -16.08 -11.39 4.66
C ALA A 19 -15.52 -10.05 4.21
N ALA A 20 -16.09 -8.98 4.73
CA ALA A 20 -15.64 -7.62 4.39
C ALA A 20 -14.14 -7.47 4.58
N ALA A 21 -13.62 -8.06 5.66
CA ALA A 21 -12.21 -7.99 5.96
C ALA A 21 -11.37 -8.48 4.78
N ALA A 22 -11.86 -9.51 4.09
CA ALA A 22 -11.16 -10.07 2.94
C ALA A 22 -10.91 -8.99 1.89
N ALA A 23 -11.87 -8.09 1.73
CA ALA A 23 -11.75 -7.02 0.75
C ALA A 23 -10.44 -6.26 0.92
N ALA A 24 -10.07 -6.03 2.17
CA ALA A 24 -8.84 -5.31 2.48
C ALA A 24 -7.63 -5.96 1.79
N ALA A 25 -7.63 -7.29 1.75
CA ALA A 25 -6.55 -8.03 1.13
C ALA A 25 -6.29 -7.54 -0.29
N ALA A 26 -7.37 -7.27 -1.02
CA ALA A 26 -7.26 -6.79 -2.39
C ALA A 26 -6.33 -5.58 -2.48
N ALA A 27 -6.45 -4.69 -1.50
CA ALA A 27 -5.63 -3.49 -1.47
C ALA A 27 -4.15 -3.84 -1.30
N ALA A 28 -3.87 -4.78 -0.42
CA ALA A 28 -2.50 -5.21 -0.16
C ALA A 28 -1.84 -5.71 -1.45
N ALA A 29 -2.61 -6.41 -2.27
CA ALA A 29 -2.10 -6.94 -3.53
C ALA A 29 -1.65 -5.82 -4.46
N ALA A 30 -2.36 -4.70 -4.42
CA ALA A 30 -2.03 -3.56 -5.26
C ALA A 30 -0.61 -3.07 -4.98
N ALA A 31 -0.24 -3.03 -3.71
CA ALA A 31 1.09 -2.59 -3.31
C ALA A 31 2.18 -3.48 -3.91
N ALA A 32 1.95 -4.79 -3.83
CA ALA A 32 2.91 -5.76 -4.37
C ALA A 32 3.06 -5.60 -5.87
N ALA A 33 1.94 -5.45 -6.57
CA ALA A 33 1.93 -5.29 -8.01
C ALA A 33 2.82 -4.12 -8.43
N GLY A 34 3.85 -4.42 -9.24
CA GLY A 34 4.75 -3.38 -9.70
C GLY A 34 6.21 -3.78 -9.55
N GLY A 35 6.55 -4.32 -8.38
CA GLY A 35 7.92 -4.74 -8.14
C GLY A 35 8.37 -4.42 -6.72
N LEU A 36 9.69 -4.32 -6.53
CA LEU A 36 10.24 -4.02 -5.22
C LEU A 36 11.50 -3.16 -5.34
N ALA A 37 11.75 -2.35 -4.33
CA ALA A 37 12.93 -1.48 -4.31
C ALA A 37 13.72 -1.65 -3.02
N ALA A 38 13.03 -1.63 -1.89
CA ALA A 38 13.67 -1.78 -0.60
C ALA A 38 13.84 -3.25 -0.23
N ALA A 39 12.72 -3.89 0.12
CA ALA A 39 12.75 -5.30 0.48
C ALA A 39 13.70 -5.55 1.65
N GLY A 40 13.56 -4.75 2.70
CA GLY A 40 14.42 -4.91 3.86
C GLY A 40 13.71 -5.58 5.02
N GLY A 41 12.92 -4.81 5.76
CA GLY A 41 12.20 -5.36 6.89
C GLY A 41 11.77 -4.30 7.88
N PRO A 42 10.94 -4.69 8.86
CA PRO A 42 10.44 -3.77 9.88
C PRO A 42 11.53 -3.33 10.85
N GLY A 43 11.74 -2.03 10.96
CA GLY A 43 12.75 -1.51 11.87
C GLY A 43 12.40 -1.74 13.32
N GLN A 44 13.43 -1.98 14.14
CA GLN A 44 13.23 -2.21 15.56
C GLN A 44 13.70 -1.02 16.38
N GLY A 45 14.87 -0.50 16.05
CA GLY A 45 15.41 0.64 16.77
C GLY A 45 14.51 1.86 16.67
N TRP A 46 14.07 2.18 15.46
CA TRP A 46 13.21 3.33 15.23
C TRP A 46 11.74 2.91 15.22
N ALA A 47 11.32 2.19 16.25
CA ALA A 47 9.95 1.73 16.35
C ALA A 47 9.32 2.14 17.69
N PRO A 48 7.98 2.15 17.74
CA PRO A 48 7.24 2.51 18.94
C PRO A 48 7.38 1.47 20.05
N GLY A 49 6.91 1.83 21.25
CA GLY A 49 7.00 0.91 22.38
C GLY A 49 6.11 1.33 23.53
N PRO A 50 6.54 2.38 24.25
CA PRO A 50 5.79 2.90 25.40
C PRO A 50 4.50 3.59 24.99
N GLY A 51 4.55 4.38 23.92
CA GLY A 51 3.38 5.08 23.44
C GLY A 51 3.03 6.27 24.30
N PRO A 52 1.97 6.99 23.90
CA PRO A 52 1.51 8.18 24.64
C PRO A 52 0.89 7.84 25.98
N ILE A 53 0.98 8.77 26.93
CA ILE A 53 0.43 8.56 28.26
C ILE A 53 -0.75 9.49 28.52
N THR A 54 -1.51 9.19 29.57
CA THR A 54 -2.66 10.00 29.93
C THR A 54 -2.55 10.52 31.36
N SER A 55 -1.98 9.71 32.24
CA SER A 55 -1.81 10.08 33.64
C SER A 55 -0.44 10.71 33.87
N ILE A 56 -0.36 12.03 33.72
CA ILE A 56 0.88 12.76 33.90
C ILE A 56 1.09 13.11 35.38
N PRO A 57 2.31 12.85 35.88
CA PRO A 57 2.67 13.14 37.27
C PRO A 57 2.77 14.63 37.54
N ASP A 58 2.26 15.04 38.71
CA ASP A 58 2.30 16.45 39.09
C ASP A 58 3.65 16.81 39.70
N SER A 59 4.00 18.09 39.62
CA SER A 59 5.27 18.57 40.16
C SER A 59 5.18 20.06 40.50
N LEU A 60 5.78 20.43 41.64
CA LEU A 60 5.78 21.83 42.07
C LEU A 60 6.60 22.70 41.12
N GLY A 61 5.92 23.61 40.44
CA GLY A 61 6.61 24.50 39.51
C GLY A 61 5.87 25.81 39.30
N GLY A 62 6.08 26.42 38.14
CA GLY A 62 5.43 27.68 37.85
C GLY A 62 4.39 27.55 36.75
N PRO A 63 3.76 28.67 36.39
CA PRO A 63 2.73 28.71 35.35
C PRO A 63 3.31 28.48 33.95
N PHE A 64 2.67 27.62 33.18
CA PHE A 64 3.12 27.31 31.83
C PHE A 64 2.15 27.86 30.79
N ALA A 65 2.08 29.18 30.70
CA ALA A 65 1.20 29.84 29.74
C ALA A 65 1.97 30.37 28.54
N SER A 66 1.46 30.11 27.35
CA SER A 66 2.10 30.55 26.12
C SER A 66 1.28 31.64 25.43
N VAL A 67 1.81 32.16 24.33
CA VAL A 67 1.12 33.21 23.57
C VAL A 67 0.65 32.68 22.23
N LEU A 68 -0.60 33.01 21.88
CA LEU A 68 -1.18 32.57 20.62
C LEU A 68 -1.30 33.74 19.64
N SER A 69 -0.42 34.72 19.79
CA SER A 69 -0.43 35.90 18.92
C SER A 69 -0.34 35.49 17.45
N SER A 70 -0.96 36.29 16.59
CA SER A 70 -0.95 36.01 15.16
C SER A 70 -0.27 37.15 14.38
N LEU A 71 -0.54 38.37 14.81
CA LEU A 71 0.05 39.54 14.15
C LEU A 71 -0.22 39.52 12.64
N GLN A 72 -1.48 39.29 12.27
CA GLN A 72 -1.86 39.23 10.87
C GLN A 72 -2.54 40.53 10.44
N ARG A 73 -2.68 40.72 9.14
CA ARG A 73 -3.33 41.92 8.60
C ARG A 73 -4.09 41.60 7.32
N PRO A 74 -5.06 42.45 6.99
CA PRO A 74 -5.89 42.28 5.79
C PRO A 74 -5.10 42.53 4.50
N ASN A 75 -4.28 43.57 4.52
CA ASN A 75 -3.46 43.93 3.35
C ASN A 75 -2.37 42.88 3.12
N GLY A 76 -1.77 42.41 4.21
CA GLY A 76 -0.72 41.42 4.10
C GLY A 76 0.37 41.83 3.13
N ALA A 77 0.91 43.03 3.34
CA ALA A 77 1.97 43.54 2.48
C ALA A 77 3.16 42.58 2.43
N LYS A 78 3.90 42.63 1.34
CA LYS A 78 5.07 41.76 1.17
C LYS A 78 6.24 42.54 0.58
N ALA A 79 7.45 42.20 1.01
CA ALA A 79 8.65 42.86 0.51
C ALA A 79 9.56 41.88 -0.22
N ALA A 80 9.13 41.47 -1.41
CA ALA A 80 9.90 40.53 -2.22
C ALA A 80 10.46 41.20 -3.46
N LEU A 81 11.55 40.67 -3.98
CA LEU A 81 12.19 41.23 -5.18
C LEU A 81 12.48 40.13 -6.20
N VAL A 82 11.57 39.96 -7.15
CA VAL A 82 11.72 38.96 -8.19
C VAL A 82 11.94 39.60 -9.55
N LYS A 83 11.26 40.72 -9.78
CA LYS A 83 11.36 41.43 -11.05
C LYS A 83 12.79 41.96 -11.25
N SER A 84 13.41 42.40 -10.16
CA SER A 84 14.78 42.92 -10.23
C SER A 84 14.84 44.16 -11.11
N SER A 85 14.07 45.19 -10.73
CA SER A 85 14.04 46.44 -11.50
C SER A 85 14.98 47.47 -10.89
N MET A 86 14.90 47.64 -9.57
CA MET A 86 15.76 48.60 -8.87
C MET A 86 17.19 48.09 -8.81
N PHE A 87 18.14 49.02 -8.91
CA PHE A 87 19.55 48.67 -8.86
C PHE A 87 20.09 48.75 -7.44
#